data_9FEF
#
_entry.id   9FEF
#
_cell.length_a   1.00
_cell.length_b   1.00
_cell.length_c   1.00
_cell.angle_alpha   90.00
_cell.angle_beta   90.00
_cell.angle_gamma   90.00
#
_symmetry.space_group_name_H-M   'P 1'
#
loop_
_entity.id
_entity.type
_entity.pdbx_description
1 polymer 'malate dehydrogenase'
2 polymer 'Peroxisome targeting signal 1 receptor'
#
loop_
_entity_poly.entity_id
_entity_poly.type
_entity_poly.pdbx_seq_one_letter_code
_entity_poly.pdbx_strand_id
1 'polypeptide(L)'
;MAHHHHHHMVNVAVIGAAGGIGQSLSLLLLRELPFGSTLSLYDVVGAPGVAADLSHIDRAGITVKHAAGKLPPVPRDPAL
TELAEGVDVFVIVAGVPRKPGMTRDDLFNVNAGIVMDLVLTCASVSPNACFCIVTNPVNSTTPIAAQTLRKIGVYNKNKL
LGVSLLDGLRATRFINNARHPLVVPYVPVVGGHSDVTIVPLYSQIPGPLPDESTLKEIRKRVQVAGTEVVKAKAGRGSAT
LSMAEAGARFTMHVVKALMGLDTPMVYAYVDTDGEHECPFLAMPVVLGKNGIERRLPIGPITTVEKEMLEEAVGVVKKNI
AKGETFARSKL
;
A,B,C,D
2 'polypeptide(L)'
;MAHHHHHHMDCSTGAAIGQQFAKDAFHMHGGVGVGPTGNSEHDVLMNEMMMVQTPTGPAGEWTHQFAAYQGQQQQQQQQH
PQELAMRHQQNDAFMLRQQQEMEEAFCTFCTTHPHSHAHSHQPQGLVGPAMMGPQIMPPMMFGPGTGGFMMGAPPMMPYA
SMKFAGDAAMAAANNTNMTQGATATSTTSVQQELQQQSSDNGWVEKLRDAEWAQDYSDAQVFTLEGQSEQTMEEHAKNSE
FYQFMDKIRSKELLIDEETGQLVQGPGPDPDAPEDAEYLKEWAAAEGLNMPPGFFEHMMQRPQGNNEQAEGRLFDGSNDA
LMDDGALDNAADVEEWVREYAEAQEQLQRVQNETNYPFEPNNPYMYHDKPMEEGIAMLQLANMAEAALAFEAVCQKEPEN
VEAWRRLGTTQAENEKDCLAIIALNHARMLDPKDIAVHAALAVSHTNEHNVGAALQSLRSWLLSQPQYEHLGLVDLREVA
ADEGLDEVPEENYFFAAPSEYRDCCTLLYAAVEMNPNDPQLHASLGVLHNLSHRFDEAAKNFRRAVELRPDDAHMWNKLG
ATLANGNRPQEALEAYNRALDINPGYVRVMYNMAVSYSNMAQYPLAAKHITRAIALQAGGTNPQGEGSRIATRGLWDLLR
MTLNLMDRSDLVEASWQQDLTPFLREFGLEEMAV
;
E
#
# COMPACT_ATOMS: atom_id res chain seq x y z
N MET A 9 -4.76 -12.28 15.60
CA MET A 9 -5.92 -11.98 16.42
C MET A 9 -5.50 -11.70 17.86
N VAL A 10 -5.90 -10.55 18.37
CA VAL A 10 -5.56 -10.13 19.73
C VAL A 10 -6.84 -9.86 20.49
N ASN A 11 -6.78 -10.01 21.82
CA ASN A 11 -7.91 -9.79 22.71
C ASN A 11 -7.51 -8.74 23.74
N VAL A 12 -8.22 -7.62 23.76
CA VAL A 12 -7.92 -6.50 24.64
C VAL A 12 -9.10 -6.32 25.58
N ALA A 13 -8.83 -6.38 26.88
CA ALA A 13 -9.86 -6.21 27.91
C ALA A 13 -9.64 -4.88 28.61
N VAL A 14 -10.68 -4.07 28.68
CA VAL A 14 -10.64 -2.76 29.32
C VAL A 14 -11.48 -2.88 30.60
N ILE A 15 -10.80 -3.10 31.73
CA ILE A 15 -11.51 -3.20 33.00
C ILE A 15 -11.91 -1.82 33.47
N GLY A 16 -13.14 -1.70 33.99
CA GLY A 16 -13.69 -0.40 34.32
C GLY A 16 -13.95 0.45 33.11
N ALA A 17 -14.55 -0.15 32.07
CA ALA A 17 -14.72 0.54 30.80
C ALA A 17 -15.84 1.58 30.83
N ALA A 18 -16.72 1.51 31.82
CA ALA A 18 -17.88 2.40 31.87
C ALA A 18 -17.60 3.71 32.61
N GLY A 19 -16.37 3.94 33.06
CA GLY A 19 -16.04 5.19 33.72
C GLY A 19 -15.78 6.31 32.72
N GLY A 20 -15.40 7.46 33.26
CA GLY A 20 -15.13 8.61 32.40
C GLY A 20 -13.95 8.39 31.47
N ILE A 21 -12.84 7.87 31.99
CA ILE A 21 -11.69 7.56 31.16
C ILE A 21 -11.99 6.35 30.29
N GLY A 22 -12.67 5.35 30.85
CA GLY A 22 -12.83 4.08 30.16
C GLY A 22 -13.63 4.18 28.88
N GLN A 23 -14.67 5.02 28.86
CA GLN A 23 -15.51 5.14 27.67
C GLN A 23 -14.72 5.70 26.49
N SER A 24 -13.99 6.79 26.72
CA SER A 24 -13.16 7.35 25.65
C SER A 24 -12.04 6.41 25.25
N LEU A 25 -11.43 5.72 26.22
CA LEU A 25 -10.39 4.75 25.88
C LEU A 25 -10.96 3.64 25.00
N SER A 26 -12.15 3.14 25.34
CA SER A 26 -12.79 2.10 24.55
C SER A 26 -13.12 2.58 23.15
N LEU A 27 -13.62 3.82 23.03
CA LEU A 27 -13.96 4.36 21.72
C LEU A 27 -12.71 4.45 20.84
N LEU A 28 -11.62 5.00 21.38
CA LEU A 28 -10.39 5.13 20.60
C LEU A 28 -9.81 3.76 20.25
N LEU A 29 -9.86 2.82 21.19
CA LEU A 29 -9.36 1.48 20.90
C LEU A 29 -10.18 0.82 19.79
N LEU A 30 -11.50 0.95 19.83
CA LEU A 30 -12.34 0.40 18.77
C LEU A 30 -12.01 1.04 17.43
N ARG A 31 -11.78 2.34 17.41
CA ARG A 31 -11.44 3.01 16.16
C ARG A 31 -10.05 2.67 15.67
N GLU A 32 -9.14 2.21 16.54
CA GLU A 32 -7.76 2.01 16.16
C GLU A 32 -7.28 0.56 16.15
N LEU A 33 -8.03 -0.36 16.76
CA LEU A 33 -7.56 -1.73 16.85
C LEU A 33 -7.45 -2.36 15.47
N PRO A 34 -6.51 -3.28 15.26
CA PRO A 34 -6.34 -3.89 13.94
C PRO A 34 -7.49 -4.83 13.59
N PHE A 35 -7.60 -5.11 12.29
CA PHE A 35 -8.64 -6.00 11.77
C PHE A 35 -8.50 -7.38 12.38
N GLY A 36 -9.64 -7.98 12.73
CA GLY A 36 -9.66 -9.31 13.28
C GLY A 36 -9.49 -9.41 14.77
N SER A 37 -9.42 -8.29 15.48
CA SER A 37 -9.26 -8.30 16.93
C SER A 37 -10.63 -8.28 17.61
N THR A 38 -10.63 -8.43 18.93
CA THR A 38 -11.85 -8.40 19.72
C THR A 38 -11.65 -7.49 20.92
N LEU A 39 -12.73 -6.85 21.36
CA LEU A 39 -12.71 -5.91 22.47
C LEU A 39 -13.59 -6.43 23.59
N SER A 40 -13.03 -6.50 24.79
CA SER A 40 -13.75 -6.96 25.97
C SER A 40 -13.91 -5.80 26.94
N LEU A 41 -15.13 -5.63 27.46
CA LEU A 41 -15.44 -4.55 28.38
C LEU A 41 -16.02 -5.12 29.66
N TYR A 42 -15.60 -4.57 30.80
CA TYR A 42 -16.11 -5.01 32.09
C TYR A 42 -16.19 -3.82 33.03
N ASP A 43 -17.26 -3.79 33.83
CA ASP A 43 -17.38 -2.82 34.92
C ASP A 43 -18.50 -3.29 35.83
N VAL A 44 -18.45 -2.86 37.10
CA VAL A 44 -19.48 -3.24 38.06
C VAL A 44 -20.83 -2.63 37.73
N VAL A 45 -20.87 -1.56 36.94
CA VAL A 45 -22.13 -1.00 36.48
C VAL A 45 -21.88 -0.22 35.18
N GLY A 46 -22.83 -0.30 34.26
CA GLY A 46 -22.75 0.47 33.03
C GLY A 46 -22.09 -0.23 31.86
N ALA A 47 -21.56 -1.44 32.08
CA ALA A 47 -20.89 -2.16 30.99
C ALA A 47 -21.84 -2.52 29.86
N PRO A 48 -23.05 -3.07 30.10
CA PRO A 48 -23.92 -3.38 28.96
C PRO A 48 -24.28 -2.16 28.10
N GLY A 49 -24.45 -0.99 28.71
CA GLY A 49 -24.81 0.18 27.94
C GLY A 49 -23.72 0.60 26.96
N VAL A 50 -22.48 0.66 27.44
CA VAL A 50 -21.38 1.04 26.55
C VAL A 50 -21.12 -0.07 25.54
N ALA A 51 -21.29 -1.33 25.93
CA ALA A 51 -21.11 -2.43 24.99
C ALA A 51 -22.11 -2.35 23.85
N ALA A 52 -23.38 -2.05 24.17
CA ALA A 52 -24.39 -1.87 23.13
C ALA A 52 -24.19 -0.58 22.34
N ASP A 53 -23.60 0.45 22.94
CA ASP A 53 -23.31 1.69 22.23
C ASP A 53 -22.20 1.52 21.19
N LEU A 54 -21.11 0.84 21.54
CA LEU A 54 -20.00 0.68 20.62
C LEU A 54 -20.24 -0.39 19.57
N SER A 55 -21.28 -1.21 19.72
CA SER A 55 -21.57 -2.25 18.74
C SER A 55 -22.21 -1.71 17.47
N HIS A 56 -22.74 -0.49 17.50
CA HIS A 56 -23.43 0.07 16.34
C HIS A 56 -22.50 0.84 15.41
N ILE A 57 -21.23 1.05 15.79
CA ILE A 57 -20.26 1.58 14.86
C ILE A 57 -19.82 0.47 13.91
N ASP A 58 -19.81 0.78 12.61
CA ASP A 58 -19.63 -0.26 11.59
C ASP A 58 -18.35 -1.04 11.79
N ARG A 59 -17.20 -0.39 11.63
CA ARG A 59 -15.88 -0.95 11.98
C ARG A 59 -15.77 -2.43 11.63
N ALA A 60 -15.82 -2.76 10.34
CA ALA A 60 -15.82 -4.15 9.92
C ALA A 60 -14.57 -4.87 10.41
N GLY A 61 -14.77 -6.08 10.95
CA GLY A 61 -13.68 -6.93 11.36
C GLY A 61 -13.38 -6.95 12.85
N ILE A 62 -14.19 -6.29 13.68
CA ILE A 62 -13.95 -6.20 15.11
C ILE A 62 -15.22 -6.61 15.84
N THR A 63 -15.07 -7.51 16.82
CA THR A 63 -16.18 -7.97 17.64
C THR A 63 -16.04 -7.41 19.06
N VAL A 64 -17.17 -7.11 19.69
CA VAL A 64 -17.20 -6.51 21.01
C VAL A 64 -17.92 -7.45 21.96
N LYS A 65 -17.26 -7.81 23.05
CA LYS A 65 -17.84 -8.61 24.12
C LYS A 65 -18.01 -7.75 25.37
N HIS A 66 -18.75 -8.28 26.33
CA HIS A 66 -18.91 -7.58 27.60
C HIS A 66 -19.32 -8.58 28.68
N ALA A 67 -19.12 -8.16 29.93
CA ALA A 67 -19.53 -8.96 31.09
C ALA A 67 -20.10 -8.00 32.11
N ALA A 68 -21.39 -8.14 32.39
CA ALA A 68 -22.05 -7.25 33.34
C ALA A 68 -21.48 -7.45 34.74
N GLY A 69 -21.66 -6.44 35.58
CA GLY A 69 -21.10 -6.47 36.91
C GLY A 69 -21.91 -7.32 37.87
N LYS A 70 -22.19 -6.77 39.05
CA LYS A 70 -22.90 -7.51 40.09
C LYS A 70 -23.66 -6.56 40.99
N LEU A 71 -24.02 -7.03 42.17
CA LEU A 71 -24.52 -6.23 43.28
C LEU A 71 -23.33 -5.46 43.85
N PRO A 72 -23.47 -4.69 44.93
CA PRO A 72 -22.30 -4.08 45.57
C PRO A 72 -21.11 -5.03 45.57
N PRO A 73 -19.93 -4.54 45.17
CA PRO A 73 -18.87 -5.42 44.67
C PRO A 73 -18.45 -6.53 45.62
N VAL A 74 -18.17 -7.71 45.05
CA VAL A 74 -17.70 -8.86 45.80
C VAL A 74 -16.35 -9.29 45.23
N PRO A 75 -15.46 -9.86 46.03
CA PRO A 75 -14.16 -10.28 45.49
C PRO A 75 -14.30 -11.45 44.53
N ARG A 76 -13.50 -11.40 43.46
CA ARG A 76 -13.43 -12.45 42.44
C ARG A 76 -14.82 -12.82 41.92
N ASP A 77 -15.48 -11.83 41.33
CA ASP A 77 -16.80 -12.06 40.77
C ASP A 77 -16.71 -13.00 39.56
N PRO A 78 -17.66 -13.92 39.41
CA PRO A 78 -17.58 -14.90 38.31
C PRO A 78 -17.66 -14.29 36.92
N ALA A 79 -18.26 -13.11 36.77
CA ALA A 79 -18.37 -12.50 35.46
C ALA A 79 -17.00 -12.18 34.88
N LEU A 80 -16.12 -11.59 35.71
CA LEU A 80 -14.78 -11.27 35.24
C LEU A 80 -13.98 -12.53 34.96
N THR A 81 -14.17 -13.58 35.78
CA THR A 81 -13.49 -14.84 35.53
C THR A 81 -13.90 -15.44 34.20
N GLU A 82 -15.19 -15.37 33.88
CA GLU A 82 -15.67 -15.85 32.59
C GLU A 82 -15.15 -15.00 31.44
N LEU A 83 -15.08 -13.68 31.63
CA LEU A 83 -14.68 -12.80 30.55
C LEU A 83 -13.17 -12.80 30.31
N ALA A 84 -12.36 -12.98 31.36
CA ALA A 84 -10.93 -12.85 31.26
C ALA A 84 -10.25 -14.06 30.61
N GLU A 85 -11.01 -14.97 30.00
CA GLU A 85 -10.43 -16.13 29.35
C GLU A 85 -9.90 -15.76 27.97
N GLY A 86 -8.65 -16.11 27.70
CA GLY A 86 -8.05 -15.84 26.41
C GLY A 86 -7.89 -14.37 26.09
N VAL A 87 -7.38 -13.60 27.05
CA VAL A 87 -7.16 -12.16 26.88
C VAL A 87 -5.67 -11.91 26.81
N ASP A 88 -5.26 -11.10 25.83
CA ASP A 88 -3.84 -10.81 25.62
C ASP A 88 -3.37 -9.59 26.41
N VAL A 89 -4.13 -8.49 26.36
CA VAL A 89 -3.77 -7.24 27.02
C VAL A 89 -4.86 -6.89 28.02
N PHE A 90 -4.45 -6.57 29.25
CA PHE A 90 -5.36 -6.12 30.30
C PHE A 90 -5.09 -4.64 30.57
N VAL A 91 -6.06 -3.79 30.24
CA VAL A 91 -5.97 -2.36 30.50
C VAL A 91 -6.83 -2.09 31.72
N ILE A 92 -6.21 -1.72 32.83
CA ILE A 92 -6.90 -1.54 34.10
C ILE A 92 -7.13 -0.04 34.31
N VAL A 93 -8.33 0.43 33.98
CA VAL A 93 -8.75 1.80 34.26
C VAL A 93 -9.92 1.69 35.23
N ALA A 94 -9.61 1.73 36.53
CA ALA A 94 -10.64 1.62 37.55
C ALA A 94 -10.21 2.40 38.78
N GLY A 95 -11.07 3.31 39.22
CA GLY A 95 -10.76 4.11 40.39
C GLY A 95 -11.96 4.97 40.74
N VAL A 96 -11.93 5.51 41.96
CA VAL A 96 -13.01 6.35 42.46
C VAL A 96 -13.04 7.65 41.68
N PRO A 97 -14.22 8.25 41.47
CA PRO A 97 -14.33 9.53 40.75
C PRO A 97 -14.04 10.73 41.66
N ARG A 104 -5.78 12.79 50.73
CA ARG A 104 -5.49 12.11 49.47
C ARG A 104 -4.86 10.75 49.71
N ASP A 105 -5.00 10.24 50.93
CA ASP A 105 -4.55 8.90 51.27
C ASP A 105 -5.67 7.86 51.25
N ASP A 106 -6.90 8.26 51.56
CA ASP A 106 -8.04 7.36 51.43
C ASP A 106 -8.25 6.96 49.98
N LEU A 107 -8.03 7.91 49.06
CA LEU A 107 -8.09 7.63 47.63
C LEU A 107 -7.11 6.52 47.27
N PHE A 108 -5.86 6.65 47.74
CA PHE A 108 -4.85 5.64 47.49
C PHE A 108 -5.26 4.29 48.09
N ASN A 109 -5.80 4.32 49.31
CA ASN A 109 -6.18 3.07 49.96
C ASN A 109 -7.26 2.33 49.17
N VAL A 110 -8.31 3.04 48.77
CA VAL A 110 -9.40 2.42 48.00
C VAL A 110 -8.89 1.95 46.65
N ASN A 111 -8.09 2.78 45.98
CA ASN A 111 -7.57 2.41 44.67
C ASN A 111 -6.70 1.17 44.74
N ALA A 112 -5.83 1.09 45.75
CA ALA A 112 -5.00 -0.09 45.93
C ALA A 112 -5.85 -1.31 46.23
N GLY A 113 -6.88 -1.16 47.07
CA GLY A 113 -7.74 -2.28 47.38
C GLY A 113 -8.45 -2.83 46.16
N ILE A 114 -8.94 -1.94 45.29
CA ILE A 114 -9.64 -2.42 44.10
C ILE A 114 -8.64 -3.00 43.08
N VAL A 115 -7.45 -2.39 42.97
CA VAL A 115 -6.49 -2.85 41.97
C VAL A 115 -5.95 -4.23 42.33
N MET A 116 -5.70 -4.47 43.62
CA MET A 116 -5.20 -5.79 44.02
C MET A 116 -6.18 -6.89 43.64
N ASP A 117 -7.46 -6.71 43.97
CA ASP A 117 -8.49 -7.69 43.63
C ASP A 117 -8.62 -7.83 42.12
N LEU A 118 -8.62 -6.71 41.39
CA LEU A 118 -8.78 -6.77 39.94
C LEU A 118 -7.65 -7.56 39.29
N VAL A 119 -6.40 -7.33 39.73
CA VAL A 119 -5.27 -8.06 39.17
C VAL A 119 -5.31 -9.52 39.58
N LEU A 120 -5.72 -9.81 40.82
CA LEU A 120 -5.80 -11.20 41.28
C LEU A 120 -6.82 -11.98 40.47
N THR A 121 -7.96 -11.36 40.14
CA THR A 121 -9.01 -12.07 39.41
C THR A 121 -8.60 -12.34 37.97
N CYS A 122 -8.04 -11.34 37.29
CA CYS A 122 -7.75 -11.48 35.87
C CYS A 122 -6.55 -12.41 35.62
N ALA A 123 -5.54 -12.35 36.49
CA ALA A 123 -4.31 -13.10 36.25
C ALA A 123 -4.42 -14.58 36.59
N SER A 124 -5.53 -15.02 37.18
CA SER A 124 -5.67 -16.41 37.57
C SER A 124 -6.18 -17.31 36.44
N VAL A 125 -6.60 -16.75 35.32
CA VAL A 125 -7.11 -17.56 34.21
C VAL A 125 -6.25 -17.34 32.98
N SER A 126 -5.60 -16.17 32.89
CA SER A 126 -4.71 -15.82 31.78
C SER A 126 -3.40 -15.28 32.38
N PRO A 127 -2.51 -16.16 32.85
CA PRO A 127 -1.29 -15.68 33.50
C PRO A 127 -0.27 -15.08 32.55
N ASN A 128 -0.35 -15.38 31.25
CA ASN A 128 0.63 -14.89 30.28
C ASN A 128 0.16 -13.66 29.54
N ALA A 129 -0.64 -12.82 30.19
CA ALA A 129 -1.15 -11.60 29.57
C ALA A 129 -0.34 -10.39 29.99
N CYS A 130 -0.45 -9.33 29.22
CA CYS A 130 0.22 -8.07 29.51
C CYS A 130 -0.71 -7.16 30.28
N PHE A 131 -0.23 -6.63 31.40
CA PHE A 131 -1.02 -5.77 32.28
C PHE A 131 -0.53 -4.34 32.15
N CYS A 132 -1.43 -3.42 31.81
CA CYS A 132 -1.12 -2.01 31.65
C CYS A 132 -1.87 -1.24 32.73
N ILE A 133 -1.17 -0.85 33.79
CA ILE A 133 -1.78 -0.11 34.89
C ILE A 133 -1.94 1.34 34.46
N VAL A 134 -3.18 1.80 34.34
CA VAL A 134 -3.47 3.14 33.86
C VAL A 134 -4.02 4.06 34.95
N THR A 135 -4.39 3.44 36.09
CA THR A 135 -4.89 4.19 37.29
C THR A 135 -3.90 5.29 37.71
N ASN A 136 -4.17 6.03 38.79
CA ASN A 136 -3.33 7.23 39.07
C ASN A 136 -2.13 7.00 40.01
N PRO A 137 -2.25 6.42 41.23
CA PRO A 137 -1.06 6.27 42.09
C PRO A 137 -0.16 5.22 41.42
N VAL A 138 0.33 5.51 40.22
CA VAL A 138 1.12 4.53 39.48
C VAL A 138 2.31 4.04 40.31
N ASN A 139 3.02 4.98 40.94
CA ASN A 139 4.20 4.64 41.71
C ASN A 139 3.90 3.64 42.83
N SER A 140 2.66 3.61 43.32
CA SER A 140 2.27 2.70 44.37
C SER A 140 1.40 1.55 43.90
N THR A 141 0.73 1.67 42.75
CA THR A 141 -0.09 0.59 42.24
C THR A 141 0.67 -0.41 41.39
N THR A 142 1.70 0.04 40.66
CA THR A 142 2.50 -0.91 39.89
C THR A 142 3.24 -1.89 40.79
N PRO A 143 3.93 -1.46 41.86
CA PRO A 143 4.50 -2.46 42.80
C PRO A 143 3.44 -3.33 43.45
N ILE A 144 2.24 -2.80 43.71
CA ILE A 144 1.17 -3.62 44.28
C ILE A 144 0.75 -4.71 43.31
N ALA A 145 0.61 -4.36 42.03
CA ALA A 145 0.31 -5.37 41.02
C ALA A 145 1.42 -6.41 40.94
N ALA A 146 2.68 -5.97 41.01
CA ALA A 146 3.79 -6.91 40.99
C ALA A 146 3.73 -7.86 42.18
N GLN A 147 3.42 -7.33 43.37
CA GLN A 147 3.30 -8.17 44.55
C GLN A 147 2.16 -9.17 44.43
N THR A 148 1.03 -8.74 43.88
CA THR A 148 -0.08 -9.65 43.68
C THR A 148 0.29 -10.77 42.71
N LEU A 149 0.93 -10.42 41.60
CA LEU A 149 1.33 -11.43 40.62
C LEU A 149 2.34 -12.40 41.22
N ARG A 150 3.28 -11.90 42.03
CA ARG A 150 4.21 -12.79 42.71
C ARG A 150 3.49 -13.70 43.69
N LYS A 151 2.48 -13.19 44.37
CA LYS A 151 1.70 -14.00 45.31
C LYS A 151 0.98 -15.13 44.59
N ILE A 152 0.42 -14.85 43.41
CA ILE A 152 -0.20 -15.92 42.63
C ILE A 152 0.84 -16.95 42.22
N GLY A 153 2.05 -16.50 41.88
CA GLY A 153 3.12 -17.37 41.44
C GLY A 153 3.53 -17.21 40.00
N VAL A 154 2.89 -16.33 39.23
CA VAL A 154 3.24 -16.09 37.84
C VAL A 154 3.46 -14.58 37.70
N TYR A 155 4.71 -14.14 37.86
CA TYR A 155 5.07 -12.74 37.70
C TYR A 155 6.15 -12.65 36.63
N ASN A 156 5.87 -11.91 35.57
CA ASN A 156 6.81 -11.69 34.48
C ASN A 156 7.14 -10.21 34.42
N LYS A 157 8.38 -9.87 34.73
CA LYS A 157 8.78 -8.47 34.81
C LYS A 157 8.80 -7.79 33.44
N ASN A 158 8.86 -8.57 32.36
CA ASN A 158 8.93 -8.00 31.03
C ASN A 158 7.57 -7.60 30.46
N LYS A 159 6.47 -8.01 31.09
CA LYS A 159 5.14 -7.71 30.59
C LYS A 159 4.25 -7.19 31.71
N LEU A 160 4.77 -6.20 32.45
CA LEU A 160 3.99 -5.43 33.41
C LEU A 160 4.39 -3.97 33.25
N LEU A 161 3.51 -3.18 32.65
CA LEU A 161 3.81 -1.80 32.28
C LEU A 161 2.96 -0.83 33.08
N GLY A 162 3.55 0.31 33.40
CA GLY A 162 2.81 1.41 34.00
C GLY A 162 2.72 2.58 33.04
N VAL A 163 1.50 2.99 32.68
CA VAL A 163 1.33 4.02 31.66
C VAL A 163 1.73 5.37 32.24
N SER A 164 2.72 6.01 31.63
CA SER A 164 3.18 7.33 32.02
C SER A 164 3.42 8.20 30.79
N LEU A 165 2.58 8.04 29.77
CA LEU A 165 2.72 8.79 28.53
C LEU A 165 2.17 10.21 28.61
N LEU A 166 1.30 10.48 29.59
CA LEU A 166 0.69 11.80 29.69
C LEU A 166 1.74 12.88 29.95
N ASP A 167 2.73 12.59 30.79
CA ASP A 167 3.82 13.54 31.02
C ASP A 167 4.60 13.81 29.75
N GLY A 168 4.87 12.77 28.95
CA GLY A 168 5.54 12.97 27.68
C GLY A 168 4.74 13.84 26.74
N LEU A 169 3.43 13.62 26.65
CA LEU A 169 2.60 14.47 25.80
C LEU A 169 2.61 15.91 26.28
N ARG A 170 2.50 16.12 27.60
CA ARG A 170 2.52 17.48 28.14
C ARG A 170 3.84 18.18 27.85
N ALA A 171 4.95 17.48 28.06
CA ALA A 171 6.26 18.07 27.80
C ALA A 171 6.44 18.39 26.32
N THR A 172 6.01 17.48 25.44
CA THR A 172 6.11 17.73 24.01
C THR A 172 5.29 18.94 23.62
N ARG A 173 4.06 19.05 24.13
CA ARG A 173 3.20 20.17 23.79
C ARG A 173 3.82 21.48 24.25
N PHE A 174 4.34 21.52 25.47
CA PHE A 174 4.88 22.77 26.00
C PHE A 174 6.16 23.18 25.26
N ILE A 175 7.04 22.21 24.96
CA ILE A 175 8.27 22.55 24.26
C ILE A 175 7.98 22.94 22.81
N ASN A 176 6.94 22.38 22.20
CA ASN A 176 6.58 22.77 20.84
C ASN A 176 5.96 24.15 20.82
N ASN A 177 5.17 24.49 21.84
CA ASN A 177 4.64 25.84 21.95
C ASN A 177 5.77 26.84 22.15
N ALA A 178 6.78 26.49 22.95
CA ALA A 178 7.87 27.42 23.22
C ALA A 178 8.73 27.66 21.99
N ARG A 179 8.99 26.60 21.21
CA ARG A 179 10.00 26.65 20.15
C ARG A 179 9.38 26.63 18.75
N HIS A 180 8.18 27.17 18.59
CA HIS A 180 7.54 27.20 17.27
C HIS A 180 8.35 28.08 16.33
N PRO A 181 8.50 27.68 15.05
CA PRO A 181 7.93 26.51 14.38
C PRO A 181 8.80 25.25 14.38
N LEU A 182 9.75 25.13 15.31
CA LEU A 182 10.58 23.93 15.40
C LEU A 182 9.82 22.88 16.20
N VAL A 183 9.48 21.77 15.55
CA VAL A 183 8.60 20.75 16.12
C VAL A 183 9.39 19.48 16.33
N VAL A 184 9.21 18.86 17.49
CA VAL A 184 9.82 17.56 17.80
C VAL A 184 8.70 16.55 18.02
N PRO A 185 8.92 15.27 17.71
CA PRO A 185 7.85 14.28 17.86
C PRO A 185 7.61 13.84 19.30
N TYR A 186 8.65 13.85 20.12
CA TYR A 186 8.54 13.33 21.48
C TYR A 186 9.59 13.98 22.36
N VAL A 187 9.41 13.83 23.67
CA VAL A 187 10.33 14.34 24.68
C VAL A 187 10.63 13.24 25.68
N PRO A 188 11.89 12.96 26.00
CA PRO A 188 12.20 11.94 27.01
C PRO A 188 11.83 12.44 28.41
N VAL A 189 11.05 11.63 29.13
CA VAL A 189 10.66 11.93 30.50
C VAL A 189 10.95 10.70 31.36
N VAL A 190 11.67 10.92 32.46
CA VAL A 190 12.10 9.84 33.34
C VAL A 190 11.67 10.17 34.77
N GLY A 191 11.79 9.17 35.65
CA GLY A 191 11.46 9.36 37.05
C GLY A 191 10.23 8.59 37.49
N GLY A 192 9.16 9.33 37.78
CA GLY A 192 7.91 8.71 38.20
C GLY A 192 6.71 9.28 37.47
N HIS A 193 5.56 9.32 38.14
CA HIS A 193 4.33 9.86 37.56
C HIS A 193 3.57 10.70 38.59
N SER A 194 4.30 11.51 39.36
CA SER A 194 3.70 12.38 40.36
C SER A 194 4.18 13.79 40.10
N ASP A 195 3.93 14.73 41.01
CA ASP A 195 4.31 16.13 40.78
C ASP A 195 5.82 16.33 40.81
N VAL A 196 6.52 15.79 41.81
CA VAL A 196 7.95 16.07 41.97
C VAL A 196 8.83 14.96 41.44
N THR A 197 8.25 13.85 40.98
CA THR A 197 9.03 12.69 40.58
C THR A 197 9.31 12.62 39.09
N ILE A 198 8.63 13.42 38.27
CA ILE A 198 8.84 13.37 36.83
C ILE A 198 9.94 14.36 36.44
N VAL A 199 10.82 13.93 35.55
CA VAL A 199 11.93 14.75 35.08
C VAL A 199 11.95 14.75 33.56
N PRO A 200 11.62 15.88 32.91
CA PRO A 200 11.79 15.96 31.45
C PRO A 200 13.24 16.21 31.10
N LEU A 201 13.76 15.43 30.15
CA LEU A 201 15.14 15.54 29.68
C LEU A 201 15.16 16.35 28.39
N TYR A 202 15.05 17.67 28.53
CA TYR A 202 15.08 18.54 27.36
C TYR A 202 16.47 18.63 26.72
N SER A 203 17.52 18.27 27.46
CA SER A 203 18.87 18.39 26.92
C SER A 203 19.08 17.47 25.72
N GLN A 204 18.54 16.25 25.77
CA GLN A 204 18.70 15.30 24.67
C GLN A 204 17.52 15.39 23.70
N ILE A 205 17.36 16.60 23.15
CA ILE A 205 16.32 16.88 22.17
C ILE A 205 16.97 17.67 21.03
N PRO A 206 16.70 17.34 19.77
CA PRO A 206 17.32 18.09 18.67
C PRO A 206 16.86 19.54 18.64
N GLY A 207 17.76 20.41 18.17
CA GLY A 207 17.44 21.80 18.00
C GLY A 207 17.92 22.67 19.15
N PRO A 208 18.05 23.97 18.90
CA PRO A 208 18.49 24.90 19.96
C PRO A 208 17.42 25.11 21.02
N LEU A 209 17.70 24.70 22.25
CA LEU A 209 16.78 24.91 23.35
C LEU A 209 16.75 26.38 23.74
N PRO A 210 15.65 26.86 24.30
CA PRO A 210 15.59 28.26 24.74
C PRO A 210 16.52 28.51 25.92
N ASP A 211 16.70 29.78 26.24
CA ASP A 211 17.60 30.17 27.32
C ASP A 211 17.07 29.65 28.66
N GLU A 212 17.98 29.51 29.61
CA GLU A 212 17.60 29.03 30.94
C GLU A 212 16.82 30.13 31.65
N SER A 213 16.29 29.79 32.83
CA SER A 213 15.33 30.63 33.57
C SER A 213 14.02 30.71 32.82
N THR A 214 13.96 30.05 31.67
CA THR A 214 12.73 29.81 30.92
C THR A 214 12.45 28.33 30.76
N LEU A 215 13.49 27.50 30.62
CA LEU A 215 13.33 26.05 30.64
C LEU A 215 12.96 25.52 32.01
N LYS A 216 13.23 26.26 33.08
CA LYS A 216 12.82 25.88 34.41
C LYS A 216 11.34 26.12 34.66
N GLU A 217 10.80 27.23 34.17
CA GLU A 217 9.37 27.49 34.28
C GLU A 217 8.54 26.59 33.37
N ILE A 218 9.17 25.90 32.43
CA ILE A 218 8.50 24.87 31.65
C ILE A 218 8.51 23.53 32.38
N ARG A 219 9.66 23.18 32.98
CA ARG A 219 9.73 21.96 33.79
C ARG A 219 8.76 22.02 34.96
N LYS A 220 8.69 23.17 35.63
CA LYS A 220 7.74 23.34 36.73
C LYS A 220 6.30 23.17 36.24
N ARG A 221 5.99 23.74 35.08
CA ARG A 221 4.64 23.62 34.54
C ARG A 221 4.31 22.17 34.22
N VAL A 222 5.27 21.43 33.66
CA VAL A 222 5.05 20.01 33.38
C VAL A 222 4.82 19.25 34.69
N GLN A 223 5.56 19.61 35.74
CA GLN A 223 5.41 18.92 37.01
C GLN A 223 4.03 19.12 37.63
N VAL A 224 3.51 20.35 37.59
CA VAL A 224 2.24 20.68 38.23
C VAL A 224 1.10 20.79 37.21
N ALA A 225 1.25 20.15 36.04
CA ALA A 225 0.23 20.27 35.01
C ALA A 225 -1.06 19.56 35.39
N GLY A 226 -0.98 18.53 36.24
CA GLY A 226 -2.18 17.81 36.64
C GLY A 226 -3.12 18.67 37.47
N THR A 227 -2.58 19.46 38.39
CA THR A 227 -3.40 20.31 39.25
C THR A 227 -4.07 21.43 38.48
N GLU A 228 -3.48 21.86 37.35
CA GLU A 228 -4.07 22.95 36.57
C GLU A 228 -5.44 22.55 36.02
N VAL A 229 -5.58 21.32 35.54
CA VAL A 229 -6.86 20.86 35.00
C VAL A 229 -7.91 20.84 36.10
N VAL A 230 -7.54 20.32 37.28
CA VAL A 230 -8.48 20.26 38.40
C VAL A 230 -8.90 21.66 38.82
N LYS A 231 -7.95 22.60 38.85
CA LYS A 231 -8.29 23.97 39.19
C LYS A 231 -9.23 24.58 38.15
N ALA A 232 -9.00 24.29 36.87
CA ALA A 232 -9.87 24.83 35.83
C ALA A 232 -11.27 24.23 35.89
N LYS A 233 -11.40 23.00 36.38
CA LYS A 233 -12.69 22.32 36.50
C LYS A 233 -13.41 22.68 37.79
N ALA A 234 -12.92 23.66 38.55
CA ALA A 234 -13.54 24.11 39.80
C ALA A 234 -13.70 22.96 40.80
N GLY A 235 -12.74 22.04 40.81
CA GLY A 235 -12.79 20.92 41.74
C GLY A 235 -13.96 19.99 41.52
N ARG A 236 -14.38 19.80 40.26
CA ARG A 236 -15.48 18.89 39.95
C ARG A 236 -15.01 17.54 39.42
N GLY A 237 -13.91 17.50 38.70
CA GLY A 237 -13.39 16.26 38.15
C GLY A 237 -11.90 16.32 37.96
N SER A 238 -11.41 15.68 36.90
CA SER A 238 -9.98 15.67 36.59
C SER A 238 -9.81 15.48 35.09
N ALA A 239 -8.55 15.39 34.65
CA ALA A 239 -8.24 15.26 33.24
C ALA A 239 -8.57 13.84 32.79
N THR A 240 -9.63 13.70 31.99
CA THR A 240 -10.08 12.40 31.53
C THR A 240 -9.86 12.17 30.04
N LEU A 241 -9.96 13.22 29.22
CA LEU A 241 -9.76 13.05 27.79
C LEU A 241 -8.30 12.76 27.45
N SER A 242 -7.38 13.56 28.01
CA SER A 242 -5.96 13.38 27.72
C SER A 242 -5.43 12.08 28.30
N MET A 243 -5.86 11.71 29.50
CA MET A 243 -5.44 10.44 30.09
C MET A 243 -5.94 9.27 29.26
N ALA A 244 -7.19 9.35 28.77
CA ALA A 244 -7.71 8.31 27.89
C ALA A 244 -6.92 8.22 26.60
N GLU A 245 -6.55 9.36 26.02
CA GLU A 245 -5.76 9.34 24.80
C GLU A 245 -4.39 8.71 25.04
N ALA A 246 -3.74 9.06 26.15
CA ALA A 246 -2.44 8.48 26.45
C ALA A 246 -2.54 6.97 26.65
N GLY A 247 -3.56 6.52 27.39
CA GLY A 247 -3.75 5.10 27.57
C GLY A 247 -4.01 4.37 26.27
N ALA A 248 -4.82 4.98 25.39
CA ALA A 248 -5.08 4.37 24.09
C ALA A 248 -3.82 4.26 23.25
N ARG A 249 -2.99 5.31 23.25
CA ARG A 249 -1.74 5.26 22.48
C ARG A 249 -0.81 4.18 23.01
N PHE A 250 -0.67 4.09 24.34
CA PHE A 250 0.21 3.08 24.91
C PHE A 250 -0.31 1.67 24.63
N THR A 251 -1.63 1.46 24.75
CA THR A 251 -2.20 0.15 24.48
C THR A 251 -2.02 -0.22 23.01
N MET A 252 -2.16 0.75 22.10
CA MET A 252 -1.92 0.47 20.70
C MET A 252 -0.48 0.09 20.43
N HIS A 253 0.47 0.77 21.10
CA HIS A 253 1.88 0.40 20.98
C HIS A 253 2.10 -1.04 21.45
N VAL A 254 1.53 -1.40 22.60
CA VAL A 254 1.71 -2.75 23.13
C VAL A 254 1.10 -3.78 22.19
N VAL A 255 -0.09 -3.51 21.68
CA VAL A 255 -0.78 -4.45 20.80
C VAL A 255 0.01 -4.65 19.51
N LYS A 256 0.50 -3.56 18.92
CA LYS A 256 1.28 -3.67 17.69
C LYS A 256 2.58 -4.42 17.94
N ALA A 257 3.22 -4.19 19.08
CA ALA A 257 4.45 -4.91 19.39
C ALA A 257 4.19 -6.41 19.57
N LEU A 258 3.09 -6.76 20.24
CA LEU A 258 2.77 -8.17 20.45
C LEU A 258 2.43 -8.90 19.15
N MET A 259 1.88 -8.21 18.16
CA MET A 259 1.50 -8.84 16.90
C MET A 259 2.67 -9.01 15.95
N GLY A 260 3.81 -8.37 16.21
CA GLY A 260 4.96 -8.44 15.34
C GLY A 260 5.03 -7.36 14.28
N LEU A 261 4.15 -6.36 14.33
CA LEU A 261 4.12 -5.31 13.32
C LEU A 261 4.91 -4.07 13.73
N ASP A 262 5.60 -4.09 14.87
CA ASP A 262 6.45 -2.98 15.27
C ASP A 262 7.36 -3.41 16.41
N THR A 263 8.44 -2.67 16.59
CA THR A 263 9.35 -2.79 17.73
C THR A 263 9.60 -1.40 18.26
N PRO A 264 8.63 -0.82 18.98
CA PRO A 264 8.73 0.59 19.35
C PRO A 264 9.50 0.83 20.65
N MET A 265 10.06 2.03 20.74
CA MET A 265 10.74 2.49 21.94
C MET A 265 9.79 3.40 22.72
N VAL A 266 9.46 2.99 23.94
CA VAL A 266 8.52 3.72 24.78
C VAL A 266 9.14 3.97 26.14
N TYR A 267 8.59 4.96 26.85
CA TYR A 267 8.97 5.26 28.22
C TYR A 267 7.83 4.82 29.13
N ALA A 268 8.10 3.85 30.00
CA ALA A 268 7.08 3.28 30.85
C ALA A 268 7.63 3.03 32.24
N TYR A 269 6.73 3.05 33.23
CA TYR A 269 7.07 2.79 34.63
C TYR A 269 7.17 1.28 34.81
N VAL A 270 8.38 0.74 34.67
CA VAL A 270 8.60 -0.70 34.62
C VAL A 270 9.59 -1.10 35.72
N ASP A 271 9.74 -2.41 35.89
CA ASP A 271 10.70 -2.96 36.82
C ASP A 271 12.12 -2.75 36.30
N THR A 272 13.06 -2.55 37.23
CA THR A 272 14.47 -2.31 36.89
C THR A 272 15.28 -3.47 37.45
N ASP A 273 15.52 -4.49 36.63
CA ASP A 273 16.41 -5.58 37.00
C ASP A 273 17.84 -5.13 36.74
N GLY A 274 18.52 -4.67 37.78
CA GLY A 274 19.79 -4.00 37.59
C GLY A 274 19.58 -2.55 37.20
N GLU A 275 20.45 -2.05 36.31
CA GLU A 275 20.40 -0.67 35.84
C GLU A 275 20.35 0.31 37.00
N HIS A 276 19.22 0.99 37.17
CA HIS A 276 19.06 1.93 38.26
C HIS A 276 18.91 1.19 39.59
N GLU A 277 19.35 1.85 40.66
CA GLU A 277 19.17 1.32 42.00
C GLU A 277 17.71 1.34 42.42
N CYS A 278 16.87 2.12 41.76
CA CYS A 278 15.45 2.17 42.08
C CYS A 278 14.76 0.92 41.54
N PRO A 279 14.05 0.16 42.37
CA PRO A 279 13.43 -1.08 41.86
C PRO A 279 12.41 -0.86 40.77
N PHE A 280 11.73 0.29 40.73
CA PHE A 280 10.62 0.51 39.81
C PHE A 280 10.71 1.88 39.15
N LEU A 281 11.87 2.20 38.57
CA LEU A 281 12.01 3.48 37.89
C LEU A 281 11.33 3.45 36.52
N ALA A 282 11.11 4.63 35.96
CA ALA A 282 10.53 4.80 34.62
C ALA A 282 11.65 5.16 33.65
N MET A 283 12.07 4.20 32.83
CA MET A 283 13.16 4.37 31.90
C MET A 283 12.71 3.94 30.52
N PRO A 284 13.39 4.40 29.47
CA PRO A 284 13.05 3.94 28.11
C PRO A 284 13.26 2.44 27.95
N VAL A 285 12.35 1.82 27.19
CA VAL A 285 12.41 0.39 26.91
C VAL A 285 12.07 0.17 25.44
N VAL A 286 12.31 -1.05 24.98
CA VAL A 286 11.96 -1.46 23.62
C VAL A 286 11.00 -2.64 23.72
N LEU A 287 9.83 -2.51 23.12
CA LEU A 287 8.81 -3.54 23.19
C LEU A 287 9.01 -4.58 22.09
N GLY A 288 8.40 -5.74 22.28
CA GLY A 288 8.54 -6.82 21.33
C GLY A 288 7.48 -7.87 21.54
N LYS A 289 7.68 -9.02 20.88
CA LYS A 289 6.71 -10.10 20.93
C LYS A 289 6.55 -10.70 22.33
N ASN A 290 7.52 -10.51 23.21
CA ASN A 290 7.50 -11.10 24.54
C ASN A 290 7.37 -10.06 25.65
N GLY A 291 6.97 -8.84 25.30
CA GLY A 291 6.83 -7.79 26.30
C GLY A 291 7.93 -6.75 26.22
N ILE A 292 8.87 -6.79 27.16
CA ILE A 292 10.01 -5.89 27.18
C ILE A 292 11.22 -6.65 26.64
N GLU A 293 11.88 -6.08 25.63
CA GLU A 293 13.01 -6.74 24.98
C GLU A 293 14.35 -6.17 25.43
N ARG A 294 14.50 -4.85 25.39
CA ARG A 294 15.75 -4.21 25.78
C ARG A 294 15.44 -3.01 26.67
N ARG A 295 16.17 -2.88 27.77
CA ARG A 295 16.06 -1.73 28.66
C ARG A 295 17.27 -0.83 28.40
N LEU A 296 17.04 0.32 27.80
CA LEU A 296 18.12 1.23 27.47
C LEU A 296 18.52 2.07 28.68
N PRO A 297 19.76 2.54 28.74
CA PRO A 297 20.15 3.45 29.81
C PRO A 297 19.53 4.82 29.64
N ILE A 298 19.52 5.58 30.73
CA ILE A 298 18.88 6.90 30.73
C ILE A 298 19.57 7.84 29.76
N GLY A 299 20.90 7.82 29.73
CA GLY A 299 21.66 8.65 28.82
C GLY A 299 22.34 9.81 29.51
N PRO A 300 23.07 10.62 28.75
CA PRO A 300 23.77 11.77 29.34
C PRO A 300 22.79 12.87 29.71
N ILE A 301 22.95 13.42 30.92
CA ILE A 301 22.11 14.49 31.43
C ILE A 301 23.00 15.58 32.02
N THR A 302 22.43 16.78 32.12
CA THR A 302 23.16 17.92 32.65
C THR A 302 23.14 17.87 34.19
N THR A 303 23.71 18.90 34.83
CA THR A 303 23.82 18.89 36.28
C THR A 303 22.46 19.10 36.94
N VAL A 304 21.69 20.09 36.47
CA VAL A 304 20.40 20.39 37.09
C VAL A 304 19.44 19.22 36.91
N GLU A 305 19.49 18.56 35.75
CA GLU A 305 18.71 17.35 35.54
C GLU A 305 19.18 16.22 36.45
N LYS A 306 20.48 16.16 36.75
CA LYS A 306 20.97 15.17 37.71
C LYS A 306 20.43 15.42 39.11
N GLU A 307 20.40 16.67 39.57
CA GLU A 307 19.81 16.97 40.88
C GLU A 307 18.32 16.64 40.90
N MET A 308 17.61 16.98 39.82
CA MET A 308 16.19 16.65 39.74
C MET A 308 15.97 15.14 39.79
N LEU A 309 16.80 14.37 39.07
CA LEU A 309 16.70 12.92 39.13
C LEU A 309 17.01 12.39 40.52
N GLU A 310 17.98 12.99 41.21
CA GLU A 310 18.30 12.56 42.57
C GLU A 310 17.10 12.73 43.50
N GLU A 311 16.48 13.92 43.48
CA GLU A 311 15.33 14.14 44.35
C GLU A 311 14.14 13.28 43.94
N ALA A 312 13.95 13.08 42.63
CA ALA A 312 12.87 12.23 42.16
C ALA A 312 13.04 10.80 42.63
N VAL A 313 14.26 10.27 42.55
CA VAL A 313 14.54 8.91 43.02
C VAL A 313 14.32 8.82 44.53
N GLY A 314 14.72 9.87 45.26
CA GLY A 314 14.48 9.88 46.69
C GLY A 314 13.01 9.78 47.03
N VAL A 315 12.16 10.50 46.29
CA VAL A 315 10.72 10.44 46.55
C VAL A 315 10.15 9.09 46.11
N VAL A 316 10.61 8.57 44.97
CA VAL A 316 10.10 7.30 44.47
C VAL A 316 10.44 6.16 45.42
N LYS A 317 11.57 6.26 46.13
CA LYS A 317 11.88 5.27 47.16
C LYS A 317 10.75 5.15 48.17
N LYS A 318 10.33 6.28 48.74
CA LYS A 318 9.25 6.26 49.73
C LYS A 318 7.93 5.84 49.10
N ASN A 319 7.68 6.26 47.86
CA ASN A 319 6.44 5.87 47.19
C ASN A 319 6.36 4.35 47.02
N ILE A 320 7.45 3.73 46.57
CA ILE A 320 7.47 2.28 46.39
C ILE A 320 7.34 1.58 47.74
N ALA A 321 8.03 2.09 48.76
CA ALA A 321 7.97 1.49 50.09
C ALA A 321 6.54 1.51 50.63
N LYS A 322 5.85 2.65 50.45
CA LYS A 322 4.46 2.76 50.87
C LYS A 322 3.57 1.81 50.06
N GLY A 323 3.82 1.70 48.76
CA GLY A 323 3.01 0.82 47.94
C GLY A 323 3.10 -0.63 48.36
N GLU A 324 4.32 -1.12 48.57
CA GLU A 324 4.51 -2.52 48.95
C GLU A 324 4.20 -2.78 50.41
N THR A 325 4.13 -1.74 51.25
CA THR A 325 3.75 -1.93 52.65
C THR A 325 2.27 -2.30 52.76
N PHE A 326 1.42 -1.65 51.95
CA PHE A 326 0.00 -1.91 52.00
C PHE A 326 -0.32 -3.36 51.61
N ALA A 327 0.38 -3.88 50.61
CA ALA A 327 0.10 -5.22 50.11
C ALA A 327 0.76 -6.29 50.98
N ARG A 328 0.51 -6.23 52.29
CA ARG A 328 1.00 -7.24 53.22
C ARG A 328 0.36 -7.05 54.59
N MET B 9 4.51 -11.56 8.04
CA MET B 9 5.50 -12.63 8.08
C MET B 9 5.50 -13.40 6.76
N VAL B 10 5.04 -12.74 5.70
CA VAL B 10 4.93 -13.37 4.40
C VAL B 10 6.20 -13.11 3.59
N ASN B 11 6.51 -14.05 2.69
CA ASN B 11 7.59 -13.91 1.73
C ASN B 11 6.98 -13.63 0.37
N VAL B 12 7.36 -12.51 -0.24
CA VAL B 12 6.83 -12.10 -1.53
C VAL B 12 7.98 -12.15 -2.53
N ALA B 13 7.86 -13.03 -3.52
CA ALA B 13 8.89 -13.22 -4.53
C ALA B 13 8.43 -12.62 -5.84
N VAL B 14 9.14 -11.59 -6.30
CA VAL B 14 8.86 -10.93 -7.57
C VAL B 14 9.83 -11.49 -8.60
N ILE B 15 9.32 -12.31 -9.51
CA ILE B 15 10.15 -12.99 -10.50
C ILE B 15 10.16 -12.15 -11.78
N GLY B 16 11.34 -11.71 -12.18
CA GLY B 16 11.46 -10.77 -13.29
C GLY B 16 11.56 -9.35 -12.77
N ALA B 17 12.35 -9.15 -11.73
CA ALA B 17 12.41 -7.87 -11.03
C ALA B 17 13.23 -6.82 -11.76
N ALA B 18 14.07 -7.20 -12.71
CA ALA B 18 14.94 -6.25 -13.38
C ALA B 18 14.35 -5.70 -14.67
N GLY B 19 13.12 -6.05 -15.01
CA GLY B 19 12.47 -5.52 -16.19
C GLY B 19 11.88 -4.15 -15.93
N GLY B 20 11.19 -3.62 -16.95
CA GLY B 20 10.55 -2.33 -16.81
C GLY B 20 9.41 -2.34 -15.80
N ILE B 21 8.56 -3.37 -15.86
CA ILE B 21 7.48 -3.49 -14.89
C ILE B 21 8.03 -3.89 -13.53
N GLY B 22 8.99 -4.83 -13.50
CA GLY B 22 9.41 -5.41 -12.24
C GLY B 22 10.11 -4.44 -11.32
N GLN B 23 10.91 -3.53 -11.88
CA GLN B 23 11.62 -2.56 -11.05
C GLN B 23 10.63 -1.65 -10.31
N SER B 24 9.68 -1.08 -11.04
CA SER B 24 8.69 -0.22 -10.40
C SER B 24 7.81 -1.01 -9.45
N LEU B 25 7.46 -2.24 -9.80
CA LEU B 25 6.64 -3.06 -8.90
C LEU B 25 7.37 -3.34 -7.59
N SER B 26 8.66 -3.66 -7.67
CA SER B 26 9.45 -3.89 -6.47
C SER B 26 9.59 -2.62 -5.63
N LEU B 27 9.80 -1.48 -6.29
CA LEU B 27 9.89 -0.23 -5.56
C LEU B 27 8.59 0.08 -4.83
N LEU B 28 7.45 -0.15 -5.49
CA LEU B 28 6.17 0.09 -4.84
C LEU B 28 5.92 -0.90 -3.70
N LEU B 29 6.30 -2.17 -3.89
CA LEU B 29 6.05 -3.18 -2.87
C LEU B 29 6.94 -2.99 -1.65
N LEU B 30 8.13 -2.40 -1.83
CA LEU B 30 9.02 -2.18 -0.69
C LEU B 30 8.40 -1.20 0.30
N ARG B 31 7.71 -0.18 -0.18
CA ARG B 31 7.16 0.86 0.70
C ARG B 31 5.82 0.48 1.33
N GLU B 32 5.17 -0.59 0.85
CA GLU B 32 3.84 -0.93 1.34
C GLU B 32 3.77 -2.24 2.10
N LEU B 33 4.78 -3.10 1.99
CA LEU B 33 4.73 -4.38 2.68
C LEU B 33 4.73 -4.18 4.19
N PRO B 34 4.06 -5.05 4.94
CA PRO B 34 3.98 -4.88 6.40
C PRO B 34 5.33 -5.08 7.07
N PHE B 35 5.45 -4.51 8.27
CA PHE B 35 6.63 -4.68 9.08
C PHE B 35 6.84 -6.16 9.39
N GLY B 36 8.07 -6.64 9.21
CA GLY B 36 8.40 -8.02 9.48
C GLY B 36 8.34 -8.94 8.29
N SER B 37 8.15 -8.43 7.08
CA SER B 37 8.09 -9.23 5.88
C SER B 37 9.41 -9.12 5.10
N THR B 38 9.57 -9.98 4.10
CA THR B 38 10.77 -10.00 3.28
C THR B 38 10.38 -9.83 1.82
N LEU B 39 11.31 -9.30 1.04
CA LEU B 39 11.16 -9.16 -0.40
C LEU B 39 12.18 -10.04 -1.10
N SER B 40 11.71 -10.92 -1.97
CA SER B 40 12.56 -11.81 -2.75
C SER B 40 12.48 -11.41 -4.21
N LEU B 41 13.63 -11.26 -4.86
CA LEU B 41 13.70 -10.82 -6.25
C LEU B 41 14.52 -11.81 -7.06
N TYR B 42 14.18 -11.92 -8.35
CA TYR B 42 14.88 -12.82 -9.25
C TYR B 42 14.75 -12.31 -10.68
N ASP B 43 15.84 -12.42 -11.44
CA ASP B 43 15.80 -12.19 -12.87
C ASP B 43 17.04 -12.84 -13.49
N VAL B 44 16.98 -13.06 -14.80
CA VAL B 44 18.09 -13.69 -15.50
C VAL B 44 19.29 -12.75 -15.55
N VAL B 45 19.05 -11.45 -15.73
CA VAL B 45 20.09 -10.45 -15.72
C VAL B 45 19.59 -9.21 -14.98
N GLY B 46 20.45 -8.63 -14.15
CA GLY B 46 20.15 -7.36 -13.51
C GLY B 46 19.51 -7.44 -12.15
N ALA B 47 19.49 -8.60 -11.51
CA ALA B 47 18.88 -8.72 -10.19
C ALA B 47 19.80 -8.19 -9.09
N PRO B 48 21.11 -8.46 -9.10
CA PRO B 48 21.98 -7.85 -8.08
C PRO B 48 21.92 -6.34 -8.05
N GLY B 49 21.84 -5.68 -9.20
CA GLY B 49 21.81 -4.23 -9.26
C GLY B 49 20.55 -3.59 -8.74
N VAL B 50 19.45 -4.32 -8.69
CA VAL B 50 18.22 -3.85 -8.07
C VAL B 50 18.17 -4.20 -6.59
N ALA B 51 18.65 -5.41 -6.25
CA ALA B 51 18.71 -5.81 -4.85
C ALA B 51 19.61 -4.89 -4.05
N ALA B 52 20.78 -4.56 -4.57
CA ALA B 52 21.62 -3.55 -3.92
C ALA B 52 21.33 -2.17 -4.48
N ASP B 53 20.06 -1.87 -4.62
CA ASP B 53 19.47 -0.56 -4.85
C ASP B 53 18.30 -0.31 -3.93
N LEU B 54 17.50 -1.34 -3.65
CA LEU B 54 16.40 -1.23 -2.71
C LEU B 54 16.84 -1.48 -1.26
N SER B 55 18.06 -1.96 -1.04
CA SER B 55 18.56 -2.17 0.30
C SER B 55 19.12 -0.91 0.95
N HIS B 56 19.18 0.20 0.20
CA HIS B 56 19.66 1.47 0.75
C HIS B 56 18.51 2.33 1.27
N ILE B 57 17.29 2.09 0.82
CA ILE B 57 16.13 2.75 1.42
C ILE B 57 15.92 2.19 2.81
N ASP B 58 15.64 3.07 3.77
CA ASP B 58 15.65 2.68 5.18
C ASP B 58 14.62 1.58 5.48
N ARG B 59 13.33 1.92 5.41
CA ARG B 59 12.25 0.94 5.51
C ARG B 59 12.48 -0.07 6.62
N ALA B 60 12.46 0.38 7.87
CA ALA B 60 12.75 -0.51 9.00
C ALA B 60 11.78 -1.68 9.04
N GLY B 61 12.31 -2.88 9.25
CA GLY B 61 11.51 -4.06 9.41
C GLY B 61 11.31 -4.91 8.16
N ILE B 62 11.96 -4.56 7.06
CA ILE B 62 11.83 -5.29 5.80
C ILE B 62 13.22 -5.72 5.34
N THR B 63 13.36 -6.99 4.97
CA THR B 63 14.61 -7.53 4.46
C THR B 63 14.47 -7.81 2.97
N VAL B 64 15.54 -7.56 2.23
CA VAL B 64 15.56 -7.74 0.79
C VAL B 64 16.48 -8.91 0.46
N LYS B 65 15.92 -9.95 -0.13
CA LYS B 65 16.68 -11.11 -0.61
C LYS B 65 16.72 -11.10 -2.13
N HIS B 66 17.69 -11.81 -2.69
CA HIS B 66 17.81 -11.89 -4.13
C HIS B 66 18.56 -13.15 -4.52
N ALA B 67 18.36 -13.57 -5.77
CA ALA B 67 19.08 -14.69 -6.35
C ALA B 67 19.58 -14.27 -7.73
N ALA B 68 20.86 -14.51 -7.99
CA ALA B 68 21.44 -14.10 -9.25
C ALA B 68 20.91 -14.96 -10.39
N GLY B 69 21.02 -14.41 -11.60
CA GLY B 69 20.59 -15.13 -12.78
C GLY B 69 21.58 -16.19 -13.18
N LYS B 70 21.79 -16.37 -14.48
CA LYS B 70 22.69 -17.40 -14.99
C LYS B 70 23.04 -17.04 -16.42
N LEU B 71 23.94 -17.84 -17.00
CA LEU B 71 24.24 -17.84 -18.43
C LEU B 71 22.93 -18.00 -19.20
N PRO B 72 22.90 -17.78 -20.51
CA PRO B 72 21.63 -17.85 -21.28
C PRO B 72 20.73 -18.95 -20.78
N PRO B 73 19.43 -18.65 -20.58
CA PRO B 73 18.60 -19.40 -19.63
C PRO B 73 18.66 -20.91 -19.72
N VAL B 74 18.75 -21.56 -18.57
CA VAL B 74 18.74 -23.01 -18.46
C VAL B 74 17.45 -23.43 -17.75
N PRO B 75 16.84 -24.55 -18.13
CA PRO B 75 15.62 -25.00 -17.44
C PRO B 75 15.90 -25.38 -16.00
N ARG B 76 14.93 -25.08 -15.13
CA ARG B 76 15.00 -25.42 -13.71
C ARG B 76 16.27 -24.86 -13.08
N ASP B 77 16.35 -23.54 -13.06
CA ASP B 77 17.55 -22.85 -12.58
C ASP B 77 17.77 -23.16 -11.10
N PRO B 78 18.98 -23.57 -10.70
CA PRO B 78 19.24 -23.80 -9.27
C PRO B 78 19.05 -22.58 -8.41
N ALA B 79 19.32 -21.39 -8.94
CA ALA B 79 19.14 -20.16 -8.17
C ALA B 79 17.68 -19.96 -7.78
N LEU B 80 16.76 -20.21 -8.72
CA LEU B 80 15.34 -20.11 -8.41
C LEU B 80 14.92 -21.14 -7.37
N THR B 81 15.46 -22.36 -7.48
CA THR B 81 15.15 -23.38 -6.49
C THR B 81 15.63 -22.99 -5.10
N GLU B 82 16.79 -22.35 -5.02
CA GLU B 82 17.26 -21.86 -3.72
C GLU B 82 16.39 -20.72 -3.19
N LEU B 83 16.02 -19.79 -4.07
CA LEU B 83 15.30 -18.59 -3.63
C LEU B 83 13.85 -18.89 -3.28
N ALA B 84 13.20 -19.76 -4.04
CA ALA B 84 11.76 -19.99 -3.90
C ALA B 84 11.39 -20.85 -2.70
N GLU B 85 12.31 -21.06 -1.75
CA GLU B 85 12.00 -21.86 -0.58
C GLU B 85 11.32 -21.00 0.48
N GLY B 86 10.18 -21.48 0.98
CA GLY B 86 9.42 -20.75 1.98
C GLY B 86 8.82 -19.45 1.50
N VAL B 87 8.31 -19.42 0.28
CA VAL B 87 7.72 -18.23 -0.31
C VAL B 87 6.21 -18.37 -0.28
N ASP B 88 5.52 -17.31 0.17
CA ASP B 88 4.08 -17.33 0.31
C ASP B 88 3.33 -16.80 -0.90
N VAL B 89 3.86 -15.79 -1.58
CA VAL B 89 3.22 -15.19 -2.74
C VAL B 89 4.24 -15.13 -3.87
N PHE B 90 3.83 -15.55 -5.07
CA PHE B 90 4.65 -15.47 -6.27
C PHE B 90 4.03 -14.47 -7.23
N VAL B 91 4.83 -13.52 -7.69
CA VAL B 91 4.37 -12.54 -8.67
C VAL B 91 5.10 -12.78 -9.99
N ILE B 92 4.50 -13.55 -10.88
CA ILE B 92 5.12 -13.92 -12.15
C ILE B 92 4.97 -12.74 -13.10
N VAL B 93 6.03 -11.95 -13.24
CA VAL B 93 6.05 -10.82 -14.18
C VAL B 93 7.35 -10.91 -14.97
N ALA B 94 7.29 -11.54 -16.14
CA ALA B 94 8.47 -11.73 -16.97
C ALA B 94 8.03 -12.03 -18.39
N GLY B 95 8.82 -11.55 -19.35
CA GLY B 95 8.54 -11.80 -20.74
C GLY B 95 9.26 -10.81 -21.63
N VAL B 96 9.06 -10.99 -22.93
CA VAL B 96 9.68 -10.16 -23.96
C VAL B 96 9.10 -8.76 -23.90
N PRO B 97 9.88 -7.71 -24.17
CA PRO B 97 9.32 -6.36 -24.25
C PRO B 97 8.42 -6.17 -25.48
N ARG B 104 2.46 -9.58 -31.70
CA ARG B 104 1.06 -9.79 -31.99
C ARG B 104 0.67 -11.23 -31.72
N ASP B 105 1.17 -12.14 -32.56
CA ASP B 105 0.96 -13.56 -32.38
C ASP B 105 2.20 -14.32 -31.93
N ASP B 106 3.39 -13.80 -32.22
CA ASP B 106 4.64 -14.34 -31.69
C ASP B 106 4.84 -13.98 -30.23
N LEU B 107 4.00 -13.11 -29.68
CA LEU B 107 4.09 -12.66 -28.30
C LEU B 107 3.57 -13.70 -27.33
N PHE B 108 2.94 -14.77 -27.83
CA PHE B 108 2.34 -15.79 -26.98
C PHE B 108 3.24 -16.98 -26.71
N ASN B 109 3.89 -17.53 -27.73
CA ASN B 109 4.65 -18.76 -27.54
C ASN B 109 5.90 -18.54 -26.69
N VAL B 110 6.64 -17.46 -26.97
CA VAL B 110 7.83 -17.16 -26.18
C VAL B 110 7.46 -16.90 -24.73
N ASN B 111 6.34 -16.20 -24.49
CA ASN B 111 5.91 -15.92 -23.13
C ASN B 111 5.36 -17.16 -22.44
N ALA B 112 4.74 -18.08 -23.17
CA ALA B 112 4.20 -19.30 -22.62
C ALA B 112 5.30 -20.27 -22.18
N GLY B 113 6.37 -20.38 -22.98
CA GLY B 113 7.46 -21.26 -22.60
C GLY B 113 8.09 -20.87 -21.28
N ILE B 114 8.41 -19.58 -21.12
CA ILE B 114 9.05 -19.14 -19.90
C ILE B 114 8.09 -19.18 -18.72
N VAL B 115 6.80 -18.94 -18.95
CA VAL B 115 5.83 -19.06 -17.86
C VAL B 115 5.74 -20.51 -17.37
N MET B 116 5.70 -21.46 -18.31
CA MET B 116 5.72 -22.87 -17.94
C MET B 116 6.96 -23.19 -17.12
N ASP B 117 8.12 -22.74 -17.60
CA ASP B 117 9.37 -23.03 -16.89
C ASP B 117 9.38 -22.44 -15.49
N LEU B 118 8.94 -21.18 -15.37
CA LEU B 118 8.97 -20.50 -14.07
C LEU B 118 8.03 -21.17 -13.08
N VAL B 119 6.81 -21.48 -13.51
CA VAL B 119 5.86 -22.11 -12.60
C VAL B 119 6.33 -23.50 -12.22
N LEU B 120 6.91 -24.24 -13.17
CA LEU B 120 7.44 -25.56 -12.86
C LEU B 120 8.56 -25.48 -11.83
N THR B 121 9.45 -24.50 -11.97
CA THR B 121 10.55 -24.36 -11.02
C THR B 121 10.05 -23.96 -9.64
N CYS B 122 9.12 -22.99 -9.57
CA CYS B 122 8.71 -22.45 -8.28
C CYS B 122 7.75 -23.38 -7.53
N ALA B 123 6.83 -24.02 -8.24
CA ALA B 123 5.79 -24.81 -7.59
C ALA B 123 6.31 -26.14 -7.04
N SER B 124 7.52 -26.55 -7.40
CA SER B 124 8.04 -27.81 -6.90
C SER B 124 8.53 -27.70 -5.46
N VAL B 125 9.04 -26.53 -5.07
CA VAL B 125 9.59 -26.35 -3.72
C VAL B 125 8.57 -25.68 -2.81
N SER B 126 7.65 -24.90 -3.39
CA SER B 126 6.64 -24.21 -2.62
C SER B 126 5.26 -24.47 -3.21
N PRO B 127 4.66 -25.63 -2.96
CA PRO B 127 3.40 -25.97 -3.62
C PRO B 127 2.18 -25.23 -3.06
N ASN B 128 2.23 -24.83 -1.79
CA ASN B 128 1.11 -24.17 -1.13
C ASN B 128 1.18 -22.65 -1.19
N ALA B 129 1.78 -22.11 -2.25
CA ALA B 129 1.91 -20.67 -2.40
C ALA B 129 0.82 -20.13 -3.31
N CYS B 130 0.73 -18.80 -3.38
CA CYS B 130 -0.21 -18.11 -4.25
C CYS B 130 0.54 -17.58 -5.46
N PHE B 131 -0.03 -17.80 -6.65
CA PHE B 131 0.56 -17.37 -7.91
C PHE B 131 -0.28 -16.26 -8.50
N CYS B 132 0.31 -15.09 -8.69
CA CYS B 132 -0.32 -13.99 -9.40
C CYS B 132 0.38 -13.82 -10.74
N ILE B 133 -0.39 -13.88 -11.82
CA ILE B 133 0.16 -13.89 -13.17
C ILE B 133 0.04 -12.48 -13.75
N VAL B 134 1.19 -11.85 -13.99
CA VAL B 134 1.23 -10.51 -14.56
C VAL B 134 1.77 -10.49 -15.98
N THR B 135 2.19 -11.66 -16.50
CA THR B 135 2.67 -11.78 -17.90
C THR B 135 1.54 -11.30 -18.82
N ASN B 136 1.74 -11.19 -20.14
CA ASN B 136 0.75 -10.48 -21.00
C ASN B 136 -0.45 -11.27 -21.51
N PRO B 137 -0.40 -12.19 -22.51
CA PRO B 137 -1.63 -12.84 -22.96
C PRO B 137 -2.27 -13.43 -21.70
N VAL B 138 -3.06 -12.65 -20.95
CA VAL B 138 -3.63 -13.05 -19.67
C VAL B 138 -4.71 -14.10 -19.84
N ASN B 139 -5.51 -14.03 -20.90
CA ASN B 139 -6.51 -15.05 -21.14
C ASN B 139 -5.87 -16.41 -21.39
N SER B 140 -4.62 -16.44 -21.86
CA SER B 140 -3.99 -17.65 -22.32
C SER B 140 -2.94 -18.22 -21.37
N THR B 141 -2.27 -17.39 -20.57
CA THR B 141 -1.21 -17.88 -19.69
C THR B 141 -1.71 -18.37 -18.34
N THR B 142 -2.84 -17.86 -17.85
CA THR B 142 -3.40 -18.37 -16.62
C THR B 142 -3.82 -19.84 -16.76
N PRO B 143 -4.56 -20.23 -17.81
CA PRO B 143 -4.79 -21.67 -18.02
C PRO B 143 -3.52 -22.46 -18.26
N ILE B 144 -2.49 -21.87 -18.88
CA ILE B 144 -1.21 -22.56 -19.04
C ILE B 144 -0.57 -22.80 -17.69
N ALA B 145 -0.58 -21.79 -16.81
CA ALA B 145 -0.09 -21.91 -15.46
C ALA B 145 -0.89 -22.90 -14.63
N ALA B 146 -2.17 -23.08 -14.93
CA ALA B 146 -2.96 -24.13 -14.30
C ALA B 146 -2.64 -25.52 -14.83
N GLN B 147 -2.42 -25.68 -16.13
CA GLN B 147 -2.06 -26.99 -16.67
C GLN B 147 -0.69 -27.45 -16.20
N THR B 148 0.30 -26.56 -16.18
CA THR B 148 1.62 -26.95 -15.68
C THR B 148 1.59 -27.24 -14.19
N LEU B 149 0.65 -26.67 -13.44
CA LEU B 149 0.48 -27.02 -12.05
C LEU B 149 -0.20 -28.38 -11.90
N ARG B 150 -1.20 -28.65 -12.74
CA ARG B 150 -1.86 -29.96 -12.71
C ARG B 150 -0.88 -31.08 -13.06
N LYS B 151 0.07 -30.79 -13.95
CA LYS B 151 1.05 -31.80 -14.34
C LYS B 151 1.89 -32.25 -13.15
N ILE B 152 2.29 -31.31 -12.29
CA ILE B 152 3.10 -31.66 -11.12
C ILE B 152 2.30 -32.56 -10.18
N GLY B 153 1.02 -32.31 -10.05
CA GLY B 153 0.15 -33.03 -9.13
C GLY B 153 -0.45 -32.19 -8.04
N VAL B 154 -0.03 -30.93 -7.89
CA VAL B 154 -0.59 -30.02 -6.90
C VAL B 154 -1.24 -28.86 -7.64
N TYR B 155 -2.47 -28.54 -7.26
CA TYR B 155 -3.22 -27.47 -7.90
C TYR B 155 -4.35 -27.04 -6.99
N ASN B 156 -4.36 -25.78 -6.59
CA ASN B 156 -5.45 -25.20 -5.81
C ASN B 156 -6.10 -24.12 -6.66
N LYS B 157 -7.39 -24.31 -6.99
CA LYS B 157 -8.10 -23.32 -7.77
C LYS B 157 -8.26 -22.00 -7.03
N ASN B 158 -8.20 -22.03 -5.70
CA ASN B 158 -8.32 -20.82 -4.89
C ASN B 158 -7.00 -20.10 -4.71
N LYS B 159 -5.88 -20.68 -5.16
CA LYS B 159 -4.56 -20.08 -4.97
C LYS B 159 -3.87 -19.76 -6.29
N LEU B 160 -4.65 -19.51 -7.35
CA LEU B 160 -4.11 -19.12 -8.65
C LEU B 160 -4.99 -18.02 -9.21
N LEU B 161 -4.43 -16.83 -9.39
CA LEU B 161 -5.18 -15.66 -9.79
C LEU B 161 -4.48 -14.97 -10.95
N GLY B 162 -5.29 -14.39 -11.83
CA GLY B 162 -4.76 -13.59 -12.93
C GLY B 162 -5.04 -12.11 -12.71
N VAL B 163 -4.00 -11.29 -12.70
CA VAL B 163 -4.13 -9.88 -12.37
C VAL B 163 -4.76 -9.16 -13.57
N SER B 164 -5.94 -8.59 -13.37
CA SER B 164 -6.64 -7.80 -14.37
C SER B 164 -7.20 -6.53 -13.76
N LEU B 165 -6.45 -5.93 -12.85
CA LEU B 165 -6.89 -4.71 -12.19
C LEU B 165 -6.71 -3.46 -13.04
N LEU B 166 -5.86 -3.53 -14.07
CA LEU B 166 -5.64 -2.37 -14.92
C LEU B 166 -6.90 -1.95 -15.65
N ASP B 167 -7.74 -2.92 -16.04
CA ASP B 167 -9.01 -2.59 -16.68
C ASP B 167 -9.91 -1.81 -15.74
N GLY B 168 -10.00 -2.24 -14.49
CA GLY B 168 -10.80 -1.51 -13.51
C GLY B 168 -10.26 -0.12 -13.25
N LEU B 169 -8.93 0.01 -13.15
CA LEU B 169 -8.32 1.31 -12.98
C LEU B 169 -8.67 2.25 -14.13
N ARG B 170 -8.53 1.76 -15.36
CA ARG B 170 -8.83 2.58 -16.53
C ARG B 170 -10.31 2.96 -16.59
N ALA B 171 -11.21 2.01 -16.30
CA ALA B 171 -12.63 2.31 -16.33
C ALA B 171 -13.00 3.34 -15.26
N THR B 172 -12.45 3.20 -14.06
CA THR B 172 -12.70 4.15 -12.99
C THR B 172 -12.21 5.54 -13.38
N ARG B 173 -11.02 5.61 -13.97
CA ARG B 173 -10.48 6.90 -14.40
C ARG B 173 -11.35 7.53 -15.48
N PHE B 174 -11.82 6.71 -16.43
CA PHE B 174 -12.55 7.25 -17.56
C PHE B 174 -13.97 7.66 -17.20
N ILE B 175 -14.58 7.01 -16.20
CA ILE B 175 -15.92 7.44 -15.80
C ILE B 175 -15.86 8.60 -14.83
N ASN B 176 -14.80 8.72 -14.04
CA ASN B 176 -14.69 9.82 -13.10
C ASN B 176 -14.46 11.15 -13.82
N ASN B 177 -13.81 11.12 -14.98
CA ASN B 177 -13.59 12.34 -15.75
C ASN B 177 -14.86 12.85 -16.41
N ALA B 178 -15.83 11.99 -16.69
CA ALA B 178 -17.06 12.37 -17.34
C ALA B 178 -18.19 12.67 -16.36
N ARG B 179 -17.94 12.53 -15.05
CA ARG B 179 -18.97 12.72 -14.04
C ARG B 179 -18.49 13.59 -12.89
N HIS B 180 -17.45 14.40 -13.11
CA HIS B 180 -16.94 15.26 -12.05
C HIS B 180 -18.02 16.27 -11.64
N PRO B 181 -18.14 16.58 -10.34
CA PRO B 181 -17.33 16.11 -9.20
C PRO B 181 -17.80 14.80 -8.57
N LEU B 182 -18.74 14.06 -9.16
CA LEU B 182 -19.15 12.78 -8.60
C LEU B 182 -18.06 11.74 -8.85
N VAL B 183 -17.60 11.09 -7.78
CA VAL B 183 -16.43 10.22 -7.82
C VAL B 183 -16.81 8.88 -7.20
N VAL B 184 -16.47 7.79 -7.91
CA VAL B 184 -16.68 6.44 -7.39
C VAL B 184 -15.31 5.78 -7.17
N PRO B 185 -15.16 4.91 -6.17
CA PRO B 185 -13.83 4.32 -5.90
C PRO B 185 -13.45 3.19 -6.82
N TYR B 186 -14.40 2.48 -7.43
CA TYR B 186 -14.09 1.36 -8.30
C TYR B 186 -15.22 1.16 -9.28
N VAL B 187 -14.94 0.39 -10.34
CA VAL B 187 -15.93 0.05 -11.37
C VAL B 187 -15.82 -1.43 -11.68
N PRO B 188 -16.93 -2.18 -11.66
CA PRO B 188 -16.85 -3.62 -11.95
C PRO B 188 -16.57 -3.88 -13.41
N VAL B 189 -15.56 -4.71 -13.68
CA VAL B 189 -15.18 -5.09 -15.04
C VAL B 189 -15.07 -6.62 -15.07
N VAL B 190 -15.81 -7.24 -15.98
CA VAL B 190 -15.81 -8.70 -16.11
C VAL B 190 -15.41 -9.07 -17.53
N GLY B 191 -15.31 -10.38 -17.80
CA GLY B 191 -14.94 -10.85 -19.11
C GLY B 191 -13.53 -11.39 -19.20
N GLY B 192 -12.63 -10.62 -19.80
CA GLY B 192 -11.24 -11.04 -19.97
C GLY B 192 -10.31 -9.88 -19.80
N HIS B 193 -9.14 -9.97 -20.44
CA HIS B 193 -8.11 -8.94 -20.36
C HIS B 193 -7.51 -8.68 -21.74
N SER B 194 -8.37 -8.50 -22.74
CA SER B 194 -7.91 -8.28 -24.11
C SER B 194 -8.71 -7.19 -24.81
N ASP B 195 -8.57 -7.09 -26.13
CA ASP B 195 -9.18 -6.01 -26.90
C ASP B 195 -10.70 -6.01 -26.81
N VAL B 196 -11.33 -7.16 -27.07
CA VAL B 196 -12.79 -7.22 -27.18
C VAL B 196 -13.41 -8.00 -26.02
N THR B 197 -12.59 -8.54 -25.11
CA THR B 197 -13.09 -9.34 -24.01
C THR B 197 -13.29 -8.55 -22.73
N ILE B 198 -13.11 -7.23 -22.77
CA ILE B 198 -13.26 -6.38 -21.59
C ILE B 198 -14.67 -5.81 -21.60
N VAL B 199 -15.44 -6.13 -20.58
CA VAL B 199 -16.82 -5.67 -20.46
C VAL B 199 -16.94 -4.85 -19.17
N PRO B 200 -16.91 -3.52 -19.25
CA PRO B 200 -17.11 -2.69 -18.05
C PRO B 200 -18.58 -2.57 -17.71
N LEU B 201 -18.95 -2.97 -16.49
CA LEU B 201 -20.34 -2.92 -16.04
C LEU B 201 -20.60 -1.58 -15.37
N TYR B 202 -20.90 -0.57 -16.19
CA TYR B 202 -21.19 0.75 -15.67
C TYR B 202 -22.58 0.85 -15.05
N SER B 203 -23.42 -0.18 -15.22
CA SER B 203 -24.74 -0.13 -14.62
C SER B 203 -24.69 -0.30 -13.11
N GLN B 204 -23.71 -1.03 -12.60
CA GLN B 204 -23.64 -1.34 -11.17
C GLN B 204 -22.78 -0.34 -10.40
N ILE B 205 -22.99 0.96 -10.63
CA ILE B 205 -22.31 1.98 -9.83
C ILE B 205 -23.32 3.05 -9.45
N PRO B 206 -23.19 3.66 -8.27
CA PRO B 206 -24.16 4.67 -7.85
C PRO B 206 -24.03 5.95 -8.67
N GLY B 207 -25.13 6.70 -8.73
CA GLY B 207 -25.17 7.95 -9.44
C GLY B 207 -25.74 7.81 -10.83
N PRO B 208 -26.26 8.92 -11.37
CA PRO B 208 -26.80 8.87 -12.74
C PRO B 208 -25.72 8.74 -13.79
N LEU B 209 -25.81 7.71 -14.62
CA LEU B 209 -24.86 7.47 -15.71
C LEU B 209 -24.98 8.60 -16.73
N PRO B 210 -23.89 8.94 -17.44
CA PRO B 210 -23.93 10.13 -18.30
C PRO B 210 -25.01 10.09 -19.37
N ASP B 211 -24.93 9.13 -20.28
CA ASP B 211 -25.87 9.01 -21.39
C ASP B 211 -25.49 7.81 -22.26
N GLU B 212 -26.43 7.30 -23.05
CA GLU B 212 -26.07 6.34 -24.08
C GLU B 212 -25.52 7.08 -25.30
N SER B 213 -24.82 6.34 -26.16
CA SER B 213 -24.09 6.90 -27.30
C SER B 213 -22.93 7.78 -26.82
N THR B 214 -22.78 7.89 -25.50
CA THR B 214 -21.59 8.45 -24.87
C THR B 214 -20.91 7.47 -23.93
N LEU B 215 -21.66 6.66 -23.20
CA LEU B 215 -21.10 5.55 -22.44
C LEU B 215 -20.51 4.48 -23.35
N LYS B 216 -21.05 4.32 -24.56
CA LYS B 216 -20.48 3.39 -25.53
C LYS B 216 -19.07 3.81 -25.93
N GLU B 217 -18.85 5.12 -26.12
CA GLU B 217 -17.52 5.61 -26.43
C GLU B 217 -16.54 5.32 -25.30
N ILE B 218 -16.98 5.51 -24.06
CA ILE B 218 -16.12 5.22 -22.91
C ILE B 218 -15.80 3.73 -22.85
N ARG B 219 -16.79 2.87 -23.10
CA ARG B 219 -16.54 1.43 -23.10
C ARG B 219 -15.54 1.03 -24.17
N LYS B 220 -15.70 1.59 -25.38
CA LYS B 220 -14.76 1.30 -26.45
C LYS B 220 -13.36 1.80 -26.11
N ARG B 221 -13.26 2.99 -25.49
CA ARG B 221 -11.96 3.50 -25.08
C ARG B 221 -11.31 2.60 -24.04
N VAL B 222 -12.10 2.06 -23.10
CA VAL B 222 -11.56 1.12 -22.13
C VAL B 222 -11.05 -0.13 -22.83
N GLN B 223 -11.78 -0.61 -23.84
CA GLN B 223 -11.40 -1.83 -24.52
C GLN B 223 -10.06 -1.68 -25.27
N VAL B 224 -9.85 -0.55 -25.92
CA VAL B 224 -8.68 -0.38 -26.78
C VAL B 224 -7.71 0.65 -26.20
N ALA B 225 -7.71 0.79 -24.87
CA ALA B 225 -6.84 1.78 -24.23
C ALA B 225 -5.37 1.39 -24.29
N GLY B 226 -5.06 0.09 -24.33
CA GLY B 226 -3.68 -0.33 -24.36
C GLY B 226 -2.95 0.09 -25.62
N THR B 227 -3.66 0.09 -26.76
CA THR B 227 -3.05 0.51 -28.02
C THR B 227 -2.66 1.97 -27.99
N GLU B 228 -3.39 2.79 -27.25
CA GLU B 228 -3.11 4.23 -27.20
C GLU B 228 -1.73 4.53 -26.62
N VAL B 229 -1.34 3.83 -25.56
CA VAL B 229 -0.02 4.03 -24.97
C VAL B 229 1.08 3.59 -25.93
N VAL B 230 0.88 2.45 -26.58
CA VAL B 230 1.87 1.90 -27.51
C VAL B 230 2.07 2.86 -28.67
N LYS B 231 0.98 3.40 -29.18
CA LYS B 231 1.03 4.38 -30.26
C LYS B 231 1.65 5.71 -29.83
N ALA B 232 1.40 6.13 -28.59
CA ALA B 232 2.01 7.36 -28.09
C ALA B 232 3.53 7.24 -28.00
N LYS B 233 4.02 6.07 -27.58
CA LYS B 233 5.44 5.83 -27.47
C LYS B 233 6.11 5.53 -28.80
N ALA B 234 5.41 5.75 -29.92
CA ALA B 234 5.92 5.49 -31.25
C ALA B 234 6.37 4.04 -31.40
N GLY B 235 5.62 3.12 -30.81
CA GLY B 235 5.93 1.71 -30.91
C GLY B 235 7.26 1.33 -30.31
N ARG B 236 7.61 1.92 -29.16
CA ARG B 236 8.87 1.65 -28.50
C ARG B 236 8.69 0.93 -27.15
N GLY B 237 7.46 0.74 -26.71
CA GLY B 237 7.23 0.07 -25.44
C GLY B 237 5.76 0.00 -25.13
N SER B 238 5.46 -0.38 -23.89
CA SER B 238 4.07 -0.47 -23.43
C SER B 238 3.87 0.34 -22.17
N ALA B 239 2.71 0.19 -21.53
CA ALA B 239 2.40 0.89 -20.29
C ALA B 239 2.95 0.07 -19.13
N THR B 240 4.12 0.48 -18.63
CA THR B 240 4.77 -0.21 -17.53
C THR B 240 4.43 0.34 -16.16
N LEU B 241 4.30 1.65 -16.03
CA LEU B 241 3.95 2.26 -14.75
C LEU B 241 2.55 1.85 -14.29
N SER B 242 1.57 1.89 -15.20
CA SER B 242 0.20 1.51 -14.85
C SER B 242 0.12 0.04 -14.47
N MET B 243 0.78 -0.84 -15.23
CA MET B 243 0.76 -2.26 -14.91
C MET B 243 1.47 -2.54 -13.59
N ALA B 244 2.57 -1.83 -13.32
CA ALA B 244 3.26 -1.99 -12.05
C ALA B 244 2.37 -1.57 -10.89
N GLU B 245 1.65 -0.44 -11.04
CA GLU B 245 0.74 0.00 -9.99
C GLU B 245 -0.37 -1.03 -9.76
N ALA B 246 -0.96 -1.55 -10.83
CA ALA B 246 -2.03 -2.54 -10.68
C ALA B 246 -1.52 -3.81 -10.02
N GLY B 247 -0.35 -4.29 -10.44
CA GLY B 247 0.20 -5.50 -9.83
C GLY B 247 0.55 -5.31 -8.38
N ALA B 248 1.09 -4.15 -8.02
CA ALA B 248 1.39 -3.86 -6.63
C ALA B 248 0.11 -3.81 -5.79
N ARG B 249 -0.94 -3.19 -6.31
CA ARG B 249 -2.21 -3.13 -5.58
C ARG B 249 -2.78 -4.53 -5.36
N PHE B 250 -2.79 -5.36 -6.40
CA PHE B 250 -3.34 -6.71 -6.25
C PHE B 250 -2.49 -7.56 -5.30
N THR B 251 -1.16 -7.44 -5.39
CA THR B 251 -0.30 -8.18 -4.48
C THR B 251 -0.50 -7.74 -3.04
N MET B 252 -0.69 -6.44 -2.81
CA MET B 252 -0.97 -5.95 -1.47
C MET B 252 -2.29 -6.51 -0.96
N HIS B 253 -3.31 -6.56 -1.83
CA HIS B 253 -4.58 -7.17 -1.44
C HIS B 253 -4.41 -8.62 -1.02
N VAL B 254 -3.68 -9.40 -1.82
CA VAL B 254 -3.49 -10.81 -1.52
C VAL B 254 -2.70 -10.99 -0.23
N VAL B 255 -1.65 -10.19 -0.04
CA VAL B 255 -0.82 -10.29 1.16
C VAL B 255 -1.64 -9.96 2.39
N LYS B 256 -2.42 -8.87 2.34
CA LYS B 256 -3.24 -8.48 3.48
C LYS B 256 -4.30 -9.54 3.79
N ALA B 257 -4.90 -10.13 2.77
CA ALA B 257 -5.87 -11.20 3.00
C ALA B 257 -5.23 -12.43 3.63
N LEU B 258 -4.02 -12.80 3.21
CA LEU B 258 -3.37 -13.99 3.77
C LEU B 258 -3.03 -13.84 5.24
N MET B 259 -2.73 -12.64 5.70
CA MET B 259 -2.37 -12.39 7.10
C MET B 259 -3.58 -12.36 8.02
N GLY B 260 -4.79 -12.40 7.47
CA GLY B 260 -5.99 -12.22 8.26
C GLY B 260 -6.32 -10.78 8.59
N LEU B 261 -5.68 -9.82 7.92
CA LEU B 261 -5.85 -8.41 8.19
C LEU B 261 -6.91 -7.76 7.31
N ASP B 262 -7.56 -8.53 6.43
CA ASP B 262 -8.55 -7.99 5.51
C ASP B 262 -9.24 -9.16 4.82
N THR B 263 -10.44 -8.90 4.30
CA THR B 263 -11.16 -9.83 3.43
C THR B 263 -11.66 -9.05 2.22
N PRO B 264 -10.77 -8.70 1.30
CA PRO B 264 -11.17 -7.84 0.18
C PRO B 264 -12.05 -8.54 -0.84
N MET B 265 -12.83 -7.74 -1.55
CA MET B 265 -13.59 -8.19 -2.71
C MET B 265 -12.94 -7.60 -3.95
N VAL B 266 -12.39 -8.47 -4.81
CA VAL B 266 -11.61 -8.06 -5.96
C VAL B 266 -12.12 -8.77 -7.20
N TYR B 267 -11.78 -8.22 -8.36
CA TYR B 267 -12.09 -8.82 -9.66
C TYR B 267 -10.79 -9.39 -10.23
N ALA B 268 -10.76 -10.70 -10.44
CA ALA B 268 -9.57 -11.38 -10.90
C ALA B 268 -9.93 -12.44 -11.93
N TYR B 269 -8.97 -12.76 -12.77
CA TYR B 269 -9.12 -13.80 -13.81
C TYR B 269 -8.87 -15.15 -13.15
N VAL B 270 -9.92 -15.71 -12.54
CA VAL B 270 -9.81 -16.92 -11.74
C VAL B 270 -10.53 -18.06 -12.45
N ASP B 271 -10.42 -19.24 -11.87
CA ASP B 271 -11.06 -20.44 -12.40
C ASP B 271 -12.45 -20.56 -11.80
N THR B 272 -13.47 -20.43 -12.64
CA THR B 272 -14.85 -20.47 -12.18
C THR B 272 -15.23 -21.91 -11.85
N ASP B 273 -15.16 -22.26 -10.58
CA ASP B 273 -15.49 -23.61 -10.13
C ASP B 273 -16.98 -23.85 -10.33
N GLY B 274 -17.34 -24.64 -11.34
CA GLY B 274 -18.74 -24.73 -11.71
C GLY B 274 -19.20 -23.39 -12.22
N GLU B 275 -20.29 -22.87 -11.62
CA GLU B 275 -20.76 -21.51 -11.88
C GLU B 275 -20.93 -21.23 -13.37
N HIS B 276 -20.19 -20.26 -13.88
CA HIS B 276 -20.24 -19.90 -15.28
C HIS B 276 -19.71 -21.04 -16.15
N GLU B 277 -20.30 -21.18 -17.34
CA GLU B 277 -19.89 -22.25 -18.25
C GLU B 277 -18.46 -22.05 -18.77
N CYS B 278 -17.98 -20.82 -18.80
CA CYS B 278 -16.61 -20.56 -19.20
C CYS B 278 -15.66 -20.93 -18.06
N PRO B 279 -14.69 -21.81 -18.27
CA PRO B 279 -13.88 -22.30 -17.13
C PRO B 279 -12.98 -21.25 -16.50
N PHE B 280 -12.64 -20.17 -17.21
CA PHE B 280 -11.65 -19.20 -16.72
C PHE B 280 -12.13 -17.78 -16.95
N LEU B 281 -13.34 -17.46 -16.51
CA LEU B 281 -13.83 -16.08 -16.63
C LEU B 281 -13.24 -15.21 -15.52
N ALA B 282 -13.36 -13.90 -15.70
CA ALA B 282 -12.97 -12.91 -14.71
C ALA B 282 -14.22 -12.46 -13.95
N MET B 283 -14.34 -12.87 -12.69
CA MET B 283 -15.51 -12.63 -11.88
C MET B 283 -15.10 -12.10 -10.51
N PRO B 284 -15.99 -11.39 -9.83
CA PRO B 284 -15.65 -10.90 -8.47
C PRO B 284 -15.49 -12.04 -7.49
N VAL B 285 -14.46 -11.93 -6.64
CA VAL B 285 -14.16 -12.95 -5.64
C VAL B 285 -13.88 -12.26 -4.31
N VAL B 286 -13.96 -13.04 -3.24
CA VAL B 286 -13.66 -12.58 -1.88
C VAL B 286 -12.46 -13.36 -1.39
N LEU B 287 -11.39 -12.64 -1.04
CA LEU B 287 -10.15 -13.28 -0.61
C LEU B 287 -10.17 -13.56 0.89
N GLY B 288 -9.30 -14.48 1.30
CA GLY B 288 -9.26 -14.87 2.69
C GLY B 288 -7.93 -15.50 3.04
N LYS B 289 -7.90 -16.13 4.21
CA LYS B 289 -6.68 -16.76 4.70
C LYS B 289 -6.26 -17.99 3.89
N ASN B 290 -7.15 -18.55 3.08
CA ASN B 290 -6.87 -19.74 2.31
C ASN B 290 -7.01 -19.51 0.81
N GLY B 291 -6.79 -18.27 0.37
CA GLY B 291 -6.89 -17.96 -1.04
C GLY B 291 -8.19 -17.27 -1.41
N ILE B 292 -9.11 -18.02 -2.00
CA ILE B 292 -10.43 -17.52 -2.36
C ILE B 292 -11.46 -18.17 -1.44
N GLU B 293 -12.32 -17.34 -0.83
CA GLU B 293 -13.36 -17.82 0.07
C GLU B 293 -14.70 -17.97 -0.63
N ARG B 294 -15.12 -16.99 -1.41
CA ARG B 294 -16.40 -17.02 -2.09
C ARG B 294 -16.26 -16.47 -3.50
N ARG B 295 -16.97 -17.08 -4.44
CA ARG B 295 -17.04 -16.60 -5.82
C ARG B 295 -18.43 -16.00 -6.03
N LEU B 296 -18.49 -14.69 -6.11
CA LEU B 296 -19.74 -13.99 -6.24
C LEU B 296 -20.26 -14.06 -7.68
N PRO B 297 -21.58 -14.08 -7.87
CA PRO B 297 -22.12 -14.03 -9.23
C PRO B 297 -21.94 -12.67 -9.85
N ILE B 298 -22.09 -12.62 -11.18
CA ILE B 298 -21.90 -11.38 -11.92
C ILE B 298 -22.91 -10.33 -11.49
N GLY B 299 -24.18 -10.74 -11.35
CA GLY B 299 -25.21 -9.82 -10.95
C GLY B 299 -26.10 -9.40 -12.11
N PRO B 300 -26.99 -8.44 -11.86
CA PRO B 300 -27.88 -7.97 -12.93
C PRO B 300 -27.18 -7.02 -13.87
N ILE B 301 -27.45 -7.20 -15.17
CA ILE B 301 -26.85 -6.39 -16.22
C ILE B 301 -27.94 -5.98 -17.20
N THR B 302 -27.65 -4.93 -17.97
CA THR B 302 -28.59 -4.48 -18.99
C THR B 302 -28.46 -5.33 -20.25
N THR B 303 -29.25 -4.99 -21.27
CA THR B 303 -29.26 -5.80 -22.49
C THR B 303 -28.02 -5.56 -23.35
N VAL B 304 -27.53 -4.32 -23.39
CA VAL B 304 -26.30 -4.04 -24.14
C VAL B 304 -25.12 -4.76 -23.49
N GLU B 305 -25.03 -4.70 -22.16
CA GLU B 305 -23.99 -5.43 -21.46
C GLU B 305 -24.16 -6.93 -21.64
N LYS B 306 -25.39 -7.42 -21.73
CA LYS B 306 -25.62 -8.84 -21.97
C LYS B 306 -25.08 -9.25 -23.34
N GLU B 307 -25.35 -8.45 -24.38
CA GLU B 307 -24.81 -8.76 -25.71
C GLU B 307 -23.28 -8.71 -25.71
N MET B 308 -22.71 -7.70 -25.04
CA MET B 308 -21.27 -7.58 -24.98
C MET B 308 -20.64 -8.80 -24.29
N LEU B 309 -21.23 -9.23 -23.17
CA LEU B 309 -20.71 -10.40 -22.46
C LEU B 309 -20.86 -11.66 -23.29
N GLU B 310 -22.00 -11.83 -23.97
CA GLU B 310 -22.20 -13.01 -24.80
C GLU B 310 -21.17 -13.06 -25.93
N GLU B 311 -20.87 -11.91 -26.51
CA GLU B 311 -19.86 -11.87 -27.58
C GLU B 311 -18.45 -12.13 -27.03
N ALA B 312 -18.15 -11.62 -25.83
CA ALA B 312 -16.80 -11.77 -25.29
C ALA B 312 -16.53 -13.17 -24.77
N VAL B 313 -17.59 -13.88 -24.34
CA VAL B 313 -17.39 -15.23 -23.79
C VAL B 313 -16.80 -16.17 -24.83
N GLY B 314 -17.27 -16.07 -26.08
CA GLY B 314 -16.74 -16.94 -27.12
C GLY B 314 -15.27 -16.71 -27.39
N VAL B 315 -14.85 -15.43 -27.42
CA VAL B 315 -13.44 -15.12 -27.61
C VAL B 315 -12.61 -15.62 -26.42
N VAL B 316 -13.15 -15.49 -25.20
CA VAL B 316 -12.43 -16.02 -24.04
C VAL B 316 -12.27 -17.52 -24.14
N LYS B 317 -13.32 -18.22 -24.60
CA LYS B 317 -13.24 -19.67 -24.77
C LYS B 317 -12.18 -20.04 -25.80
N LYS B 318 -12.13 -19.31 -26.91
CA LYS B 318 -11.11 -19.58 -27.92
C LYS B 318 -9.71 -19.35 -27.35
N ASN B 319 -9.53 -18.27 -26.57
CA ASN B 319 -8.23 -18.00 -25.96
C ASN B 319 -7.83 -19.09 -24.98
N ILE B 320 -8.78 -19.56 -24.18
CA ILE B 320 -8.49 -20.65 -23.24
C ILE B 320 -8.09 -21.91 -23.99
N ALA B 321 -8.81 -22.22 -25.08
CA ALA B 321 -8.45 -23.40 -25.86
C ALA B 321 -7.06 -23.28 -26.46
N LYS B 322 -6.73 -22.10 -27.00
CA LYS B 322 -5.41 -21.91 -27.59
C LYS B 322 -4.32 -22.04 -26.54
N GLY B 323 -4.56 -21.51 -25.34
CA GLY B 323 -3.59 -21.66 -24.28
C GLY B 323 -3.42 -23.10 -23.81
N GLU B 324 -4.53 -23.81 -23.67
CA GLU B 324 -4.47 -25.17 -23.15
C GLU B 324 -3.91 -26.17 -24.16
N THR B 325 -4.09 -25.92 -25.46
CA THR B 325 -3.50 -26.82 -26.46
C THR B 325 -1.98 -26.78 -26.37
N PHE B 326 -1.40 -25.60 -26.20
CA PHE B 326 0.04 -25.44 -26.00
C PHE B 326 0.29 -25.14 -24.53
N MET C 9 -3.89 24.79 -4.18
CA MET C 9 -3.50 24.06 -5.38
C MET C 9 -2.02 24.27 -5.68
N VAL C 10 -1.31 23.18 -5.94
CA VAL C 10 0.12 23.21 -6.22
C VAL C 10 0.35 22.60 -7.59
N ASN C 11 1.24 23.20 -8.37
CA ASN C 11 1.60 22.72 -9.70
C ASN C 11 3.06 22.27 -9.66
N VAL C 12 3.27 20.97 -9.67
CA VAL C 12 4.62 20.40 -9.60
C VAL C 12 5.04 19.97 -10.99
N ALA C 13 6.13 20.55 -11.49
CA ALA C 13 6.65 20.25 -12.82
C ALA C 13 7.93 19.45 -12.68
N VAL C 14 7.97 18.28 -13.30
CA VAL C 14 9.15 17.42 -13.29
C VAL C 14 9.85 17.57 -14.64
N ILE C 15 11.08 18.09 -14.61
CA ILE C 15 11.88 18.30 -15.81
C ILE C 15 12.73 17.07 -16.04
N GLY C 16 12.74 16.55 -17.26
CA GLY C 16 13.39 15.29 -17.54
C GLY C 16 12.67 14.12 -16.92
N ALA C 17 11.37 14.04 -17.14
CA ALA C 17 10.51 13.05 -16.50
C ALA C 17 10.44 11.73 -17.24
N ALA C 18 11.07 11.61 -18.41
CA ALA C 18 11.07 10.37 -19.17
C ALA C 18 12.38 9.60 -19.06
N GLY C 19 13.27 10.01 -18.16
CA GLY C 19 14.49 9.29 -17.93
C GLY C 19 14.31 8.15 -16.95
N GLY C 20 15.43 7.54 -16.57
CA GLY C 20 15.39 6.44 -15.62
C GLY C 20 14.93 6.85 -14.23
N ILE C 21 15.41 8.00 -13.74
CA ILE C 21 15.03 8.49 -12.42
C ILE C 21 13.70 9.22 -12.47
N GLY C 22 13.49 10.04 -13.50
CA GLY C 22 12.28 10.83 -13.61
C GLY C 22 11.01 10.02 -13.72
N GLN C 23 11.08 8.83 -14.32
CA GLN C 23 9.89 8.00 -14.48
C GLN C 23 9.36 7.52 -13.13
N SER C 24 10.23 6.94 -12.29
CA SER C 24 9.81 6.48 -10.99
C SER C 24 9.47 7.65 -10.06
N LEU C 25 10.19 8.76 -10.18
CA LEU C 25 9.86 9.94 -9.40
C LEU C 25 8.47 10.46 -9.75
N SER C 26 8.13 10.47 -11.04
CA SER C 26 6.81 10.90 -11.47
C SER C 26 5.73 9.93 -11.01
N LEU C 27 6.00 8.63 -11.09
CA LEU C 27 5.02 7.65 -10.64
C LEU C 27 4.78 7.76 -9.14
N LEU C 28 5.83 7.98 -8.35
CA LEU C 28 5.67 8.10 -6.91
C LEU C 28 4.94 9.38 -6.53
N LEU C 29 5.18 10.47 -7.27
CA LEU C 29 4.52 11.74 -6.95
C LEU C 29 3.02 11.66 -7.18
N LEU C 30 2.59 11.01 -8.25
CA LEU C 30 1.17 10.94 -8.58
C LEU C 30 0.37 10.27 -7.48
N ARG C 31 0.96 9.28 -6.79
CA ARG C 31 0.26 8.59 -5.72
C ARG C 31 0.27 9.34 -4.40
N GLU C 32 1.00 10.46 -4.31
CA GLU C 32 1.11 11.18 -3.05
C GLU C 32 0.78 12.67 -3.14
N LEU C 33 0.63 13.23 -4.33
CA LEU C 33 0.25 14.63 -4.43
C LEU C 33 -1.13 14.83 -3.81
N PRO C 34 -1.37 15.95 -3.13
CA PRO C 34 -2.68 16.17 -2.52
C PRO C 34 -3.78 16.35 -3.55
N PHE C 35 -5.01 16.15 -3.09
CA PHE C 35 -6.18 16.34 -3.95
C PHE C 35 -6.22 17.75 -4.50
N GLY C 36 -6.46 17.86 -5.81
CA GLY C 36 -6.52 19.15 -6.46
C GLY C 36 -5.23 19.66 -7.04
N SER C 37 -4.23 18.81 -7.21
CA SER C 37 -2.93 19.20 -7.74
C SER C 37 -2.82 18.83 -9.22
N THR C 38 -1.74 19.31 -9.84
CA THR C 38 -1.44 19.00 -11.23
C THR C 38 0.01 18.54 -11.35
N LEU C 39 0.27 17.77 -12.41
CA LEU C 39 1.60 17.29 -12.74
C LEU C 39 1.96 17.75 -14.14
N SER C 40 3.15 18.32 -14.32
CA SER C 40 3.61 18.84 -15.60
C SER C 40 4.94 18.18 -15.94
N LEU C 41 4.88 17.12 -16.74
CA LEU C 41 6.08 16.39 -17.13
C LEU C 41 6.69 17.01 -18.39
N TYR C 42 8.02 16.92 -18.49
CA TYR C 42 8.72 17.46 -19.64
C TYR C 42 9.96 16.62 -19.91
N ASP C 43 10.22 16.37 -21.19
CA ASP C 43 11.48 15.76 -21.61
C ASP C 43 11.63 15.94 -23.11
N VAL C 44 12.90 15.88 -23.55
CA VAL C 44 13.18 16.01 -24.98
C VAL C 44 12.67 14.79 -25.74
N VAL C 45 12.78 13.60 -25.15
CA VAL C 45 12.35 12.36 -25.78
C VAL C 45 11.54 11.56 -24.77
N GLY C 46 10.33 11.16 -25.17
CA GLY C 46 9.51 10.28 -24.37
C GLY C 46 8.55 10.95 -23.42
N ALA C 47 8.35 12.26 -23.54
CA ALA C 47 7.37 12.93 -22.67
C ALA C 47 5.94 12.47 -22.93
N PRO C 48 5.43 12.44 -24.17
CA PRO C 48 4.04 11.97 -24.35
C PRO C 48 3.83 10.53 -23.93
N GLY C 49 4.82 9.67 -24.12
CA GLY C 49 4.67 8.27 -23.74
C GLY C 49 4.50 8.08 -22.26
N VAL C 50 5.29 8.80 -21.46
CA VAL C 50 5.13 8.70 -20.01
C VAL C 50 3.91 9.47 -19.53
N ALA C 51 3.51 10.51 -20.27
CA ALA C 51 2.32 11.26 -19.87
C ALA C 51 1.06 10.42 -20.04
N ALA C 52 0.92 9.76 -21.19
CA ALA C 52 -0.24 8.89 -21.41
C ALA C 52 0.01 7.47 -20.91
N ASP C 53 0.55 7.39 -19.72
CA ASP C 53 0.71 6.18 -18.93
C ASP C 53 0.21 6.35 -17.51
N LEU C 54 0.47 7.51 -16.91
CA LEU C 54 -0.06 7.85 -15.59
C LEU C 54 -1.46 8.44 -15.65
N SER C 55 -1.93 8.80 -16.85
CA SER C 55 -3.28 9.31 -16.99
C SER C 55 -4.33 8.21 -16.90
N HIS C 56 -3.92 6.95 -17.01
CA HIS C 56 -4.84 5.82 -16.89
C HIS C 56 -4.97 5.30 -15.47
N ILE C 57 -4.15 5.79 -14.54
CA ILE C 57 -4.33 5.48 -13.12
C ILE C 57 -5.43 6.39 -12.57
N ASP C 58 -6.33 5.83 -11.78
CA ASP C 58 -7.54 6.56 -11.40
C ASP C 58 -7.23 7.85 -10.67
N ARG C 59 -6.73 7.77 -9.44
CA ARG C 59 -6.23 8.92 -8.69
C ARG C 59 -7.10 10.16 -8.87
N ALA C 60 -8.34 10.11 -8.40
CA ALA C 60 -9.27 11.22 -8.60
C ALA C 60 -8.73 12.51 -8.00
N GLY C 61 -8.89 13.60 -8.74
CA GLY C 61 -8.54 14.93 -8.27
C GLY C 61 -7.22 15.48 -8.76
N ILE C 62 -6.45 14.71 -9.53
CA ILE C 62 -5.13 15.13 -9.99
C ILE C 62 -5.11 15.10 -11.51
N THR C 63 -4.69 16.21 -12.12
CA THR C 63 -4.56 16.31 -13.56
C THR C 63 -3.10 16.16 -13.96
N VAL C 64 -2.87 15.64 -15.17
CA VAL C 64 -1.54 15.39 -15.69
C VAL C 64 -1.40 16.15 -17.00
N LYS C 65 -0.38 17.00 -17.10
CA LYS C 65 -0.04 17.69 -18.32
C LYS C 65 1.35 17.26 -18.79
N HIS C 66 1.71 17.69 -20.00
CA HIS C 66 3.02 17.38 -20.54
C HIS C 66 3.33 18.35 -21.67
N ALA C 67 4.60 18.35 -22.08
CA ALA C 67 5.06 19.12 -23.22
C ALA C 67 6.30 18.45 -23.77
N ALA C 68 6.26 18.05 -25.03
CA ALA C 68 7.41 17.41 -25.65
C ALA C 68 8.35 18.46 -26.23
N GLY C 69 9.64 18.16 -26.17
CA GLY C 69 10.67 19.00 -26.73
C GLY C 69 10.95 18.67 -28.19
N LYS C 70 12.19 18.90 -28.61
CA LYS C 70 12.62 18.63 -29.96
C LYS C 70 13.80 17.67 -29.93
N LEU C 71 13.82 16.72 -30.88
CA LEU C 71 14.93 15.76 -30.94
C LEU C 71 16.29 16.44 -31.03
N PRO C 72 16.51 17.47 -31.84
CA PRO C 72 17.71 18.29 -31.68
C PRO C 72 17.52 19.26 -30.53
N PRO C 73 18.31 19.12 -29.46
CA PRO C 73 18.14 20.02 -28.31
C PRO C 73 18.35 21.49 -28.67
N VAL C 74 17.30 22.29 -28.51
CA VAL C 74 17.34 23.71 -28.85
C VAL C 74 17.35 24.51 -27.55
N PRO C 75 18.30 25.44 -27.36
CA PRO C 75 18.25 26.30 -26.18
C PRO C 75 16.97 27.10 -26.13
N ARG C 76 16.45 27.29 -24.91
CA ARG C 76 15.20 28.00 -24.67
C ARG C 76 14.06 27.37 -25.46
N ASP C 77 13.73 26.12 -25.13
CA ASP C 77 12.72 25.37 -25.84
C ASP C 77 11.35 26.06 -25.74
N PRO C 78 10.68 26.34 -26.86
CA PRO C 78 9.37 27.02 -26.79
C PRO C 78 8.32 26.24 -26.02
N ALA C 79 8.42 24.91 -26.03
CA ALA C 79 7.46 24.10 -25.27
C ALA C 79 7.64 24.27 -23.77
N LEU C 80 8.88 24.40 -23.30
CA LEU C 80 9.13 24.56 -21.87
C LEU C 80 8.61 25.90 -21.35
N THR C 81 8.70 26.96 -22.16
CA THR C 81 8.18 28.25 -21.73
C THR C 81 6.66 28.22 -21.57
N GLU C 82 5.98 27.44 -22.40
CA GLU C 82 4.53 27.27 -22.24
C GLU C 82 4.20 26.38 -21.07
N LEU C 83 4.97 25.31 -20.85
CA LEU C 83 4.68 24.40 -19.75
C LEU C 83 4.96 25.02 -18.39
N ALA C 84 5.97 25.87 -18.29
CA ALA C 84 6.43 26.38 -17.00
C ALA C 84 5.54 27.50 -16.45
N GLU C 85 4.53 27.93 -17.19
CA GLU C 85 3.64 28.97 -16.68
C GLU C 85 2.77 28.44 -15.55
N GLY C 86 2.71 29.19 -14.45
CA GLY C 86 1.90 28.79 -13.31
C GLY C 86 2.39 27.54 -12.60
N VAL C 87 3.70 27.46 -12.37
CA VAL C 87 4.31 26.32 -11.70
C VAL C 87 4.88 26.80 -10.37
N ASP C 88 4.61 26.04 -9.31
CA ASP C 88 5.06 26.38 -7.97
C ASP C 88 6.34 25.67 -7.55
N VAL C 89 6.53 24.42 -7.97
CA VAL C 89 7.70 23.63 -7.62
C VAL C 89 8.31 23.08 -8.91
N PHE C 90 9.62 23.26 -9.07
CA PHE C 90 10.36 22.73 -10.20
C PHE C 90 11.32 21.65 -9.70
N VAL C 91 11.20 20.46 -10.26
CA VAL C 91 12.07 19.34 -9.90
C VAL C 91 13.02 19.12 -11.08
N ILE C 92 14.22 19.69 -10.98
CA ILE C 92 15.21 19.59 -12.05
C ILE C 92 15.93 18.26 -11.89
N VAL C 93 15.49 17.25 -12.64
CA VAL C 93 16.14 15.93 -12.67
C VAL C 93 16.39 15.59 -14.14
N ALA C 94 17.56 15.97 -14.64
CA ALA C 94 17.86 15.79 -16.05
C ALA C 94 19.36 15.73 -16.24
N GLY C 95 19.87 14.56 -16.62
CA GLY C 95 21.28 14.40 -16.86
C GLY C 95 21.54 13.15 -17.68
N VAL C 96 22.68 13.15 -18.35
CA VAL C 96 23.06 12.01 -19.18
C VAL C 96 23.35 10.80 -18.29
N PRO C 97 22.98 9.58 -18.70
CA PRO C 97 23.24 8.37 -17.90
C PRO C 97 24.70 7.92 -18.01
N ARG C 104 34.77 11.71 -14.70
CA ARG C 104 34.20 12.68 -13.77
C ARG C 104 34.14 14.08 -14.39
N ASP C 105 35.21 14.46 -15.08
CA ASP C 105 35.25 15.75 -15.76
C ASP C 105 34.54 15.74 -17.11
N ASP C 106 34.20 14.57 -17.64
CA ASP C 106 33.42 14.49 -18.87
C ASP C 106 31.93 14.54 -18.62
N LEU C 107 31.50 14.31 -17.38
CA LEU C 107 30.09 14.32 -17.01
C LEU C 107 29.64 15.70 -16.52
N PHE C 108 30.48 16.37 -15.73
CA PHE C 108 30.14 17.69 -15.23
C PHE C 108 29.98 18.70 -16.36
N ASN C 109 30.89 18.65 -17.34
CA ASN C 109 30.86 19.61 -18.44
C ASN C 109 29.62 19.46 -19.32
N VAL C 110 28.93 18.33 -19.24
CA VAL C 110 27.77 18.09 -20.08
C VAL C 110 26.48 18.23 -19.26
N ASN C 111 26.58 18.04 -17.94
CA ASN C 111 25.41 18.21 -17.09
C ASN C 111 25.20 19.65 -16.65
N ALA C 112 26.28 20.38 -16.35
CA ALA C 112 26.16 21.76 -15.93
C ALA C 112 25.54 22.66 -16.98
N GLY C 113 25.88 22.46 -18.26
CA GLY C 113 25.28 23.24 -19.32
C GLY C 113 23.79 23.05 -19.45
N ILE C 114 23.33 21.79 -19.39
CA ILE C 114 21.90 21.54 -19.49
C ILE C 114 21.16 22.04 -18.26
N VAL C 115 21.78 21.93 -17.07
CA VAL C 115 21.14 22.49 -15.88
C VAL C 115 21.02 24.00 -15.99
N MET C 116 22.10 24.66 -16.47
CA MET C 116 22.06 26.09 -16.74
C MET C 116 20.90 26.46 -17.66
N ASP C 117 20.80 25.78 -18.80
CA ASP C 117 19.76 26.12 -19.77
C ASP C 117 18.37 25.87 -19.21
N LEU C 118 18.17 24.75 -18.52
CA LEU C 118 16.86 24.42 -17.98
C LEU C 118 16.42 25.44 -16.95
N VAL C 119 17.33 25.81 -16.03
CA VAL C 119 16.96 26.79 -15.01
C VAL C 119 16.69 28.15 -15.65
N LEU C 120 17.51 28.54 -16.62
CA LEU C 120 17.30 29.82 -17.28
C LEU C 120 15.95 29.87 -18.00
N THR C 121 15.58 28.77 -18.66
CA THR C 121 14.30 28.75 -19.37
C THR C 121 13.11 28.72 -18.41
N CYS C 122 13.21 27.94 -17.33
CA CYS C 122 12.08 27.80 -16.43
C CYS C 122 11.88 29.05 -15.58
N ALA C 123 12.95 29.68 -15.12
CA ALA C 123 12.85 30.81 -14.20
C ALA C 123 12.53 32.12 -14.90
N SER C 124 12.46 32.13 -16.24
CA SER C 124 12.13 33.35 -16.96
C SER C 124 10.63 33.61 -17.03
N VAL C 125 9.80 32.62 -16.70
CA VAL C 125 8.36 32.79 -16.71
C VAL C 125 7.72 32.57 -15.35
N SER C 126 8.37 31.85 -14.44
CA SER C 126 7.88 31.63 -13.08
C SER C 126 9.00 31.93 -12.09
N PRO C 127 9.37 33.21 -11.92
CA PRO C 127 10.49 33.53 -11.04
C PRO C 127 10.23 33.23 -9.57
N ASN C 128 8.98 33.09 -9.16
CA ASN C 128 8.64 32.88 -7.75
C ASN C 128 8.55 31.40 -7.38
N ALA C 129 8.82 30.50 -8.31
CA ALA C 129 8.78 29.08 -7.99
C ALA C 129 10.01 28.69 -7.18
N CYS C 130 9.94 27.51 -6.58
CA CYS C 130 11.06 26.93 -5.85
C CYS C 130 11.67 25.81 -6.69
N PHE C 131 13.00 25.75 -6.71
CA PHE C 131 13.74 24.84 -7.55
C PHE C 131 14.41 23.77 -6.69
N CYS C 132 14.17 22.50 -7.04
CA CYS C 132 14.83 21.37 -6.41
C CYS C 132 15.77 20.75 -7.43
N ILE C 133 17.05 20.62 -7.07
CA ILE C 133 18.08 20.11 -7.97
C ILE C 133 18.33 18.66 -7.62
N VAL C 134 18.06 17.77 -8.56
CA VAL C 134 18.25 16.34 -8.35
C VAL C 134 19.38 15.77 -9.20
N THR C 135 19.81 16.46 -10.27
CA THR C 135 21.02 16.06 -10.97
C THR C 135 22.18 16.05 -9.98
N ASN C 136 23.19 15.20 -10.28
CA ASN C 136 24.24 14.78 -9.30
C ASN C 136 25.42 15.67 -8.89
N PRO C 137 26.33 16.21 -9.74
CA PRO C 137 27.43 17.04 -9.20
C PRO C 137 26.71 18.11 -8.36
N VAL C 138 26.30 17.80 -7.13
CA VAL C 138 25.46 18.66 -6.30
C VAL C 138 26.25 19.80 -5.69
N ASN C 139 27.40 19.46 -5.15
CA ASN C 139 28.21 20.53 -4.56
C ASN C 139 28.49 21.52 -5.68
N SER C 140 28.22 21.16 -6.94
CA SER C 140 28.60 22.03 -8.10
C SER C 140 27.45 22.41 -9.04
N THR C 141 26.23 21.86 -8.94
CA THR C 141 25.09 22.31 -9.78
C THR C 141 24.13 23.23 -9.00
N THR C 142 24.15 23.23 -7.66
CA THR C 142 23.31 24.15 -6.85
C THR C 142 23.90 25.56 -6.96
N PRO C 143 25.22 25.83 -6.83
CA PRO C 143 25.80 27.16 -7.08
C PRO C 143 25.66 27.62 -8.53
N ILE C 144 25.66 26.70 -9.49
CA ILE C 144 25.45 27.08 -10.89
C ILE C 144 24.04 27.62 -11.08
N ALA C 145 23.05 26.95 -10.49
CA ALA C 145 21.67 27.44 -10.57
C ALA C 145 21.54 28.79 -9.89
N ALA C 146 22.23 28.99 -8.77
CA ALA C 146 22.22 30.28 -8.10
C ALA C 146 22.82 31.37 -8.99
N GLN C 147 23.91 31.05 -9.69
CA GLN C 147 24.52 32.01 -10.61
C GLN C 147 23.58 32.36 -11.75
N THR C 148 22.88 31.36 -12.29
CA THR C 148 21.91 31.63 -13.35
C THR C 148 20.77 32.51 -12.86
N LEU C 149 20.24 32.20 -11.68
CA LEU C 149 19.14 32.98 -11.14
C LEU C 149 19.57 34.42 -10.86
N ARG C 150 20.80 34.60 -10.37
CA ARG C 150 21.32 35.95 -10.16
C ARG C 150 21.50 36.67 -11.49
N LYS C 151 21.93 35.94 -12.52
CA LYS C 151 22.08 36.55 -13.85
C LYS C 151 20.73 36.99 -14.41
N ILE C 152 19.69 36.20 -14.18
CA ILE C 152 18.35 36.58 -14.66
C ILE C 152 17.91 37.88 -14.03
N GLY C 153 18.12 38.02 -12.72
CA GLY C 153 17.76 39.23 -12.00
C GLY C 153 16.92 38.96 -10.78
N VAL C 154 16.58 37.69 -10.54
CA VAL C 154 15.75 37.31 -9.42
C VAL C 154 16.29 36.05 -8.75
N TYR C 155 16.91 36.22 -7.58
CA TYR C 155 17.44 35.11 -6.79
C TYR C 155 16.86 35.18 -5.39
N ASN C 156 16.34 34.05 -4.92
CA ASN C 156 15.80 33.92 -3.57
C ASN C 156 16.48 32.73 -2.90
N LYS C 157 17.32 33.01 -1.90
CA LYS C 157 18.10 31.96 -1.27
C LYS C 157 17.23 30.98 -0.49
N ASN C 158 15.99 31.34 -0.20
CA ASN C 158 15.08 30.48 0.54
C ASN C 158 14.26 29.57 -0.36
N LYS C 159 14.39 29.69 -1.68
CA LYS C 159 13.62 28.90 -2.63
C LYS C 159 14.53 28.18 -3.60
N LEU C 160 15.73 27.80 -3.15
CA LEU C 160 16.66 27.01 -3.96
C LEU C 160 17.26 25.95 -3.05
N LEU C 161 16.94 24.68 -3.33
CA LEU C 161 17.33 23.58 -2.48
C LEU C 161 18.01 22.50 -3.32
N GLY C 162 19.04 21.89 -2.74
CA GLY C 162 19.68 20.73 -3.33
C GLY C 162 19.28 19.48 -2.58
N VAL C 163 18.83 18.48 -3.33
CA VAL C 163 18.32 17.25 -2.71
C VAL C 163 19.49 16.37 -2.31
N SER C 164 19.88 16.44 -1.05
CA SER C 164 20.91 15.57 -0.49
C SER C 164 20.33 14.60 0.54
N LEU C 165 19.07 14.21 0.36
CA LEU C 165 18.38 13.37 1.32
C LEU C 165 18.81 11.90 1.23
N LEU C 166 19.44 11.51 0.11
CA LEU C 166 19.82 10.12 -0.07
C LEU C 166 20.83 9.65 0.97
N ASP C 167 21.67 10.57 1.48
CA ASP C 167 22.61 10.20 2.54
C ASP C 167 21.90 9.92 3.86
N GLY C 168 20.74 10.55 4.10
CA GLY C 168 19.98 10.24 5.30
C GLY C 168 19.42 8.83 5.29
N LEU C 169 18.87 8.40 4.16
CA LEU C 169 18.31 7.06 4.08
C LEU C 169 19.37 5.99 4.28
N ARG C 170 20.54 6.17 3.66
CA ARG C 170 21.61 5.18 3.79
C ARG C 170 22.10 5.09 5.23
N ALA C 171 22.34 6.25 5.86
CA ALA C 171 22.81 6.25 7.24
C ALA C 171 21.78 5.64 8.18
N THR C 172 20.50 5.99 8.00
CA THR C 172 19.44 5.43 8.83
C THR C 172 19.37 3.91 8.66
N ARG C 173 19.42 3.44 7.41
CA ARG C 173 19.34 2.00 7.17
C ARG C 173 20.51 1.27 7.81
N PHE C 174 21.72 1.80 7.66
CA PHE C 174 22.89 1.10 8.19
C PHE C 174 22.90 1.09 9.71
N ILE C 175 22.55 2.23 10.34
CA ILE C 175 22.53 2.27 11.80
C ILE C 175 21.38 1.43 12.35
N ASN C 176 20.28 1.29 11.61
CA ASN C 176 19.18 0.43 12.06
C ASN C 176 19.55 -1.03 11.94
N ASN C 177 20.26 -1.41 10.86
CA ASN C 177 20.75 -2.77 10.75
C ASN C 177 21.74 -3.10 11.87
N ALA C 178 22.62 -2.15 12.20
CA ALA C 178 23.63 -2.41 13.21
C ALA C 178 23.05 -2.42 14.63
N ARG C 179 21.91 -1.78 14.86
CA ARG C 179 21.40 -1.62 16.21
C ARG C 179 20.01 -2.21 16.40
N HIS C 180 19.69 -3.28 15.66
CA HIS C 180 18.38 -3.91 15.74
C HIS C 180 18.20 -4.53 17.11
N PRO C 181 16.99 -4.50 17.71
CA PRO C 181 15.71 -3.98 17.20
C PRO C 181 15.44 -2.52 17.55
N LEU C 182 16.42 -1.77 18.04
CA LEU C 182 16.23 -0.38 18.41
C LEU C 182 16.31 0.49 17.16
N VAL C 183 15.19 1.12 16.80
CA VAL C 183 15.03 1.81 15.52
C VAL C 183 14.99 3.32 15.77
N VAL C 184 15.64 4.07 14.89
CA VAL C 184 15.67 5.52 14.94
C VAL C 184 15.05 6.04 13.64
N PRO C 185 14.15 7.03 13.70
CA PRO C 185 13.51 7.51 12.46
C PRO C 185 14.46 8.11 11.43
N TYR C 186 15.53 8.78 11.86
CA TYR C 186 16.39 9.47 10.92
C TYR C 186 17.76 9.67 11.54
N VAL C 187 18.72 10.02 10.69
CA VAL C 187 20.10 10.29 11.12
C VAL C 187 20.57 11.60 10.49
N PRO C 188 21.03 12.58 11.28
CA PRO C 188 21.53 13.82 10.70
C PRO C 188 22.77 13.58 9.82
N VAL C 189 22.84 14.32 8.72
CA VAL C 189 23.98 14.26 7.80
C VAL C 189 24.26 15.67 7.30
N VAL C 190 25.49 16.14 7.51
CA VAL C 190 25.87 17.49 7.11
C VAL C 190 27.09 17.43 6.18
N GLY C 191 27.57 18.59 5.77
CA GLY C 191 28.76 18.67 4.93
C GLY C 191 28.46 18.88 3.46
N GLY C 192 28.65 17.84 2.67
CA GLY C 192 28.36 17.89 1.25
C GLY C 192 27.65 16.66 0.76
N HIS C 193 27.89 16.25 -0.48
CA HIS C 193 27.21 15.10 -1.05
C HIS C 193 28.11 14.07 -1.74
N SER C 194 29.21 14.48 -2.37
CA SER C 194 29.83 13.61 -3.37
C SER C 194 30.46 12.32 -2.84
N ASP C 195 31.65 12.39 -2.25
CA ASP C 195 32.32 11.20 -1.75
C ASP C 195 32.77 11.32 -0.30
N VAL C 196 33.60 12.33 0.01
CA VAL C 196 34.15 12.49 1.37
C VAL C 196 33.55 13.67 2.09
N THR C 197 32.68 14.42 1.43
CA THR C 197 32.00 15.55 2.04
C THR C 197 30.74 15.13 2.80
N ILE C 198 30.43 13.83 2.82
CA ILE C 198 29.32 13.31 3.62
C ILE C 198 29.82 13.08 5.03
N VAL C 199 29.19 13.72 6.01
CA VAL C 199 29.56 13.56 7.40
C VAL C 199 28.33 13.16 8.21
N PRO C 200 28.06 11.88 8.38
CA PRO C 200 26.97 11.48 9.28
C PRO C 200 27.31 11.77 10.73
N LEU C 201 26.30 12.23 11.47
CA LEU C 201 26.46 12.57 12.88
C LEU C 201 25.64 11.57 13.70
N TYR C 202 26.23 10.41 13.97
CA TYR C 202 25.57 9.43 14.82
C TYR C 202 25.59 9.81 16.29
N SER C 203 26.37 10.83 16.66
CA SER C 203 26.45 11.23 18.06
C SER C 203 25.12 11.74 18.57
N GLN C 204 24.42 12.55 17.76
CA GLN C 204 23.18 13.18 18.19
C GLN C 204 21.96 12.40 17.72
N ILE C 205 21.91 11.13 18.09
CA ILE C 205 20.70 10.32 17.94
C ILE C 205 20.49 9.55 19.23
N PRO C 206 19.26 9.27 19.62
CA PRO C 206 19.02 8.54 20.89
C PRO C 206 19.54 7.11 20.82
N GLY C 207 20.00 6.63 21.97
CA GLY C 207 20.39 5.24 22.10
C GLY C 207 21.86 5.03 22.37
N PRO C 208 22.20 3.84 22.84
CA PRO C 208 23.61 3.49 23.07
C PRO C 208 24.34 3.06 21.81
N LEU C 209 24.95 4.03 21.11
CA LEU C 209 25.74 3.81 19.90
C LEU C 209 26.62 2.57 20.03
N PRO C 210 26.80 1.79 18.94
CA PRO C 210 27.40 0.45 19.07
C PRO C 210 28.78 0.43 19.70
N ASP C 211 29.75 1.07 19.03
CA ASP C 211 31.14 1.06 19.47
C ASP C 211 31.98 1.88 18.49
N GLU C 212 33.15 2.34 18.91
CA GLU C 212 34.10 2.93 17.97
C GLU C 212 34.81 1.81 17.23
N SER C 213 35.49 2.16 16.13
CA SER C 213 36.14 1.22 15.23
C SER C 213 35.10 0.33 14.53
N THR C 214 33.83 0.57 14.83
CA THR C 214 32.68 0.02 14.13
C THR C 214 31.81 1.10 13.54
N LEU C 215 31.69 2.24 14.23
CA LEU C 215 31.10 3.42 13.62
C LEU C 215 31.97 3.93 12.47
N LYS C 216 33.27 3.69 12.54
CA LYS C 216 34.17 4.15 11.48
C LYS C 216 33.85 3.48 10.16
N GLU C 217 33.67 2.15 10.18
CA GLU C 217 33.36 1.45 8.94
C GLU C 217 31.96 1.75 8.44
N ILE C 218 31.00 1.96 9.34
CA ILE C 218 29.66 2.38 8.92
C ILE C 218 29.72 3.74 8.23
N ARG C 219 30.46 4.68 8.83
CA ARG C 219 30.61 6.01 8.23
C ARG C 219 31.28 5.93 6.87
N LYS C 220 32.35 5.14 6.76
CA LYS C 220 33.03 4.99 5.49
C LYS C 220 32.11 4.35 4.44
N ARG C 221 31.31 3.37 4.86
CA ARG C 221 30.36 2.74 3.94
C ARG C 221 29.33 3.75 3.45
N VAL C 222 28.85 4.62 4.34
CA VAL C 222 27.95 5.68 3.90
C VAL C 222 28.64 6.60 2.90
N GLN C 223 29.93 6.86 3.12
CA GLN C 223 30.66 7.78 2.25
C GLN C 223 30.75 7.25 0.82
N VAL C 224 31.00 5.95 0.66
CA VAL C 224 31.23 5.38 -0.67
C VAL C 224 30.19 4.33 -1.01
N ALA C 225 28.95 4.54 -0.56
CA ALA C 225 27.87 3.61 -0.91
C ALA C 225 27.37 3.80 -2.33
N GLY C 226 27.63 4.95 -2.95
CA GLY C 226 27.17 5.17 -4.31
C GLY C 226 27.84 4.27 -5.33
N THR C 227 29.16 4.13 -5.23
CA THR C 227 29.90 3.30 -6.18
C THR C 227 29.67 1.82 -5.97
N GLU C 228 29.19 1.42 -4.79
CA GLU C 228 28.88 0.01 -4.54
C GLU C 228 27.76 -0.46 -5.45
N VAL C 229 26.75 0.39 -5.68
CA VAL C 229 25.65 0.04 -6.58
C VAL C 229 26.18 -0.17 -7.99
N VAL C 230 27.04 0.74 -8.46
CA VAL C 230 27.61 0.64 -9.80
C VAL C 230 28.45 -0.63 -9.92
N LYS C 231 29.21 -0.96 -8.88
CA LYS C 231 29.99 -2.20 -8.89
C LYS C 231 29.08 -3.41 -8.97
N ALA C 232 27.97 -3.39 -8.24
CA ALA C 232 27.00 -4.48 -8.30
C ALA C 232 26.20 -4.50 -9.60
N LYS C 233 26.23 -3.41 -10.36
CA LYS C 233 25.51 -3.32 -11.63
C LYS C 233 26.41 -3.56 -12.82
N ALA C 234 27.66 -4.01 -12.59
CA ALA C 234 28.64 -4.25 -13.64
C ALA C 234 28.93 -3.01 -14.46
N GLY C 235 28.84 -1.84 -13.83
CA GLY C 235 29.13 -0.59 -14.52
C GLY C 235 28.13 -0.21 -15.59
N ARG C 236 26.94 -0.81 -15.56
CA ARG C 236 25.92 -0.55 -16.57
C ARG C 236 24.98 0.58 -16.19
N GLY C 237 25.08 1.12 -14.97
CA GLY C 237 24.21 2.21 -14.56
C GLY C 237 24.59 2.79 -13.21
N SER C 238 23.59 3.14 -12.42
CA SER C 238 23.81 3.72 -11.09
C SER C 238 22.54 3.49 -10.27
N ALA C 239 22.52 4.05 -9.05
CA ALA C 239 21.36 3.95 -8.18
C ALA C 239 20.23 4.81 -8.74
N THR C 240 19.21 4.17 -9.31
CA THR C 240 18.12 4.87 -9.97
C THR C 240 16.78 4.70 -9.24
N LEU C 241 16.67 3.77 -8.31
CA LEU C 241 15.43 3.54 -7.57
C LEU C 241 15.39 4.25 -6.22
N SER C 242 16.53 4.31 -5.52
CA SER C 242 16.58 5.05 -4.25
C SER C 242 16.65 6.55 -4.48
N MET C 243 17.29 7.00 -5.56
CA MET C 243 17.31 8.42 -5.88
C MET C 243 15.91 8.93 -6.15
N ALA C 244 15.10 8.15 -6.86
CA ALA C 244 13.71 8.53 -7.12
C ALA C 244 12.93 8.65 -5.82
N GLU C 245 13.12 7.70 -4.90
CA GLU C 245 12.42 7.75 -3.62
C GLU C 245 12.83 8.98 -2.81
N ALA C 246 14.14 9.26 -2.76
CA ALA C 246 14.60 10.43 -2.01
C ALA C 246 14.06 11.73 -2.62
N GLY C 247 14.09 11.84 -3.95
CA GLY C 247 13.56 13.03 -4.60
C GLY C 247 12.07 13.20 -4.36
N ALA C 248 11.31 12.10 -4.44
CA ALA C 248 9.88 12.17 -4.19
C ALA C 248 9.59 12.58 -2.76
N ARG C 249 10.32 12.03 -1.79
CA ARG C 249 10.09 12.39 -0.40
C ARG C 249 10.41 13.86 -0.14
N PHE C 250 11.52 14.36 -0.69
CA PHE C 250 11.86 15.77 -0.50
C PHE C 250 10.84 16.68 -1.18
N THR C 251 10.37 16.30 -2.38
CA THR C 251 9.36 17.09 -3.05
C THR C 251 8.06 17.11 -2.28
N MET C 252 7.71 15.98 -1.65
CA MET C 252 6.53 15.95 -0.79
C MET C 252 6.69 16.87 0.40
N HIS C 253 7.87 16.88 1.03
CA HIS C 253 8.10 17.81 2.14
C HIS C 253 7.92 19.26 1.68
N VAL C 254 8.53 19.62 0.55
CA VAL C 254 8.43 21.00 0.07
C VAL C 254 6.99 21.35 -0.28
N VAL C 255 6.27 20.47 -0.97
CA VAL C 255 4.90 20.74 -1.37
C VAL C 255 4.00 20.90 -0.15
N LYS C 256 4.12 19.98 0.81
CA LYS C 256 3.29 20.04 2.01
C LYS C 256 3.57 21.29 2.82
N ALA C 257 4.84 21.68 2.95
CA ALA C 257 5.16 22.91 3.66
C ALA C 257 4.70 24.15 2.91
N LEU C 258 4.59 24.06 1.57
CA LEU C 258 4.23 25.23 0.78
C LEU C 258 2.76 25.61 0.96
N MET C 259 1.87 24.63 1.12
CA MET C 259 0.44 24.91 1.29
C MET C 259 0.04 25.06 2.75
N GLY C 260 0.98 24.97 3.68
CA GLY C 260 0.67 25.16 5.08
C GLY C 260 0.22 23.94 5.83
N LEU C 261 0.46 22.74 5.29
CA LEU C 261 0.04 21.51 5.93
C LEU C 261 1.13 20.90 6.81
N ASP C 262 2.30 21.52 6.89
CA ASP C 262 3.38 21.05 7.76
C ASP C 262 4.44 22.13 7.84
N THR C 263 5.32 21.98 8.84
CA THR C 263 6.53 22.80 8.99
C THR C 263 7.68 21.86 9.28
N PRO C 264 8.16 21.12 8.29
CA PRO C 264 9.15 20.07 8.55
C PRO C 264 10.57 20.61 8.71
N MET C 265 11.36 19.88 9.47
CA MET C 265 12.79 20.14 9.62
C MET C 265 13.55 19.11 8.80
N VAL C 266 14.31 19.58 7.82
CA VAL C 266 14.98 18.71 6.86
C VAL C 266 16.43 19.17 6.72
N TYR C 267 17.23 18.31 6.08
CA TYR C 267 18.63 18.58 5.78
C TYR C 267 18.75 18.71 4.27
N ALA C 268 19.11 19.90 3.79
CA ALA C 268 19.21 20.16 2.35
C ALA C 268 20.43 21.01 2.06
N TYR C 269 21.01 20.79 0.89
CA TYR C 269 22.15 21.58 0.41
C TYR C 269 21.63 22.95 0.00
N VAL C 270 21.77 23.94 0.88
CA VAL C 270 21.15 25.24 0.70
C VAL C 270 22.21 26.33 0.80
N ASP C 271 21.80 27.55 0.51
CA ASP C 271 22.67 28.72 0.58
C ASP C 271 22.89 29.08 2.05
N THR C 272 24.15 29.16 2.45
CA THR C 272 24.50 29.53 3.82
C THR C 272 24.67 31.03 3.96
N ASP C 273 23.58 31.77 4.08
CA ASP C 273 23.69 33.20 4.33
C ASP C 273 24.23 33.43 5.75
N GLY C 274 25.31 34.19 5.85
CA GLY C 274 26.01 34.33 7.11
C GLY C 274 26.46 32.97 7.62
N GLU C 275 26.09 32.67 8.87
CA GLU C 275 26.37 31.39 9.53
C GLU C 275 27.74 30.81 9.18
N HIS C 276 27.73 29.60 8.62
CA HIS C 276 28.97 28.89 8.32
C HIS C 276 29.76 29.63 7.24
N GLU C 277 31.10 29.51 7.34
CA GLU C 277 31.98 30.19 6.38
C GLU C 277 31.76 29.68 4.96
N CYS C 278 31.53 28.38 4.82
CA CYS C 278 31.25 27.81 3.50
C CYS C 278 29.92 28.34 2.99
N PRO C 279 29.86 28.93 1.79
CA PRO C 279 28.63 29.60 1.35
C PRO C 279 27.49 28.66 0.99
N PHE C 280 27.75 27.38 0.74
CA PHE C 280 26.70 26.46 0.27
C PHE C 280 26.78 25.13 1.01
N LEU C 281 26.80 25.17 2.34
CA LEU C 281 26.84 23.93 3.10
C LEU C 281 25.48 23.24 3.08
N ALA C 282 25.41 22.08 3.74
CA ALA C 282 24.19 21.30 3.89
C ALA C 282 23.89 21.18 5.38
N MET C 283 22.99 22.01 5.89
CA MET C 283 22.65 22.09 7.30
C MET C 283 21.15 21.95 7.50
N PRO C 284 20.71 21.62 8.72
CA PRO C 284 19.27 21.52 8.96
C PRO C 284 18.55 22.85 8.75
N VAL C 285 17.36 22.76 8.16
CA VAL C 285 16.51 23.93 7.91
C VAL C 285 15.08 23.57 8.26
N VAL C 286 14.26 24.61 8.42
CA VAL C 286 12.82 24.46 8.66
C VAL C 286 12.08 25.07 7.48
N LEU C 287 11.25 24.26 6.84
CA LEU C 287 10.52 24.70 5.66
C LEU C 287 9.19 25.33 6.05
N GLY C 288 8.77 26.32 5.27
CA GLY C 288 7.54 27.03 5.57
C GLY C 288 6.78 27.51 4.35
N LYS C 289 5.95 28.54 4.54
CA LYS C 289 5.13 29.04 3.45
C LYS C 289 5.96 29.69 2.36
N ASN C 290 7.12 30.25 2.72
CA ASN C 290 7.96 30.99 1.78
C ASN C 290 9.26 30.27 1.45
N GLY C 291 9.32 28.95 1.67
CA GLY C 291 10.53 28.20 1.43
C GLY C 291 11.27 27.85 2.69
N ILE C 292 12.39 28.53 2.94
CA ILE C 292 13.17 28.35 4.15
C ILE C 292 12.87 29.48 5.11
N GLU C 293 12.64 29.15 6.38
CA GLU C 293 12.34 30.16 7.39
C GLU C 293 13.23 30.10 8.62
N ARG C 294 14.05 29.07 8.79
CA ARG C 294 14.90 28.97 9.97
C ARG C 294 16.13 28.15 9.62
N ARG C 295 17.30 28.78 9.69
CA ARG C 295 18.57 28.06 9.54
C ARG C 295 19.03 27.59 10.91
N LEU C 296 19.20 26.29 11.06
CA LEU C 296 19.56 25.80 12.39
C LEU C 296 21.06 25.48 12.45
N PRO C 297 21.68 25.71 13.60
CA PRO C 297 23.09 25.36 13.75
C PRO C 297 23.29 23.85 13.76
N ILE C 298 24.52 23.43 13.45
CA ILE C 298 24.83 22.00 13.37
C ILE C 298 24.64 21.34 14.72
N GLY C 299 25.11 21.99 15.79
CA GLY C 299 24.97 21.44 17.13
C GLY C 299 26.26 20.87 17.66
N PRO C 300 26.20 20.23 18.82
CA PRO C 300 27.40 19.62 19.40
C PRO C 300 27.97 18.53 18.50
N ILE C 301 29.30 18.46 18.46
CA ILE C 301 30.02 17.54 17.58
C ILE C 301 31.24 17.02 18.32
N THR C 302 31.49 15.72 18.22
CA THR C 302 32.63 15.11 18.89
C THR C 302 33.93 15.44 18.13
N THR C 303 35.05 15.11 18.78
CA THR C 303 36.35 15.42 18.18
C THR C 303 36.59 14.62 16.90
N VAL C 304 36.03 13.41 16.80
CA VAL C 304 36.20 12.62 15.60
C VAL C 304 35.50 13.28 14.42
N GLU C 305 34.28 13.80 14.63
CA GLU C 305 33.51 14.40 13.56
C GLU C 305 33.99 15.79 13.19
N LYS C 306 34.75 16.46 14.07
CA LYS C 306 35.20 17.82 13.79
C LYS C 306 36.19 17.84 12.64
N GLU C 307 37.17 16.94 12.64
CA GLU C 307 38.12 16.88 11.54
C GLU C 307 37.45 16.40 10.25
N MET C 308 36.48 15.49 10.36
CA MET C 308 35.72 15.07 9.20
C MET C 308 35.02 16.26 8.55
N LEU C 309 34.35 17.09 9.36
CA LEU C 309 33.69 18.28 8.83
C LEU C 309 34.69 19.29 8.29
N GLU C 310 35.86 19.41 8.91
CA GLU C 310 36.89 20.30 8.38
C GLU C 310 37.32 19.88 6.98
N GLU C 311 37.61 18.59 6.79
CA GLU C 311 37.97 18.10 5.46
C GLU C 311 36.82 18.28 4.49
N ALA C 312 35.59 18.01 4.94
CA ALA C 312 34.42 18.15 4.10
C ALA C 312 34.28 19.57 3.57
N VAL C 313 34.36 20.57 4.45
CA VAL C 313 34.20 21.96 4.01
C VAL C 313 35.38 22.36 3.14
N GLY C 314 36.56 21.81 3.43
CA GLY C 314 37.71 22.08 2.60
C GLY C 314 37.53 21.64 1.16
N VAL C 315 36.88 20.49 0.97
CA VAL C 315 36.62 20.02 -0.39
C VAL C 315 35.43 20.76 -1.01
N VAL C 316 34.41 21.07 -0.21
CA VAL C 316 33.22 21.73 -0.72
C VAL C 316 33.54 23.13 -1.24
N LYS C 317 34.49 23.81 -0.59
CA LYS C 317 34.90 25.12 -1.08
C LYS C 317 35.44 25.03 -2.51
N LYS C 318 36.30 24.04 -2.78
CA LYS C 318 36.83 23.86 -4.13
C LYS C 318 35.73 23.47 -5.10
N ASN C 319 34.79 22.63 -4.67
CA ASN C 319 33.69 22.24 -5.56
C ASN C 319 32.86 23.45 -5.96
N ILE C 320 32.53 24.31 -5.00
CA ILE C 320 31.75 25.52 -5.29
C ILE C 320 32.55 26.44 -6.20
N ALA C 321 33.86 26.56 -5.97
CA ALA C 321 34.69 27.39 -6.84
C ALA C 321 34.67 26.89 -8.27
N LYS C 322 34.78 25.57 -8.46
CA LYS C 322 34.71 25.01 -9.81
C LYS C 322 33.38 25.27 -10.47
N GLY C 323 32.29 25.07 -9.72
CA GLY C 323 30.97 25.32 -10.28
C GLY C 323 30.77 26.77 -10.69
N GLU C 324 31.20 27.71 -9.83
CA GLU C 324 31.08 29.13 -10.16
C GLU C 324 31.94 29.50 -11.36
N THR C 325 33.16 28.96 -11.43
CA THR C 325 34.02 29.26 -12.57
C THR C 325 33.41 28.77 -13.88
N PHE C 326 32.82 27.57 -13.87
CA PHE C 326 32.14 27.10 -15.07
C PHE C 326 30.95 27.99 -15.40
N ALA C 327 30.15 28.34 -14.40
CA ALA C 327 28.92 29.10 -14.63
C ALA C 327 29.22 30.51 -15.10
N ARG C 328 30.43 31.02 -14.81
CA ARG C 328 30.80 32.37 -15.20
C ARG C 328 31.62 32.43 -16.49
N SER C 329 31.80 31.30 -17.18
CA SER C 329 32.56 31.31 -18.43
C SER C 329 31.66 31.72 -19.60
N MET D 9 -6.25 27.55 8.73
CA MET D 9 -7.01 27.84 7.52
C MET D 9 -8.52 27.67 7.72
N VAL D 10 -8.91 26.82 8.67
CA VAL D 10 -10.32 26.60 8.98
C VAL D 10 -10.53 26.73 10.48
N ASN D 11 -11.70 27.24 10.86
CA ASN D 11 -12.08 27.42 12.26
C ASN D 11 -13.35 26.64 12.50
N VAL D 12 -13.29 25.66 13.40
CA VAL D 12 -14.42 24.79 13.71
C VAL D 12 -14.87 25.06 15.13
N ALA D 13 -16.14 25.38 15.30
CA ALA D 13 -16.73 25.66 16.61
C ALA D 13 -17.67 24.53 17.00
N VAL D 14 -17.48 23.99 18.19
CA VAL D 14 -18.35 22.96 18.75
C VAL D 14 -19.18 23.62 19.83
N ILE D 15 -20.49 23.71 19.62
CA ILE D 15 -21.40 24.33 20.58
C ILE D 15 -21.95 23.23 21.49
N GLY D 16 -21.72 23.37 22.79
CA GLY D 16 -22.08 22.33 23.73
C GLY D 16 -20.99 21.29 23.84
N ALA D 17 -19.76 21.73 24.04
CA ALA D 17 -18.59 20.86 24.03
C ALA D 17 -18.34 20.19 25.37
N ALA D 18 -19.08 20.53 26.42
CA ALA D 18 -18.88 19.96 27.74
C ALA D 18 -19.93 18.92 28.11
N GLY D 19 -20.76 18.50 27.16
CA GLY D 19 -21.76 17.47 27.44
C GLY D 19 -21.20 16.07 27.33
N GLY D 20 -22.05 15.11 26.99
CA GLY D 20 -21.61 13.74 26.83
C GLY D 20 -21.20 13.42 25.41
N ILE D 21 -21.87 14.05 24.45
CA ILE D 21 -21.50 13.88 23.04
C ILE D 21 -20.42 14.88 22.64
N GLY D 22 -20.51 16.11 23.15
CA GLY D 22 -19.58 17.15 22.75
C GLY D 22 -18.15 16.86 23.17
N GLN D 23 -17.96 16.25 24.34
CA GLN D 23 -16.61 15.95 24.81
C GLN D 23 -15.90 14.97 23.89
N SER D 24 -16.52 13.84 23.58
CA SER D 24 -15.96 12.87 22.66
C SER D 24 -15.84 13.40 21.25
N LEU D 25 -16.82 14.19 20.78
CA LEU D 25 -16.71 14.80 19.47
C LEU D 25 -15.52 15.76 19.39
N SER D 26 -15.28 16.55 20.44
CA SER D 26 -14.14 17.44 20.47
C SER D 26 -12.83 16.68 20.48
N LEU D 27 -12.77 15.59 21.27
CA LEU D 27 -11.56 14.77 21.28
C LEU D 27 -11.27 14.18 19.90
N LEU D 28 -12.29 13.61 19.25
CA LEU D 28 -12.11 13.04 17.92
C LEU D 28 -11.79 14.09 16.86
N LEU D 29 -12.32 15.31 17.00
CA LEU D 29 -11.97 16.36 16.05
C LEU D 29 -10.54 16.83 16.25
N LEU D 30 -10.09 16.94 17.50
CA LEU D 30 -8.70 17.32 17.75
C LEU D 30 -7.75 16.28 17.20
N ARG D 31 -8.09 15.00 17.36
CA ARG D 31 -7.21 13.95 16.85
C ARG D 31 -7.17 13.88 15.32
N GLU D 32 -8.12 14.49 14.61
CA GLU D 32 -8.19 14.34 13.16
C GLU D 32 -8.16 15.65 12.37
N LEU D 33 -8.33 16.80 12.99
CA LEU D 33 -8.31 18.06 12.26
C LEU D 33 -6.95 18.27 11.61
N PRO D 34 -6.89 18.89 10.44
CA PRO D 34 -5.60 19.05 9.75
C PRO D 34 -4.64 20.00 10.45
N PHE D 35 -3.43 20.12 9.92
CA PHE D 35 -2.42 21.01 10.46
C PHE D 35 -2.79 22.45 10.15
N GLY D 36 -2.77 23.30 11.16
CA GLY D 36 -3.10 24.70 11.00
C GLY D 36 -4.52 25.08 11.32
N SER D 37 -5.32 24.17 11.87
CA SER D 37 -6.72 24.42 12.18
C SER D 37 -6.87 24.84 13.64
N THR D 38 -7.97 25.53 13.93
CA THR D 38 -8.30 25.95 15.28
C THR D 38 -9.61 25.31 15.71
N LEU D 39 -9.68 24.93 16.98
CA LEU D 39 -10.87 24.31 17.56
C LEU D 39 -11.44 25.27 18.60
N SER D 40 -12.70 25.67 18.42
CA SER D 40 -13.39 26.54 19.36
C SER D 40 -14.46 25.74 20.10
N LEU D 41 -14.48 25.87 21.42
CA LEU D 41 -15.39 25.10 22.27
C LEU D 41 -16.20 26.04 23.14
N TYR D 42 -17.51 25.84 23.17
CA TYR D 42 -18.42 26.65 23.96
C TYR D 42 -19.41 25.76 24.67
N ASP D 43 -19.77 26.14 25.89
CA ASP D 43 -20.83 25.49 26.65
C ASP D 43 -21.21 26.39 27.81
N VAL D 44 -22.43 26.20 28.31
CA VAL D 44 -22.93 27.00 29.43
C VAL D 44 -22.16 26.71 30.71
N VAL D 45 -21.77 25.46 30.94
CA VAL D 45 -21.00 25.09 32.12
C VAL D 45 -20.03 23.98 31.79
N GLY D 46 -18.75 24.18 32.10
CA GLY D 46 -17.76 23.13 31.93
C GLY D 46 -16.80 23.36 30.79
N ALA D 47 -16.99 24.44 30.02
CA ALA D 47 -16.08 24.72 28.91
C ALA D 47 -14.67 25.02 29.38
N PRO D 48 -14.43 25.83 30.45
CA PRO D 48 -13.05 26.04 30.91
C PRO D 48 -12.30 24.75 31.22
N GLY D 49 -12.99 23.76 31.79
CA GLY D 49 -12.37 22.51 32.17
C GLY D 49 -12.24 21.50 31.05
N VAL D 50 -12.81 21.73 29.88
CA VAL D 50 -12.67 20.84 28.74
C VAL D 50 -11.58 21.41 27.83
N ALA D 51 -11.52 22.74 27.76
CA ALA D 51 -10.50 23.38 26.94
C ALA D 51 -9.10 23.09 27.47
N ALA D 52 -8.90 23.25 28.78
CA ALA D 52 -7.60 22.93 29.35
C ALA D 52 -7.52 21.45 29.68
N ASP D 53 -7.95 20.63 28.73
CA ASP D 53 -7.74 19.18 28.75
C ASP D 53 -7.28 18.62 27.42
N LEU D 54 -7.64 19.24 26.30
CA LEU D 54 -7.13 18.90 24.98
C LEU D 54 -5.92 19.73 24.60
N SER D 55 -5.66 20.83 25.30
CA SER D 55 -4.46 21.63 25.08
C SER D 55 -3.21 21.00 25.66
N HIS D 56 -3.36 19.95 26.48
CA HIS D 56 -2.22 19.19 26.98
C HIS D 56 -1.80 18.07 26.04
N ILE D 57 -2.59 17.80 25.00
CA ILE D 57 -2.21 16.86 23.95
C ILE D 57 -1.41 17.62 22.91
N ASP D 58 -0.32 17.02 22.43
CA ASP D 58 0.65 17.74 21.60
C ASP D 58 0.01 18.32 20.34
N ARG D 59 -0.41 17.46 19.40
CA ARG D 59 -1.16 17.85 18.21
C ARG D 59 -0.64 19.16 17.62
N ALA D 60 0.62 19.11 17.15
CA ALA D 60 1.27 20.32 16.65
C ALA D 60 0.46 20.93 15.50
N GLY D 61 0.28 22.25 15.56
CA GLY D 61 -0.39 23.00 14.53
C GLY D 61 -1.84 23.34 14.83
N ILE D 62 -2.38 22.88 15.95
CA ILE D 62 -3.78 23.09 16.30
C ILE D 62 -3.86 23.92 17.56
N THR D 63 -4.66 24.99 17.53
CA THR D 63 -4.89 25.85 18.67
C THR D 63 -6.30 25.63 19.19
N VAL D 64 -6.44 25.52 20.51
CA VAL D 64 -7.72 25.22 21.14
C VAL D 64 -8.17 26.48 21.87
N LYS D 65 -9.14 27.17 21.29
CA LYS D 65 -9.77 28.30 21.98
C LYS D 65 -11.04 27.83 22.68
N HIS D 66 -11.60 28.71 23.51
CA HIS D 66 -12.82 28.42 24.23
C HIS D 66 -13.47 29.70 24.72
N ALA D 67 -14.71 29.59 25.16
CA ALA D 67 -15.47 30.68 25.74
C ALA D 67 -16.56 30.13 26.65
N ALA D 68 -16.71 30.72 27.83
CA ALA D 68 -17.67 30.25 28.82
C ALA D 68 -18.83 31.23 28.93
N GLY D 69 -20.05 30.70 28.90
CA GLY D 69 -21.25 31.49 29.05
C GLY D 69 -21.74 31.47 30.48
N LYS D 70 -22.53 32.48 30.84
CA LYS D 70 -23.06 32.57 32.19
C LYS D 70 -23.96 31.38 32.49
N LEU D 71 -23.83 30.85 33.71
CA LEU D 71 -24.60 29.66 34.11
C LEU D 71 -26.11 29.85 33.97
N PRO D 72 -26.70 30.98 34.37
CA PRO D 72 -28.08 31.26 33.98
C PRO D 72 -28.13 31.68 32.52
N PRO D 73 -28.72 30.86 31.65
CA PRO D 73 -28.68 31.17 30.22
C PRO D 73 -29.36 32.49 29.90
N VAL D 74 -28.75 33.24 28.99
CA VAL D 74 -29.30 34.53 28.55
C VAL D 74 -29.28 34.60 27.03
N PRO D 75 -30.26 35.28 26.46
CA PRO D 75 -30.25 35.51 25.01
C PRO D 75 -29.04 36.34 24.59
N ARG D 76 -28.48 35.99 23.43
CA ARG D 76 -27.33 36.70 22.87
C ARG D 76 -26.19 36.82 23.87
N ASP D 77 -25.63 35.69 24.28
CA ASP D 77 -24.54 35.72 25.25
C ASP D 77 -23.35 36.48 24.67
N PRO D 78 -22.80 37.47 25.38
CA PRO D 78 -21.65 38.22 24.86
C PRO D 78 -20.41 37.36 24.65
N ALA D 79 -20.28 36.24 25.35
CA ALA D 79 -19.14 35.36 25.17
C ALA D 79 -19.22 34.59 23.85
N LEU D 80 -20.40 34.08 23.51
CA LEU D 80 -20.56 33.35 22.25
C LEU D 80 -20.42 34.28 21.05
N THR D 81 -20.80 35.55 21.20
CA THR D 81 -20.66 36.50 20.10
C THR D 81 -19.21 36.70 19.71
N GLU D 82 -18.31 36.75 20.70
CA GLU D 82 -16.89 36.93 20.41
C GLU D 82 -16.28 35.68 19.80
N LEU D 83 -16.65 34.50 20.32
CA LEU D 83 -16.10 33.25 19.78
C LEU D 83 -16.58 32.98 18.37
N ALA D 84 -17.79 33.44 18.02
CA ALA D 84 -18.36 33.17 16.71
C ALA D 84 -17.68 33.92 15.58
N GLU D 85 -16.78 34.87 15.89
CA GLU D 85 -16.12 35.63 14.84
C GLU D 85 -15.05 34.78 14.17
N GLY D 86 -15.11 34.72 12.84
CA GLY D 86 -14.13 33.98 12.07
C GLY D 86 -14.35 32.49 11.96
N VAL D 87 -15.49 31.99 12.44
CA VAL D 87 -15.76 30.55 12.41
C VAL D 87 -16.26 30.16 11.03
N ASP D 88 -15.76 29.03 10.51
CA ASP D 88 -16.12 28.54 9.19
C ASP D 88 -17.21 27.48 9.21
N VAL D 89 -17.27 26.65 10.24
CA VAL D 89 -18.31 25.62 10.37
C VAL D 89 -18.74 25.56 11.82
N PHE D 90 -20.06 25.50 12.05
CA PHE D 90 -20.63 25.40 13.37
C PHE D 90 -21.21 24.00 13.56
N VAL D 91 -20.95 23.39 14.71
CA VAL D 91 -21.50 22.09 15.06
C VAL D 91 -22.37 22.32 16.30
N ILE D 92 -23.68 22.13 16.14
CA ILE D 92 -24.63 22.40 17.20
C ILE D 92 -24.93 21.08 17.91
N VAL D 93 -24.30 20.87 19.07
CA VAL D 93 -24.43 19.62 19.80
C VAL D 93 -25.00 19.92 21.18
N ALA D 94 -25.79 20.98 21.28
CA ALA D 94 -26.33 21.43 22.57
C ALA D 94 -27.78 20.96 22.70
N GLY D 95 -27.99 20.00 23.59
CA GLY D 95 -29.33 19.51 23.86
C GLY D 95 -29.42 18.95 25.26
N VAL D 96 -30.54 19.22 25.91
CA VAL D 96 -30.73 18.74 27.28
C VAL D 96 -30.97 17.24 27.27
N PRO D 97 -30.31 16.46 28.14
CA PRO D 97 -30.53 15.02 28.23
C PRO D 97 -31.71 14.67 29.13
N ARG D 104 -42.35 13.48 24.89
CA ARG D 104 -41.48 13.73 23.75
C ARG D 104 -41.42 15.23 23.47
N ASP D 105 -42.58 15.87 23.43
CA ASP D 105 -42.65 17.31 23.16
C ASP D 105 -42.00 18.13 24.26
N ASP D 106 -41.98 17.64 25.50
CA ASP D 106 -41.26 18.31 26.58
C ASP D 106 -39.76 18.41 26.33
N LEU D 107 -39.22 17.56 25.46
CA LEU D 107 -37.86 17.71 24.95
C LEU D 107 -37.82 18.60 23.72
N PHE D 108 -38.81 18.47 22.84
CA PHE D 108 -38.82 19.21 21.59
C PHE D 108 -38.85 20.71 21.82
N ASN D 109 -39.70 21.19 22.73
CA ASN D 109 -39.82 22.63 22.92
C ASN D 109 -38.53 23.24 23.42
N VAL D 110 -37.91 22.64 24.44
CA VAL D 110 -36.69 23.19 25.00
C VAL D 110 -35.54 23.08 24.00
N ASN D 111 -35.43 21.94 23.29
CA ASN D 111 -34.38 21.80 22.31
C ASN D 111 -34.55 22.80 21.17
N ALA D 112 -35.79 23.03 20.74
CA ALA D 112 -36.05 24.00 19.69
C ALA D 112 -35.69 25.41 20.13
N GLY D 113 -36.04 25.78 21.36
CA GLY D 113 -35.65 27.09 21.87
C GLY D 113 -34.15 27.26 21.94
N ILE D 114 -33.44 26.22 22.40
CA ILE D 114 -31.99 26.29 22.50
C ILE D 114 -31.36 26.43 21.11
N VAL D 115 -31.84 25.64 20.15
CA VAL D 115 -31.30 25.70 18.79
C VAL D 115 -31.57 27.07 18.18
N MET D 116 -32.79 27.58 18.37
CA MET D 116 -33.13 28.92 17.87
C MET D 116 -32.18 29.97 18.41
N ASP D 117 -32.00 29.99 19.73
CA ASP D 117 -31.13 30.99 20.35
C ASP D 117 -29.69 30.86 19.86
N LEU D 118 -29.17 29.63 19.82
CA LEU D 118 -27.77 29.44 19.44
C LEU D 118 -27.52 29.83 18.00
N VAL D 119 -28.43 29.45 17.09
CA VAL D 119 -28.24 29.78 15.69
C VAL D 119 -28.38 31.28 15.47
N LEU D 120 -29.31 31.92 16.18
CA LEU D 120 -29.46 33.37 16.07
C LEU D 120 -28.19 34.08 16.56
N THR D 121 -27.59 33.59 17.63
CA THR D 121 -26.36 34.20 18.14
C THR D 121 -25.19 34.00 17.18
N CYS D 122 -25.03 32.77 16.68
CA CYS D 122 -23.86 32.45 15.87
C CYS D 122 -23.94 33.09 14.48
N ALA D 123 -25.09 32.99 13.83
CA ALA D 123 -25.22 33.46 12.45
C ALA D 123 -25.19 34.98 12.33
N SER D 124 -25.35 35.72 13.42
CA SER D 124 -25.28 37.17 13.37
C SER D 124 -23.85 37.69 13.21
N VAL D 125 -22.85 36.86 13.49
CA VAL D 125 -21.46 37.25 13.35
C VAL D 125 -20.80 36.56 12.15
N SER D 126 -21.21 35.32 11.87
CA SER D 126 -20.60 34.50 10.81
C SER D 126 -21.71 34.01 9.89
N PRO D 127 -22.24 34.88 9.02
CA PRO D 127 -23.36 34.49 8.16
C PRO D 127 -22.97 33.52 7.06
N ASN D 128 -21.68 33.37 6.75
CA ASN D 128 -21.22 32.55 5.64
C ASN D 128 -20.54 31.27 6.13
N ALA D 129 -21.11 30.65 7.17
CA ALA D 129 -20.55 29.46 7.76
C ALA D 129 -21.51 28.29 7.60
N CYS D 130 -20.96 27.09 7.51
CA CYS D 130 -21.76 25.88 7.45
C CYS D 130 -22.31 25.55 8.84
N PHE D 131 -23.57 25.11 8.88
CA PHE D 131 -24.21 24.69 10.12
C PHE D 131 -24.51 23.20 10.05
N CYS D 132 -24.05 22.46 11.05
CA CYS D 132 -24.28 21.02 11.16
C CYS D 132 -25.10 20.78 12.42
N ILE D 133 -26.38 20.47 12.25
CA ILE D 133 -27.28 20.28 13.38
C ILE D 133 -27.16 18.84 13.87
N VAL D 134 -26.82 18.67 15.14
CA VAL D 134 -26.69 17.35 15.76
C VAL D 134 -27.68 17.17 16.91
N THR D 135 -28.60 18.12 17.08
CA THR D 135 -29.63 18.04 18.11
C THR D 135 -30.61 16.94 17.72
N ASN D 136 -31.14 16.24 18.72
CA ASN D 136 -31.81 14.95 18.53
C ASN D 136 -32.98 15.00 17.54
N PRO D 137 -33.98 15.89 17.69
CA PRO D 137 -35.09 15.88 16.73
C PRO D 137 -34.71 16.55 15.41
N VAL D 138 -33.89 15.87 14.61
CA VAL D 138 -33.29 16.49 13.43
C VAL D 138 -34.37 16.94 12.45
N ASN D 139 -35.36 16.09 12.21
CA ASN D 139 -36.39 16.41 11.22
C ASN D 139 -37.14 17.67 11.58
N SER D 140 -37.35 17.92 12.87
CA SER D 140 -38.09 19.08 13.32
C SER D 140 -37.20 20.28 13.66
N THR D 141 -35.91 20.06 13.89
CA THR D 141 -35.03 21.14 14.30
C THR D 141 -34.21 21.72 13.16
N THR D 142 -33.98 20.97 12.07
CA THR D 142 -33.33 21.58 10.91
C THR D 142 -34.20 22.67 10.26
N PRO D 143 -35.50 22.45 10.01
CA PRO D 143 -36.32 23.57 9.52
C PRO D 143 -36.41 24.73 10.50
N ILE D 144 -36.28 24.47 11.80
CA ILE D 144 -36.26 25.55 12.77
C ILE D 144 -35.04 26.45 12.55
N ALA D 145 -33.88 25.82 12.35
CA ALA D 145 -32.68 26.59 12.04
C ALA D 145 -32.84 27.33 10.71
N ALA D 146 -33.46 26.68 9.73
CA ALA D 146 -33.70 27.35 8.44
C ALA D 146 -34.57 28.58 8.62
N GLN D 147 -35.62 28.48 9.43
CA GLN D 147 -36.50 29.62 9.67
C GLN D 147 -35.80 30.73 10.43
N THR D 148 -34.96 30.37 11.41
CA THR D 148 -34.19 31.37 12.13
C THR D 148 -33.25 32.12 11.18
N LEU D 149 -32.56 31.38 10.31
CA LEU D 149 -31.68 32.01 9.33
C LEU D 149 -32.47 32.90 8.39
N ARG D 150 -33.65 32.46 7.96
CA ARG D 150 -34.49 33.28 7.09
C ARG D 150 -34.89 34.58 7.77
N LYS D 151 -35.26 34.49 9.06
CA LYS D 151 -35.65 35.69 9.79
C LYS D 151 -34.48 36.66 9.96
N ILE D 152 -33.27 36.13 10.21
CA ILE D 152 -32.10 36.99 10.33
C ILE D 152 -31.90 37.80 9.04
N GLY D 153 -32.10 37.17 7.90
CA GLY D 153 -31.91 37.80 6.61
C GLY D 153 -30.90 37.13 5.71
N VAL D 154 -30.18 36.12 6.19
CA VAL D 154 -29.21 35.38 5.38
C VAL D 154 -29.53 33.90 5.48
N TYR D 155 -29.66 33.26 4.33
CA TYR D 155 -29.94 31.82 4.26
C TYR D 155 -29.26 31.25 3.03
N ASN D 156 -28.58 30.12 3.22
CA ASN D 156 -27.95 29.38 2.12
C ASN D 156 -28.39 27.93 2.23
N LYS D 157 -29.16 27.47 1.25
CA LYS D 157 -29.67 26.10 1.28
C LYS D 157 -28.56 25.06 1.18
N ASN D 158 -27.41 25.44 0.61
CA ASN D 158 -26.27 24.53 0.49
C ASN D 158 -25.38 24.53 1.71
N LYS D 159 -25.59 25.46 2.65
CA LYS D 159 -24.72 25.60 3.82
C LYS D 159 -25.39 25.16 5.12
N LEU D 160 -26.56 24.53 5.05
CA LEU D 160 -27.27 24.04 6.23
C LEU D 160 -27.56 22.57 6.04
N LEU D 161 -26.98 21.72 6.90
CA LEU D 161 -27.10 20.28 6.78
C LEU D 161 -27.49 19.68 8.12
N GLY D 162 -28.24 18.59 8.07
CA GLY D 162 -28.58 17.84 9.27
C GLY D 162 -27.87 16.50 9.30
N VAL D 163 -27.18 16.22 10.39
CA VAL D 163 -26.36 15.02 10.49
C VAL D 163 -27.26 13.82 10.72
N SER D 164 -27.25 12.88 9.77
CA SER D 164 -28.01 11.64 9.88
C SER D 164 -27.16 10.45 9.45
N LEU D 165 -25.87 10.46 9.78
CA LEU D 165 -24.95 9.41 9.39
C LEU D 165 -25.00 8.20 10.32
N LEU D 166 -25.61 8.34 11.51
CA LEU D 166 -25.67 7.22 12.44
C LEU D 166 -26.55 6.10 11.91
N ASP D 167 -27.63 6.44 11.21
CA ASP D 167 -28.46 5.41 10.58
C ASP D 167 -27.66 4.65 9.53
N GLY D 168 -26.85 5.35 8.74
CA GLY D 168 -25.99 4.67 7.79
C GLY D 168 -25.00 3.75 8.45
N LEU D 169 -24.40 4.20 9.56
CA LEU D 169 -23.47 3.34 10.29
C LEU D 169 -24.17 2.08 10.81
N ARG D 170 -25.37 2.24 11.37
CA ARG D 170 -26.11 1.10 11.89
C ARG D 170 -26.46 0.12 10.78
N ALA D 171 -26.95 0.64 9.65
CA ALA D 171 -27.34 -0.22 8.54
C ALA D 171 -26.14 -0.97 7.98
N THR D 172 -25.01 -0.28 7.82
CA THR D 172 -23.80 -0.95 7.33
C THR D 172 -23.35 -2.02 8.29
N ARG D 173 -23.37 -1.74 9.60
CA ARG D 173 -22.93 -2.73 10.58
C ARG D 173 -23.82 -3.97 10.54
N PHE D 174 -25.14 -3.78 10.47
CA PHE D 174 -26.05 -4.93 10.49
C PHE D 174 -25.92 -5.75 9.21
N ILE D 175 -25.85 -5.08 8.05
CA ILE D 175 -25.72 -5.83 6.80
C ILE D 175 -24.38 -6.53 6.72
N ASN D 176 -23.33 -5.95 7.31
CA ASN D 176 -22.04 -6.63 7.32
C ASN D 176 -22.05 -7.83 8.25
N ASN D 177 -22.73 -7.71 9.39
CA ASN D 177 -22.88 -8.86 10.29
C ASN D 177 -23.69 -9.98 9.67
N ALA D 178 -24.67 -9.65 8.82
CA ALA D 178 -25.51 -10.67 8.19
C ALA D 178 -24.80 -11.42 7.06
N ARG D 179 -23.89 -10.78 6.35
CA ARG D 179 -23.31 -11.32 5.12
C ARG D 179 -21.80 -11.48 5.22
N HIS D 180 -21.26 -12.07 6.28
CA HIS D 180 -19.85 -11.80 6.50
C HIS D 180 -18.98 -12.99 6.12
N PRO D 181 -18.91 -13.36 4.80
CA PRO D 181 -17.57 -13.52 4.16
C PRO D 181 -17.00 -12.19 3.71
N LEU D 182 -17.88 -11.18 3.73
CA LEU D 182 -17.82 -10.03 2.83
C LEU D 182 -18.26 -8.77 3.57
N VAL D 183 -17.71 -7.62 3.17
CA VAL D 183 -18.04 -6.34 3.76
C VAL D 183 -18.37 -5.34 2.66
N VAL D 184 -19.07 -4.27 3.01
CA VAL D 184 -19.35 -3.15 2.11
C VAL D 184 -18.94 -1.86 2.81
N PRO D 185 -18.52 -0.83 2.07
CA PRO D 185 -18.06 0.40 2.74
C PRO D 185 -19.20 1.25 3.29
N TYR D 186 -20.37 1.25 2.65
CA TYR D 186 -21.46 2.12 3.07
C TYR D 186 -22.77 1.54 2.57
N VAL D 187 -23.87 2.06 3.12
CA VAL D 187 -25.22 1.63 2.73
C VAL D 187 -26.10 2.86 2.59
N PRO D 188 -26.78 3.03 1.45
CA PRO D 188 -27.65 4.20 1.28
C PRO D 188 -28.84 4.21 2.21
N VAL D 189 -29.07 5.32 2.91
CA VAL D 189 -30.23 5.50 3.77
C VAL D 189 -30.87 6.84 3.43
N VAL D 190 -32.18 6.81 3.14
CA VAL D 190 -32.94 7.99 2.77
C VAL D 190 -34.15 8.11 3.70
N GLY D 191 -34.94 9.16 3.49
CA GLY D 191 -36.12 9.38 4.30
C GLY D 191 -35.92 10.41 5.38
N GLY D 192 -35.75 9.96 6.61
CA GLY D 192 -35.51 10.86 7.72
C GLY D 192 -34.67 10.23 8.82
N HIS D 193 -35.03 10.47 10.08
CA HIS D 193 -34.16 10.04 11.16
C HIS D 193 -34.83 9.38 12.37
N SER D 194 -36.15 9.49 12.55
CA SER D 194 -36.65 9.18 13.89
C SER D 194 -36.95 7.70 14.19
N ASP D 195 -38.09 7.17 13.74
CA ASP D 195 -38.42 5.78 13.99
C ASP D 195 -38.81 5.09 12.70
N VAL D 196 -39.85 5.53 12.01
CA VAL D 196 -40.34 4.88 10.79
C VAL D 196 -39.95 5.76 9.63
N THR D 197 -39.19 6.81 9.94
CA THR D 197 -38.73 7.76 8.96
C THR D 197 -37.43 7.32 8.31
N ILE D 198 -36.82 6.24 8.77
CA ILE D 198 -35.56 5.73 8.25
C ILE D 198 -35.88 4.64 7.23
N VAL D 199 -35.38 4.81 6.01
CA VAL D 199 -35.63 3.87 4.92
C VAL D 199 -34.29 3.44 4.35
N PRO D 200 -33.71 2.33 4.84
CA PRO D 200 -32.49 1.80 4.22
C PRO D 200 -32.77 1.25 2.83
N LEU D 201 -31.76 1.36 1.96
CA LEU D 201 -31.85 0.88 0.59
C LEU D 201 -30.79 -0.20 0.41
N TYR D 202 -31.17 -1.44 0.72
CA TYR D 202 -30.27 -2.58 0.59
C TYR D 202 -30.19 -3.13 -0.83
N SER D 203 -31.06 -2.67 -1.73
CA SER D 203 -31.03 -3.11 -3.11
C SER D 203 -30.03 -2.36 -3.96
N GLN D 204 -29.40 -1.31 -3.42
CA GLN D 204 -28.41 -0.54 -4.14
C GLN D 204 -26.98 -0.87 -3.73
N ILE D 205 -26.77 -1.87 -2.88
CA ILE D 205 -25.42 -2.25 -2.46
C ILE D 205 -24.97 -3.44 -3.31
N PRO D 206 -23.68 -3.52 -3.65
CA PRO D 206 -23.21 -4.61 -4.50
C PRO D 206 -23.16 -5.95 -3.78
N GLY D 207 -23.65 -7.01 -4.43
CA GLY D 207 -23.55 -8.33 -3.90
C GLY D 207 -24.90 -8.98 -3.65
N PRO D 208 -24.90 -10.28 -3.41
CA PRO D 208 -26.15 -10.98 -3.06
C PRO D 208 -26.75 -10.46 -1.77
N LEU D 209 -28.06 -10.56 -1.63
CA LEU D 209 -28.75 -10.07 -0.44
C LEU D 209 -29.24 -11.24 0.39
N PRO D 210 -29.33 -11.07 1.72
CA PRO D 210 -29.65 -12.22 2.58
C PRO D 210 -31.12 -12.56 2.64
N ASP D 211 -31.79 -12.62 1.48
CA ASP D 211 -33.17 -13.09 1.36
C ASP D 211 -34.18 -12.16 2.04
N GLU D 212 -35.42 -12.18 1.58
CA GLU D 212 -36.48 -11.43 2.23
C GLU D 212 -36.89 -12.13 3.52
N SER D 213 -37.70 -11.44 4.32
CA SER D 213 -38.16 -11.89 5.64
C SER D 213 -37.01 -11.95 6.64
N THR D 214 -35.79 -11.71 6.15
CA THR D 214 -34.67 -11.42 7.04
C THR D 214 -34.20 -9.99 6.83
N LEU D 215 -34.20 -9.54 5.57
CA LEU D 215 -33.98 -8.13 5.27
C LEU D 215 -35.05 -7.26 5.93
N LYS D 216 -36.28 -7.76 6.04
CA LYS D 216 -37.32 -7.04 6.77
C LYS D 216 -36.93 -6.84 8.22
N GLU D 217 -36.43 -7.90 8.87
CA GLU D 217 -36.00 -7.78 10.26
C GLU D 217 -34.84 -6.82 10.39
N ILE D 218 -33.91 -6.84 9.43
CA ILE D 218 -32.76 -5.93 9.49
C ILE D 218 -33.23 -4.48 9.37
N ARG D 219 -34.13 -4.20 8.42
CA ARG D 219 -34.66 -2.85 8.27
C ARG D 219 -35.41 -2.41 9.54
N LYS D 220 -36.16 -3.33 10.14
CA LYS D 220 -36.86 -3.00 11.38
C LYS D 220 -35.88 -2.68 12.50
N ARG D 221 -34.78 -3.44 12.60
CA ARG D 221 -33.79 -3.20 13.63
C ARG D 221 -33.11 -1.85 13.44
N VAL D 222 -32.80 -1.48 12.20
CA VAL D 222 -32.24 -0.15 11.96
C VAL D 222 -33.20 0.93 12.39
N GLN D 223 -34.51 0.69 12.23
CA GLN D 223 -35.53 1.63 12.64
C GLN D 223 -35.77 1.65 14.15
N VAL D 224 -35.16 0.73 14.90
CA VAL D 224 -35.44 0.58 16.32
C VAL D 224 -34.18 0.61 17.19
N ALA D 225 -32.99 0.43 16.63
CA ALA D 225 -31.78 0.24 17.43
C ALA D 225 -31.50 1.40 18.36
N GLY D 226 -32.04 2.59 18.06
CA GLY D 226 -31.86 3.72 18.97
C GLY D 226 -32.46 3.47 20.34
N THR D 227 -33.64 2.84 20.38
CA THR D 227 -34.29 2.55 21.66
C THR D 227 -33.60 1.38 22.38
N GLU D 228 -32.93 0.50 21.62
CA GLU D 228 -32.28 -0.66 22.22
C GLU D 228 -31.17 -0.23 23.19
N VAL D 229 -30.38 0.77 22.81
CA VAL D 229 -29.31 1.24 23.69
C VAL D 229 -29.89 1.84 24.96
N VAL D 230 -30.96 2.64 24.83
CA VAL D 230 -31.60 3.23 26.00
C VAL D 230 -32.14 2.14 26.92
N LYS D 231 -32.73 1.09 26.35
CA LYS D 231 -33.23 -0.01 27.15
C LYS D 231 -32.08 -0.73 27.87
N ALA D 232 -30.95 -0.91 27.19
CA ALA D 232 -29.80 -1.57 27.81
C ALA D 232 -29.21 -0.74 28.94
N LYS D 233 -29.41 0.58 28.93
CA LYS D 233 -28.93 1.46 29.99
C LYS D 233 -29.95 1.63 31.10
N ALA D 234 -31.08 0.92 31.05
CA ALA D 234 -32.14 1.01 32.04
C ALA D 234 -32.67 2.44 32.15
N GLY D 235 -32.72 3.15 31.03
CA GLY D 235 -33.24 4.51 30.99
C GLY D 235 -32.30 5.57 31.52
N ARG D 236 -31.09 5.21 31.91
CA ARG D 236 -30.14 6.19 32.46
C ARG D 236 -29.77 7.23 31.41
N GLY D 237 -29.45 6.77 30.19
CA GLY D 237 -29.04 7.67 29.14
C GLY D 237 -29.28 7.12 27.75
N SER D 238 -28.60 7.68 26.76
CA SER D 238 -28.74 7.24 25.37
C SER D 238 -27.35 6.92 24.83
N ALA D 239 -27.28 6.65 23.52
CA ALA D 239 -26.02 6.32 22.85
C ALA D 239 -25.28 7.62 22.57
N THR D 240 -24.21 7.86 23.33
CA THR D 240 -23.44 9.09 23.15
C THR D 240 -22.22 8.88 22.27
N LEU D 241 -21.53 7.75 22.44
CA LEU D 241 -20.32 7.49 21.68
C LEU D 241 -20.60 7.36 20.19
N SER D 242 -21.69 6.68 19.83
CA SER D 242 -22.01 6.48 18.42
C SER D 242 -22.32 7.81 17.73
N MET D 243 -23.16 8.65 18.35
CA MET D 243 -23.47 9.95 17.75
C MET D 243 -22.25 10.85 17.74
N ALA D 244 -21.39 10.76 18.75
CA ALA D 244 -20.15 11.54 18.74
C ALA D 244 -19.29 11.15 17.54
N GLU D 245 -19.12 9.85 17.31
CA GLU D 245 -18.31 9.40 16.18
C GLU D 245 -18.92 9.80 14.85
N ALA D 246 -20.24 9.67 14.72
CA ALA D 246 -20.91 10.05 13.48
C ALA D 246 -20.78 11.54 13.21
N GLY D 247 -20.98 12.37 14.24
CA GLY D 247 -20.82 13.80 14.07
C GLY D 247 -19.39 14.18 13.72
N ALA D 248 -18.42 13.53 14.34
CA ALA D 248 -17.02 13.80 14.01
C ALA D 248 -16.72 13.44 12.56
N ARG D 249 -17.22 12.30 12.11
CA ARG D 249 -16.97 11.89 10.73
C ARG D 249 -17.60 12.86 9.73
N PHE D 250 -18.85 13.26 9.97
CA PHE D 250 -19.50 14.20 9.07
C PHE D 250 -18.80 15.55 9.07
N THR D 251 -18.39 16.03 10.25
CA THR D 251 -17.67 17.29 10.33
C THR D 251 -16.35 17.22 9.59
N MET D 252 -15.65 16.08 9.68
CA MET D 252 -14.41 15.94 8.93
C MET D 252 -14.66 15.96 7.43
N HIS D 253 -15.73 15.30 6.98
CA HIS D 253 -16.10 15.36 5.56
C HIS D 253 -16.31 16.80 5.12
N VAL D 254 -17.10 17.56 5.88
CA VAL D 254 -17.41 18.94 5.51
C VAL D 254 -16.14 19.79 5.51
N VAL D 255 -15.28 19.61 6.51
CA VAL D 255 -14.07 20.41 6.63
C VAL D 255 -13.14 20.13 5.46
N LYS D 256 -12.94 18.85 5.13
CA LYS D 256 -12.07 18.51 4.02
C LYS D 256 -12.62 19.03 2.70
N ALA D 257 -13.93 18.92 2.48
CA ALA D 257 -14.51 19.45 1.26
C ALA D 257 -14.46 20.97 1.19
N LEU D 258 -14.41 21.65 2.33
CA LEU D 258 -14.45 23.11 2.33
C LEU D 258 -13.18 23.71 1.74
N MET D 259 -12.03 23.07 1.93
CA MET D 259 -10.76 23.60 1.45
C MET D 259 -10.22 22.84 0.24
N GLY D 260 -11.10 22.16 -0.50
CA GLY D 260 -10.72 21.55 -1.76
C GLY D 260 -9.86 20.31 -1.65
N LEU D 261 -9.86 19.63 -0.51
CA LEU D 261 -9.11 18.40 -0.34
C LEU D 261 -9.95 17.16 -0.63
N ASP D 262 -11.23 17.32 -0.96
CA ASP D 262 -12.11 16.21 -1.29
C ASP D 262 -13.40 16.77 -1.88
N THR D 263 -14.12 15.91 -2.60
CA THR D 263 -15.47 16.18 -3.08
C THR D 263 -16.34 14.97 -2.78
N PRO D 264 -16.69 14.76 -1.51
CA PRO D 264 -17.37 13.52 -1.13
C PRO D 264 -18.86 13.53 -1.45
N MET D 265 -19.40 12.33 -1.56
CA MET D 265 -20.84 12.12 -1.72
C MET D 265 -21.37 11.52 -0.42
N VAL D 266 -22.25 12.25 0.25
CA VAL D 266 -22.76 11.86 1.56
C VAL D 266 -24.28 11.95 1.55
N TYR D 267 -24.88 11.26 2.52
CA TYR D 267 -26.32 11.30 2.73
C TYR D 267 -26.59 12.15 3.98
N ALA D 268 -27.34 13.23 3.80
CA ALA D 268 -27.62 14.15 4.90
C ALA D 268 -29.02 14.71 4.76
N TYR D 269 -29.57 15.16 5.89
CA TYR D 269 -30.91 15.76 5.94
C TYR D 269 -30.78 17.20 5.47
N VAL D 270 -30.94 17.41 4.17
CA VAL D 270 -30.73 18.72 3.57
C VAL D 270 -32.04 19.27 3.01
N ASP D 271 -32.00 20.49 2.50
CA ASP D 271 -33.14 21.13 1.88
C ASP D 271 -33.18 20.82 0.38
N THR D 272 -34.39 20.55 -0.12
CA THR D 272 -34.61 20.13 -1.51
C THR D 272 -35.28 21.27 -2.25
N ASP D 273 -34.52 22.02 -3.05
CA ASP D 273 -35.08 23.12 -3.82
C ASP D 273 -35.75 22.58 -5.08
N GLY D 274 -36.81 21.81 -4.92
CA GLY D 274 -37.38 21.06 -6.01
C GLY D 274 -37.19 19.58 -5.79
N GLU D 275 -36.71 18.86 -6.82
CA GLU D 275 -36.38 17.45 -6.69
C GLU D 275 -37.55 16.64 -6.13
N HIS D 276 -37.54 16.39 -4.83
CA HIS D 276 -38.58 15.62 -4.16
C HIS D 276 -39.65 16.56 -3.62
N GLU D 277 -40.89 16.05 -3.56
CA GLU D 277 -42.01 16.88 -3.11
C GLU D 277 -41.86 17.27 -1.65
N CYS D 278 -41.14 16.50 -0.87
CA CYS D 278 -40.89 16.85 0.53
C CYS D 278 -39.79 17.90 0.60
N PRO D 279 -40.01 19.02 1.29
CA PRO D 279 -39.02 20.11 1.26
C PRO D 279 -37.71 19.83 2.01
N PHE D 280 -37.67 18.84 2.89
CA PHE D 280 -36.48 18.60 3.72
C PHE D 280 -36.16 17.11 3.80
N LEU D 281 -36.08 16.44 2.65
CA LEU D 281 -35.75 15.02 2.67
C LEU D 281 -34.25 14.81 2.89
N ALA D 282 -33.89 13.57 3.23
CA ALA D 282 -32.49 13.19 3.46
C ALA D 282 -31.90 12.51 2.22
N MET D 283 -31.80 13.27 1.14
CA MET D 283 -31.29 12.76 -0.13
C MET D 283 -29.76 12.77 -0.15
N PRO D 284 -29.15 11.96 -1.01
CA PRO D 284 -27.69 12.06 -1.19
C PRO D 284 -27.30 13.38 -1.83
N VAL D 285 -26.12 13.87 -1.43
CA VAL D 285 -25.58 15.12 -1.95
C VAL D 285 -24.08 14.95 -2.18
N VAL D 286 -23.51 15.87 -2.95
CA VAL D 286 -22.07 15.93 -3.21
C VAL D 286 -21.56 17.25 -2.65
N LEU D 287 -20.55 17.17 -1.78
CA LEU D 287 -20.03 18.35 -1.10
C LEU D 287 -18.94 19.02 -1.93
N GLY D 288 -18.75 20.30 -1.69
CA GLY D 288 -17.78 21.07 -2.45
C GLY D 288 -17.32 22.29 -1.68
N LYS D 289 -16.61 23.16 -2.40
CA LYS D 289 -16.02 24.34 -1.76
C LYS D 289 -17.08 25.30 -1.23
N ASN D 290 -18.29 25.27 -1.80
CA ASN D 290 -19.36 26.19 -1.42
C ASN D 290 -20.51 25.48 -0.69
N GLY D 291 -20.26 24.30 -0.14
CA GLY D 291 -21.27 23.57 0.58
C GLY D 291 -21.81 22.38 -0.19
N ILE D 292 -23.06 22.47 -0.65
CA ILE D 292 -23.65 21.42 -1.46
C ILE D 292 -23.41 21.77 -2.93
N GLU D 293 -22.77 20.85 -3.65
CA GLU D 293 -22.44 21.08 -5.05
C GLU D 293 -23.47 20.48 -6.00
N ARG D 294 -24.00 19.29 -5.66
CA ARG D 294 -24.96 18.61 -6.51
C ARG D 294 -25.89 17.78 -5.64
N ARG D 295 -27.19 17.80 -5.98
CA ARG D 295 -28.19 16.99 -5.32
C ARG D 295 -28.58 15.85 -6.25
N LEU D 296 -28.11 14.65 -5.95
CA LEU D 296 -28.39 13.50 -6.79
C LEU D 296 -29.79 12.96 -6.51
N PRO D 297 -30.45 12.40 -7.52
CA PRO D 297 -31.73 11.72 -7.28
C PRO D 297 -31.54 10.45 -6.48
N ILE D 298 -32.64 10.00 -5.88
CA ILE D 298 -32.59 8.84 -4.99
C ILE D 298 -32.15 7.59 -5.76
N GLY D 299 -32.73 7.37 -6.94
CA GLY D 299 -32.38 6.23 -7.75
C GLY D 299 -33.47 5.19 -7.78
N PRO D 300 -33.18 4.03 -8.39
CA PRO D 300 -34.20 2.98 -8.51
C PRO D 300 -34.35 2.20 -7.22
N ILE D 301 -35.60 1.96 -6.82
CA ILE D 301 -35.91 1.22 -5.60
C ILE D 301 -36.95 0.16 -5.93
N THR D 302 -37.03 -0.85 -5.07
CA THR D 302 -37.97 -1.94 -5.25
C THR D 302 -39.36 -1.51 -4.79
N THR D 303 -40.31 -2.45 -4.79
CA THR D 303 -41.69 -2.11 -4.44
C THR D 303 -41.82 -1.85 -2.93
N VAL D 304 -41.24 -2.72 -2.10
CA VAL D 304 -41.36 -2.55 -0.66
C VAL D 304 -40.62 -1.29 -0.21
N GLU D 305 -39.48 -0.99 -0.83
CA GLU D 305 -38.78 0.24 -0.51
C GLU D 305 -39.58 1.46 -0.93
N LYS D 306 -40.29 1.38 -2.07
CA LYS D 306 -41.16 2.48 -2.47
C LYS D 306 -42.30 2.68 -1.49
N GLU D 307 -42.92 1.60 -1.01
CA GLU D 307 -43.98 1.72 -0.01
C GLU D 307 -43.45 2.33 1.28
N MET D 308 -42.27 1.88 1.73
CA MET D 308 -41.70 2.41 2.95
C MET D 308 -41.36 3.89 2.81
N LEU D 309 -40.83 4.30 1.65
CA LEU D 309 -40.55 5.72 1.42
C LEU D 309 -41.84 6.54 1.40
N GLU D 310 -42.89 6.01 0.77
CA GLU D 310 -44.16 6.72 0.75
C GLU D 310 -44.73 6.87 2.14
N GLU D 311 -44.59 5.86 2.98
CA GLU D 311 -45.01 5.96 4.37
C GLU D 311 -44.19 7.00 5.12
N ALA D 312 -42.88 7.03 4.89
CA ALA D 312 -42.00 7.91 5.66
C ALA D 312 -42.20 9.37 5.28
N VAL D 313 -42.44 9.66 3.99
CA VAL D 313 -42.54 11.05 3.54
C VAL D 313 -43.70 11.75 4.23
N GLY D 314 -44.81 11.04 4.45
CA GLY D 314 -45.93 11.65 5.14
C GLY D 314 -45.59 12.10 6.55
N VAL D 315 -44.79 11.31 7.26
CA VAL D 315 -44.35 11.69 8.59
C VAL D 315 -43.38 12.86 8.52
N VAL D 316 -42.49 12.86 7.54
CA VAL D 316 -41.54 13.98 7.39
C VAL D 316 -42.30 15.28 7.18
N LYS D 317 -43.39 15.22 6.41
CA LYS D 317 -44.16 16.43 6.13
C LYS D 317 -44.69 17.06 7.42
N LYS D 318 -45.29 16.24 8.29
CA LYS D 318 -45.83 16.78 9.53
C LYS D 318 -44.74 17.17 10.50
N ASN D 319 -43.58 16.50 10.47
CA ASN D 319 -42.46 16.94 11.31
C ASN D 319 -41.98 18.33 10.90
N ILE D 320 -41.83 18.56 9.59
CA ILE D 320 -41.42 19.87 9.09
C ILE D 320 -42.48 20.91 9.43
N ALA D 321 -43.77 20.55 9.30
CA ALA D 321 -44.83 21.49 9.63
C ALA D 321 -44.80 21.87 11.11
N LYS D 322 -44.58 20.90 11.99
CA LYS D 322 -44.49 21.20 13.43
C LYS D 322 -43.30 22.10 13.72
N GLY D 323 -42.15 21.83 13.10
CA GLY D 323 -40.98 22.67 13.31
C GLY D 323 -41.20 24.10 12.86
N GLU D 324 -41.72 24.27 11.65
CA GLU D 324 -41.98 25.61 11.13
C GLU D 324 -43.13 26.32 11.85
N THR D 325 -44.03 25.57 12.49
CA THR D 325 -45.05 26.16 13.35
C THR D 325 -44.48 26.64 14.67
N PHE D 326 -43.58 25.87 15.28
CA PHE D 326 -42.92 26.30 16.50
C PHE D 326 -42.06 27.52 16.22
N ALA D 327 -41.48 27.59 15.03
CA ALA D 327 -40.64 28.74 14.65
C ALA D 327 -41.44 30.02 14.46
N ARG D 328 -42.76 29.94 14.48
CA ARG D 328 -43.66 31.08 14.31
C ARG D 328 -43.37 31.82 13.00
N MET E 371 25.74 -53.38 -36.37
CA MET E 371 26.37 -52.40 -37.23
C MET E 371 25.81 -52.49 -38.65
N GLU E 372 26.13 -53.59 -39.34
CA GLU E 372 25.63 -53.79 -40.70
C GLU E 372 24.12 -53.90 -40.72
N GLU E 373 23.55 -54.63 -39.75
CA GLU E 373 22.10 -54.75 -39.67
C GLU E 373 21.44 -53.40 -39.42
N GLY E 374 22.04 -52.58 -38.54
CA GLY E 374 21.49 -51.25 -38.30
C GLY E 374 21.56 -50.36 -39.53
N ILE E 375 22.66 -50.44 -40.28
CA ILE E 375 22.79 -49.63 -41.48
C ILE E 375 21.78 -50.06 -42.54
N ALA E 376 21.64 -51.37 -42.74
CA ALA E 376 20.69 -51.86 -43.74
C ALA E 376 19.25 -51.54 -43.35
N MET E 377 18.92 -51.70 -42.06
CA MET E 377 17.56 -51.46 -41.60
C MET E 377 17.18 -49.99 -41.70
N LEU E 378 18.11 -49.09 -41.40
CA LEU E 378 17.78 -47.66 -41.35
C LEU E 378 17.38 -47.10 -42.70
N GLN E 379 17.75 -47.76 -43.80
CA GLN E 379 17.36 -47.30 -45.12
C GLN E 379 15.90 -47.58 -45.46
N LEU E 380 15.23 -48.45 -44.72
CA LEU E 380 13.84 -48.78 -44.96
C LEU E 380 12.87 -47.96 -44.11
N ALA E 381 13.32 -46.85 -43.54
CA ALA E 381 12.47 -45.91 -42.80
C ALA E 381 11.82 -46.57 -41.59
N ASN E 382 12.65 -47.29 -40.83
CA ASN E 382 12.26 -47.79 -39.52
C ASN E 382 13.48 -47.65 -38.61
N MET E 383 13.28 -47.15 -37.39
CA MET E 383 14.40 -46.86 -36.51
C MET E 383 14.38 -47.59 -35.18
N ALA E 384 13.21 -47.97 -34.68
CA ALA E 384 13.13 -48.57 -33.35
C ALA E 384 13.95 -49.86 -33.30
N GLU E 385 13.80 -50.68 -34.33
CA GLU E 385 14.55 -51.93 -34.42
C GLU E 385 16.04 -51.66 -34.57
N ALA E 386 16.42 -50.65 -35.35
CA ALA E 386 17.83 -50.34 -35.53
C ALA E 386 18.47 -49.86 -34.23
N ALA E 387 17.78 -48.97 -33.50
CA ALA E 387 18.32 -48.46 -32.25
C ALA E 387 18.37 -49.56 -31.19
N LEU E 388 17.38 -50.47 -31.20
CA LEU E 388 17.43 -51.60 -30.29
C LEU E 388 18.62 -52.50 -30.57
N ALA E 389 19.03 -52.60 -31.84
CA ALA E 389 20.19 -53.39 -32.23
C ALA E 389 21.47 -52.83 -31.63
N PHE E 390 21.62 -51.51 -31.65
CA PHE E 390 22.81 -50.86 -31.10
C PHE E 390 22.91 -51.06 -29.59
N GLU E 402 31.82 -44.65 -33.79
CA GLU E 402 30.83 -44.43 -34.85
C GLU E 402 29.47 -44.96 -34.44
N ALA E 403 29.47 -46.09 -33.73
CA ALA E 403 28.21 -46.70 -33.30
C ALA E 403 27.44 -45.77 -32.37
N TRP E 404 28.14 -45.11 -31.45
CA TRP E 404 27.48 -44.14 -30.57
C TRP E 404 26.89 -42.99 -31.36
N ARG E 405 27.61 -42.49 -32.36
CA ARG E 405 27.13 -41.39 -33.18
C ARG E 405 25.84 -41.78 -33.92
N ARG E 406 25.84 -42.95 -34.56
CA ARG E 406 24.65 -43.38 -35.29
C ARG E 406 23.48 -43.63 -34.35
N LEU E 407 23.75 -44.24 -33.20
CA LEU E 407 22.70 -44.50 -32.22
C LEU E 407 22.08 -43.20 -31.73
N GLY E 408 22.91 -42.20 -31.41
CA GLY E 408 22.39 -40.94 -30.93
C GLY E 408 21.65 -40.15 -32.01
N THR E 409 22.20 -40.12 -33.23
CA THR E 409 21.52 -39.44 -34.32
C THR E 409 20.20 -40.11 -34.65
N THR E 410 20.12 -41.43 -34.47
CA THR E 410 18.86 -42.13 -34.64
C THR E 410 17.89 -41.78 -33.52
N GLN E 411 18.36 -41.79 -32.28
CA GLN E 411 17.49 -41.55 -31.13
C GLN E 411 16.92 -40.13 -31.14
N ALA E 412 17.62 -39.19 -31.80
CA ALA E 412 17.09 -37.84 -31.92
C ALA E 412 15.83 -37.78 -32.78
N GLU E 413 15.52 -38.85 -33.50
CA GLU E 413 14.40 -38.89 -34.42
C GLU E 413 13.18 -39.65 -33.87
N ASN E 414 13.16 -39.95 -32.58
CA ASN E 414 12.05 -40.68 -31.97
C ASN E 414 11.57 -40.00 -30.70
N GLU E 415 11.74 -38.68 -30.63
CA GLU E 415 11.40 -37.89 -29.45
C GLU E 415 11.96 -38.53 -28.19
N LYS E 416 13.24 -38.88 -28.25
CA LYS E 416 13.99 -39.52 -27.17
C LYS E 416 15.23 -38.70 -26.86
N ASP E 417 15.02 -37.39 -26.68
CA ASP E 417 16.14 -36.45 -26.62
C ASP E 417 17.08 -36.73 -25.47
N CYS E 418 16.59 -37.30 -24.37
CA CYS E 418 17.47 -37.60 -23.24
C CYS E 418 18.49 -38.68 -23.60
N LEU E 419 18.00 -39.81 -24.13
CA LEU E 419 18.91 -40.89 -24.53
C LEU E 419 19.80 -40.45 -25.69
N ALA E 420 19.26 -39.66 -26.62
CA ALA E 420 20.06 -39.15 -27.72
C ALA E 420 21.18 -38.25 -27.21
N ILE E 421 20.88 -37.39 -26.23
CA ILE E 421 21.89 -36.51 -25.68
C ILE E 421 22.96 -37.32 -24.92
N ILE E 422 22.54 -38.35 -24.19
CA ILE E 422 23.50 -39.19 -23.48
C ILE E 422 24.43 -39.88 -24.47
N ALA E 423 23.86 -40.45 -25.54
CA ALA E 423 24.67 -41.11 -26.55
C ALA E 423 25.60 -40.13 -27.25
N LEU E 424 25.13 -38.91 -27.53
CA LEU E 424 25.97 -37.91 -28.15
C LEU E 424 27.11 -37.50 -27.23
N ASN E 425 26.85 -37.39 -25.92
CA ASN E 425 27.92 -37.10 -24.98
C ASN E 425 28.94 -38.22 -24.93
N HIS E 426 28.47 -39.47 -24.98
CA HIS E 426 29.41 -40.59 -25.04
C HIS E 426 30.27 -40.53 -26.30
N ALA E 427 29.66 -40.21 -27.45
CA ALA E 427 30.41 -40.08 -28.68
C ALA E 427 31.42 -38.93 -28.60
N ARG E 428 31.01 -37.81 -28.01
CA ARG E 428 31.90 -36.65 -27.90
C ARG E 428 33.09 -36.95 -27.00
N MET E 429 32.85 -37.61 -25.86
CA MET E 429 33.97 -37.99 -25.00
C MET E 429 34.83 -39.07 -25.66
N LEU E 430 34.24 -39.84 -26.57
CA LEU E 430 35.05 -40.74 -27.40
C LEU E 430 35.83 -39.99 -28.47
N ASP E 431 35.21 -38.98 -29.09
CA ASP E 431 35.86 -38.22 -30.14
C ASP E 431 35.26 -36.82 -30.23
N PRO E 432 35.89 -35.81 -29.64
CA PRO E 432 35.38 -34.43 -29.76
C PRO E 432 35.43 -33.88 -31.18
N LYS E 433 36.36 -34.39 -31.98
CA LYS E 433 36.61 -33.85 -33.32
C LYS E 433 35.44 -34.04 -34.27
N ASP E 434 34.58 -35.03 -34.01
CA ASP E 434 33.44 -35.31 -34.87
C ASP E 434 32.55 -34.08 -35.01
N ILE E 435 32.21 -33.71 -36.26
CA ILE E 435 31.40 -32.53 -36.50
C ILE E 435 29.92 -32.87 -36.45
N ALA E 436 29.54 -34.04 -36.97
CA ALA E 436 28.15 -34.46 -36.91
C ALA E 436 27.69 -34.61 -35.47
N VAL E 437 28.59 -35.07 -34.59
CA VAL E 437 28.25 -35.20 -33.17
C VAL E 437 27.91 -33.83 -32.59
N HIS E 438 28.74 -32.83 -32.87
CA HIS E 438 28.47 -31.48 -32.36
C HIS E 438 27.20 -30.90 -32.94
N ALA E 439 26.95 -31.14 -34.23
CA ALA E 439 25.73 -30.63 -34.86
C ALA E 439 24.49 -31.25 -34.23
N ALA E 440 24.51 -32.58 -34.02
CA ALA E 440 23.38 -33.24 -33.38
C ALA E 440 23.19 -32.76 -31.95
N LEU E 441 24.29 -32.57 -31.22
CA LEU E 441 24.18 -32.05 -29.85
C LEU E 441 23.55 -30.66 -29.85
N ALA E 442 23.97 -29.80 -30.78
CA ALA E 442 23.39 -28.45 -30.85
C ALA E 442 21.91 -28.50 -31.18
N VAL E 443 21.52 -29.38 -32.12
CA VAL E 443 20.11 -29.50 -32.48
C VAL E 443 19.29 -29.98 -31.28
N SER E 444 19.80 -30.99 -30.58
CA SER E 444 19.08 -31.51 -29.42
C SER E 444 18.97 -30.45 -28.32
N HIS E 445 20.05 -29.69 -28.09
CA HIS E 445 20.01 -28.66 -27.05
C HIS E 445 19.05 -27.53 -27.42
N THR E 446 18.98 -27.17 -28.70
CA THR E 446 17.99 -26.19 -29.12
C THR E 446 16.58 -26.73 -28.95
N ASN E 447 16.40 -28.03 -29.19
CA ASN E 447 15.08 -28.64 -28.95
C ASN E 447 14.76 -28.66 -27.47
N GLU E 448 15.78 -28.73 -26.62
CA GLU E 448 15.62 -28.82 -25.17
C GLU E 448 15.57 -27.45 -24.49
N HIS E 449 15.60 -26.37 -25.27
CA HIS E 449 15.60 -24.99 -24.74
C HIS E 449 16.80 -24.73 -23.84
N ASN E 450 17.94 -25.34 -24.16
CA ASN E 450 19.19 -25.10 -23.43
C ASN E 450 20.07 -24.23 -24.31
N VAL E 451 20.04 -22.93 -24.07
CA VAL E 451 20.74 -21.98 -24.95
C VAL E 451 22.24 -22.11 -24.79
N GLY E 452 22.73 -22.20 -23.55
CA GLY E 452 24.16 -22.27 -23.33
C GLY E 452 24.80 -23.52 -23.89
N ALA E 453 24.15 -24.67 -23.68
CA ALA E 453 24.68 -25.93 -24.21
C ALA E 453 24.68 -25.91 -25.73
N ALA E 454 23.62 -25.39 -26.34
CA ALA E 454 23.58 -25.30 -27.80
C ALA E 454 24.67 -24.39 -28.33
N LEU E 455 24.89 -23.25 -27.67
CA LEU E 455 25.96 -22.34 -28.10
C LEU E 455 27.33 -23.00 -27.98
N GLN E 456 27.56 -23.72 -26.88
CA GLN E 456 28.83 -24.41 -26.70
C GLN E 456 29.03 -25.48 -27.75
N SER E 457 27.97 -26.24 -28.07
CA SER E 457 28.07 -27.26 -29.10
C SER E 457 28.35 -26.64 -30.47
N LEU E 458 27.70 -25.52 -30.78
CA LEU E 458 27.95 -24.84 -32.04
C LEU E 458 29.38 -24.33 -32.12
N ARG E 459 29.90 -23.77 -31.03
CA ARG E 459 31.29 -23.31 -31.01
C ARG E 459 32.25 -24.48 -31.18
N SER E 460 31.97 -25.61 -30.54
CA SER E 460 32.81 -26.79 -30.71
C SER E 460 32.79 -27.28 -32.15
N TRP E 461 31.61 -27.27 -32.77
CA TRP E 461 31.51 -27.66 -34.18
C TRP E 461 32.30 -26.73 -35.07
N LEU E 462 32.23 -25.42 -34.81
CA LEU E 462 32.97 -24.46 -35.62
C LEU E 462 34.47 -24.64 -35.45
N LEU E 463 34.93 -24.87 -34.22
CA LEU E 463 36.36 -25.00 -33.96
C LEU E 463 36.90 -26.37 -34.35
N SER E 464 36.05 -27.38 -34.53
CA SER E 464 36.52 -28.69 -34.92
C SER E 464 37.14 -28.68 -36.31
N GLN E 465 36.52 -27.96 -37.24
CA GLN E 465 37.01 -27.89 -38.61
C GLN E 465 38.18 -26.92 -38.72
N ARG E 502 26.41 -14.05 -28.74
CA ARG E 502 26.54 -13.09 -29.83
C ARG E 502 27.94 -13.17 -30.45
N ASP E 503 28.94 -13.49 -29.63
CA ASP E 503 30.27 -13.77 -30.16
C ASP E 503 30.28 -15.05 -30.99
N CYS E 504 29.53 -16.07 -30.57
CA CYS E 504 29.33 -17.23 -31.42
C CYS E 504 28.59 -16.86 -32.70
N CYS E 505 27.67 -15.89 -32.61
CA CYS E 505 27.02 -15.38 -33.81
C CYS E 505 28.05 -14.73 -34.74
N THR E 506 29.01 -14.00 -34.16
CA THR E 506 30.07 -13.40 -34.96
C THR E 506 30.92 -14.47 -35.63
N LEU E 507 31.26 -15.53 -34.90
CA LEU E 507 32.03 -16.62 -35.49
C LEU E 507 31.28 -17.28 -36.64
N LEU E 508 29.98 -17.53 -36.44
CA LEU E 508 29.18 -18.15 -37.49
C LEU E 508 29.07 -17.23 -38.71
N TYR E 509 28.91 -15.93 -38.49
CA TYR E 509 28.86 -14.99 -39.60
C TYR E 509 30.18 -14.94 -40.36
N ALA E 510 31.31 -14.96 -39.63
CA ALA E 510 32.61 -14.97 -40.29
C ALA E 510 32.79 -16.24 -41.11
N ALA E 511 32.39 -17.38 -40.57
CA ALA E 511 32.49 -18.64 -41.31
C ALA E 511 31.60 -18.63 -42.54
N VAL E 512 30.39 -18.05 -42.43
CA VAL E 512 29.51 -17.93 -43.58
C VAL E 512 30.12 -17.05 -44.65
N GLU E 513 30.71 -15.93 -44.25
CA GLU E 513 31.34 -15.03 -45.21
C GLU E 513 32.53 -15.69 -45.88
N MET E 514 33.28 -16.52 -45.15
CA MET E 514 34.41 -17.23 -45.75
C MET E 514 33.93 -18.23 -46.80
N ASN E 515 32.88 -19.00 -46.48
CA ASN E 515 32.34 -20.02 -47.38
C ASN E 515 30.83 -19.81 -47.49
N PRO E 516 30.38 -19.03 -48.46
CA PRO E 516 28.94 -18.75 -48.57
C PRO E 516 28.17 -19.83 -49.30
N ASN E 517 28.77 -21.00 -49.49
CA ASN E 517 28.14 -22.12 -50.18
C ASN E 517 28.25 -23.39 -49.36
N ASP E 518 28.12 -23.28 -48.04
CA ASP E 518 28.20 -24.43 -47.15
C ASP E 518 26.83 -24.72 -46.57
N PRO E 519 26.21 -25.86 -46.91
CA PRO E 519 24.91 -26.19 -46.31
C PRO E 519 24.96 -26.33 -44.80
N GLN E 520 26.07 -26.84 -44.27
CA GLN E 520 26.21 -26.97 -42.82
C GLN E 520 26.21 -25.61 -42.15
N LEU E 521 26.87 -24.62 -42.75
CA LEU E 521 26.88 -23.27 -42.18
C LEU E 521 25.49 -22.68 -42.13
N HIS E 522 24.72 -22.85 -43.20
CA HIS E 522 23.35 -22.32 -43.22
C HIS E 522 22.46 -23.05 -42.22
N ALA E 523 22.63 -24.37 -42.09
CA ALA E 523 21.87 -25.12 -41.09
C ALA E 523 22.22 -24.65 -39.68
N SER E 524 23.50 -24.41 -39.41
CA SER E 524 23.90 -23.90 -38.10
C SER E 524 23.35 -22.51 -37.85
N LEU E 525 23.33 -21.65 -38.88
CA LEU E 525 22.73 -20.34 -38.73
C LEU E 525 21.25 -20.43 -38.42
N GLY E 526 20.54 -21.33 -39.11
CA GLY E 526 19.12 -21.52 -38.82
C GLY E 526 18.89 -22.03 -37.41
N VAL E 527 19.72 -22.97 -36.96
CA VAL E 527 19.60 -23.48 -35.60
C VAL E 527 19.84 -22.37 -34.59
N LEU E 528 20.86 -21.54 -34.84
CA LEU E 528 21.17 -20.44 -33.93
C LEU E 528 20.04 -19.41 -33.89
N HIS E 529 19.43 -19.15 -35.04
CA HIS E 529 18.33 -18.20 -35.09
C HIS E 529 17.02 -18.77 -34.53
N ASN E 530 16.88 -20.09 -34.51
CA ASN E 530 15.64 -20.70 -34.02
C ASN E 530 15.47 -20.49 -32.52
N LEU E 531 16.51 -20.78 -31.75
CA LEU E 531 16.43 -20.65 -30.29
C LEU E 531 16.61 -19.22 -29.82
N SER E 532 16.92 -18.29 -30.72
CA SER E 532 16.99 -16.87 -30.39
C SER E 532 15.68 -16.15 -30.64
N HIS E 533 14.61 -16.88 -30.98
CA HIS E 533 13.27 -16.38 -31.25
C HIS E 533 13.20 -15.51 -32.49
N ARG E 534 14.26 -15.44 -33.29
CA ARG E 534 14.25 -14.72 -34.56
C ARG E 534 13.95 -15.73 -35.66
N PHE E 535 12.66 -16.03 -35.80
CA PHE E 535 12.23 -17.10 -36.71
C PHE E 535 12.39 -16.72 -38.17
N ASP E 536 12.37 -15.43 -38.51
CA ASP E 536 12.47 -15.03 -39.91
C ASP E 536 13.83 -15.36 -40.49
N GLU E 537 14.90 -14.98 -39.79
CA GLU E 537 16.24 -15.29 -40.27
C GLU E 537 16.49 -16.79 -40.30
N ALA E 538 15.94 -17.52 -39.32
CA ALA E 538 16.05 -18.97 -39.33
C ALA E 538 15.37 -19.56 -40.56
N ALA E 539 14.19 -19.05 -40.90
CA ALA E 539 13.49 -19.52 -42.10
C ALA E 539 14.29 -19.21 -43.36
N LYS E 540 14.86 -18.01 -43.44
CA LYS E 540 15.68 -17.65 -44.60
C LYS E 540 16.87 -18.60 -44.75
N ASN E 541 17.61 -18.81 -43.66
CA ASN E 541 18.80 -19.65 -43.72
C ASN E 541 18.42 -21.10 -44.04
N PHE E 542 17.32 -21.59 -43.46
CA PHE E 542 16.91 -22.97 -43.72
C PHE E 542 16.43 -23.16 -45.16
N ARG E 543 15.70 -22.17 -45.71
CA ARG E 543 15.35 -22.25 -47.12
C ARG E 543 16.58 -22.26 -48.00
N ARG E 544 17.56 -21.40 -47.70
CA ARG E 544 18.78 -21.40 -48.50
C ARG E 544 19.49 -22.74 -48.42
N ALA E 545 19.60 -23.30 -47.21
CA ALA E 545 20.28 -24.57 -46.99
C ALA E 545 19.59 -25.71 -47.73
N VAL E 546 18.26 -25.79 -47.63
CA VAL E 546 17.54 -26.88 -48.30
C VAL E 546 17.56 -26.68 -49.82
N GLU E 547 17.63 -25.43 -50.27
CA GLU E 547 17.79 -25.17 -51.70
C GLU E 547 19.13 -25.68 -52.20
N LEU E 548 20.17 -25.52 -51.37
CA LEU E 548 21.48 -26.04 -51.73
C LEU E 548 21.46 -27.56 -51.84
N ARG E 549 20.85 -28.23 -50.87
CA ARG E 549 20.77 -29.69 -50.84
C ARG E 549 19.33 -30.11 -50.63
N PRO E 550 18.58 -30.33 -51.71
CA PRO E 550 17.18 -30.77 -51.59
C PRO E 550 17.00 -32.26 -51.37
N ASP E 551 18.07 -33.00 -51.05
CA ASP E 551 17.97 -34.44 -50.83
C ASP E 551 18.24 -34.84 -49.39
N ASP E 552 18.35 -33.87 -48.47
CA ASP E 552 18.59 -34.14 -47.07
C ASP E 552 17.26 -34.01 -46.32
N ALA E 553 16.85 -35.09 -45.64
CA ALA E 553 15.58 -35.08 -44.93
C ALA E 553 15.66 -34.27 -43.63
N HIS E 554 16.82 -34.27 -42.97
CA HIS E 554 16.94 -33.56 -41.70
C HIS E 554 16.94 -32.05 -41.89
N MET E 555 17.47 -31.57 -43.01
CA MET E 555 17.45 -30.13 -43.27
C MET E 555 16.03 -29.62 -43.48
N TRP E 556 15.24 -30.35 -44.28
CA TRP E 556 13.84 -29.99 -44.46
C TRP E 556 13.07 -30.19 -43.16
N ASN E 557 13.45 -31.19 -42.37
CA ASN E 557 12.94 -31.35 -41.01
C ASN E 557 13.11 -30.08 -40.19
N LYS E 558 14.33 -29.54 -40.14
CA LYS E 558 14.59 -28.35 -39.35
C LYS E 558 13.83 -27.15 -39.91
N LEU E 559 13.77 -27.03 -41.25
CA LEU E 559 13.03 -25.93 -41.84
C LEU E 559 11.54 -25.99 -41.50
N GLY E 560 10.94 -27.18 -41.61
CA GLY E 560 9.54 -27.32 -41.29
C GLY E 560 9.25 -27.05 -39.82
N ALA E 561 10.15 -27.50 -38.94
CA ALA E 561 10.01 -27.18 -37.52
C ALA E 561 10.07 -25.68 -37.30
N THR E 562 10.99 -24.99 -37.99
CA THR E 562 11.09 -23.54 -37.87
C THR E 562 9.80 -22.86 -38.31
N LEU E 563 9.25 -23.29 -39.45
CA LEU E 563 8.01 -22.70 -39.94
C LEU E 563 6.85 -22.96 -38.97
N ALA E 564 6.75 -24.19 -38.45
CA ALA E 564 5.66 -24.50 -37.53
C ALA E 564 5.77 -23.69 -36.24
N ASN E 565 6.97 -23.58 -35.67
CA ASN E 565 7.16 -22.81 -34.45
C ASN E 565 7.08 -21.31 -34.69
N GLY E 566 7.10 -20.87 -35.94
CA GLY E 566 6.99 -19.45 -36.24
C GLY E 566 5.58 -19.05 -36.60
N ASN E 567 4.60 -19.89 -36.22
CA ASN E 567 3.19 -19.65 -36.47
C ASN E 567 2.87 -19.65 -37.96
N ARG E 568 1.57 -19.59 -38.30
CA ARG E 568 1.09 -19.61 -39.67
C ARG E 568 1.58 -20.88 -40.34
N PRO E 569 1.01 -22.03 -40.00
CA PRO E 569 1.44 -23.27 -40.65
C PRO E 569 0.76 -23.50 -41.99
N GLN E 570 0.82 -22.51 -42.87
CA GLN E 570 0.47 -22.71 -44.28
C GLN E 570 1.47 -23.68 -44.88
N GLU E 571 1.24 -24.10 -46.13
CA GLU E 571 2.11 -25.09 -46.78
C GLU E 571 2.18 -26.33 -45.89
N ALA E 572 1.11 -27.13 -45.89
CA ALA E 572 0.96 -28.29 -45.02
C ALA E 572 2.29 -28.96 -44.74
N LEU E 573 3.07 -29.23 -45.81
CA LEU E 573 4.51 -28.97 -45.88
C LEU E 573 5.06 -29.30 -47.26
N GLU E 574 5.93 -28.44 -47.77
CA GLU E 574 6.50 -28.56 -49.11
C GLU E 574 7.57 -29.64 -49.11
N ALA E 575 8.14 -29.89 -47.93
CA ALA E 575 9.02 -31.00 -47.63
C ALA E 575 9.05 -31.05 -46.11
N TYR E 576 9.57 -32.11 -45.51
CA TYR E 576 9.10 -32.47 -44.17
C TYR E 576 7.62 -32.83 -44.27
N ASN E 577 7.31 -34.03 -44.79
CA ASN E 577 6.11 -34.46 -45.51
C ASN E 577 6.30 -34.35 -47.03
N ARG E 578 7.46 -33.90 -47.47
CA ARG E 578 8.05 -34.45 -48.70
C ARG E 578 9.38 -35.11 -48.37
N ALA E 579 9.97 -34.74 -47.24
CA ALA E 579 10.97 -35.57 -46.62
C ALA E 579 10.33 -36.92 -46.28
N LEU E 580 9.01 -36.92 -46.09
CA LEU E 580 8.27 -38.17 -46.01
C LEU E 580 8.38 -38.97 -47.31
N ASP E 581 8.29 -38.29 -48.46
CA ASP E 581 8.57 -38.96 -49.72
C ASP E 581 10.02 -39.43 -49.77
N ILE E 582 10.90 -38.73 -49.06
CA ILE E 582 12.28 -39.18 -48.95
C ILE E 582 12.44 -40.21 -47.84
N ASN E 583 11.97 -39.89 -46.64
CA ASN E 583 12.07 -40.77 -45.48
C ASN E 583 10.69 -40.92 -44.85
N PRO E 584 9.91 -41.92 -45.29
CA PRO E 584 8.53 -42.05 -44.79
C PRO E 584 8.40 -42.29 -43.30
N GLY E 585 9.36 -42.95 -42.67
CA GLY E 585 9.25 -43.41 -41.30
C GLY E 585 9.60 -42.40 -40.23
N TYR E 586 9.88 -41.15 -40.60
CA TYR E 586 10.28 -40.12 -39.64
C TYR E 586 9.14 -39.87 -38.65
N VAL E 587 9.39 -40.18 -37.38
CA VAL E 587 8.38 -39.98 -36.34
C VAL E 587 8.19 -38.49 -36.06
N ARG E 588 9.29 -37.72 -36.11
CA ARG E 588 9.20 -36.28 -35.88
C ARG E 588 8.28 -35.63 -36.92
N VAL E 589 8.18 -36.22 -38.10
CA VAL E 589 7.17 -35.77 -39.06
C VAL E 589 5.80 -35.79 -38.40
N MET E 590 5.33 -36.99 -38.04
CA MET E 590 4.00 -37.13 -37.46
C MET E 590 3.82 -36.21 -36.27
N TYR E 591 4.87 -36.04 -35.45
CA TYR E 591 4.77 -35.15 -34.30
C TYR E 591 4.47 -33.71 -34.73
N ASN E 592 5.24 -33.19 -35.68
CA ASN E 592 5.06 -31.77 -36.02
C ASN E 592 3.76 -31.58 -36.80
N MET E 593 3.40 -32.53 -37.66
CA MET E 593 2.10 -32.43 -38.33
C MET E 593 0.95 -32.44 -37.33
N ALA E 594 1.04 -33.28 -36.29
CA ALA E 594 0.00 -33.26 -35.26
C ALA E 594 -0.05 -31.92 -34.56
N VAL E 595 1.11 -31.35 -34.24
CA VAL E 595 1.14 -30.05 -33.58
C VAL E 595 0.50 -28.98 -34.47
N SER E 596 0.86 -28.98 -35.75
CA SER E 596 0.33 -27.97 -36.67
C SER E 596 -1.17 -28.14 -36.88
N TYR E 597 -1.64 -29.38 -36.95
CA TYR E 597 -3.08 -29.63 -37.08
C TYR E 597 -3.81 -29.15 -35.84
N SER E 598 -3.21 -29.33 -34.66
CA SER E 598 -3.79 -28.78 -33.44
C SER E 598 -3.79 -27.25 -33.49
N ASN E 599 -2.81 -26.65 -34.15
CA ASN E 599 -2.79 -25.19 -34.29
C ASN E 599 -4.00 -24.69 -35.08
N MET E 600 -4.38 -25.41 -36.14
CA MET E 600 -5.55 -25.06 -36.95
C MET E 600 -6.81 -25.77 -36.48
N ALA E 601 -6.85 -26.25 -35.25
CA ALA E 601 -8.02 -26.90 -34.65
C ALA E 601 -8.47 -28.13 -35.44
N GLN E 602 -7.55 -28.79 -36.13
CA GLN E 602 -7.85 -30.01 -36.88
C GLN E 602 -7.41 -31.20 -36.03
N TYR E 603 -8.29 -31.60 -35.11
CA TYR E 603 -8.00 -32.59 -34.09
C TYR E 603 -8.05 -34.05 -34.57
N PRO E 604 -9.01 -34.46 -35.40
CA PRO E 604 -9.07 -35.89 -35.79
C PRO E 604 -7.79 -36.40 -36.44
N LEU E 605 -7.35 -35.77 -37.54
CA LEU E 605 -6.14 -36.25 -38.19
C LEU E 605 -4.89 -35.96 -37.37
N ALA E 606 -4.93 -34.96 -36.48
CA ALA E 606 -3.82 -34.78 -35.54
C ALA E 606 -3.68 -35.98 -34.61
N ALA E 607 -4.81 -36.46 -34.08
CA ALA E 607 -4.78 -37.65 -33.25
C ALA E 607 -4.36 -38.87 -34.05
N LYS E 608 -4.78 -38.93 -35.32
CA LYS E 608 -4.35 -40.03 -36.19
C LYS E 608 -2.84 -40.02 -36.37
N HIS E 609 -2.26 -38.83 -36.58
CA HIS E 609 -0.81 -38.71 -36.72
C HIS E 609 -0.11 -39.08 -35.42
N ILE E 610 -0.66 -38.69 -34.28
CA ILE E 610 -0.07 -39.06 -32.99
C ILE E 610 -0.08 -40.57 -32.81
N THR E 611 -1.19 -41.22 -33.17
CA THR E 611 -1.27 -42.67 -33.06
C THR E 611 -0.29 -43.36 -34.00
N ARG E 612 -0.13 -42.82 -35.22
CA ARG E 612 0.84 -43.37 -36.15
C ARG E 612 2.26 -43.23 -35.60
N ALA E 613 2.57 -42.09 -34.99
CA ALA E 613 3.88 -41.89 -34.39
C ALA E 613 4.11 -42.86 -33.24
N ILE E 614 3.08 -43.09 -32.42
CA ILE E 614 3.20 -44.04 -31.31
C ILE E 614 3.44 -45.44 -31.84
N ALA E 615 2.72 -45.83 -32.90
CA ALA E 615 2.93 -47.14 -33.50
C ALA E 615 4.34 -47.28 -34.06
N LEU E 616 4.84 -46.23 -34.71
CA LEU E 616 6.21 -46.25 -35.22
C LEU E 616 7.22 -46.39 -34.09
N GLN E 617 6.98 -45.69 -32.98
CA GLN E 617 7.86 -45.80 -31.82
C GLN E 617 7.85 -47.22 -31.27
N ALA E 618 6.66 -47.83 -31.16
CA ALA E 618 6.57 -49.18 -30.63
C ALA E 618 7.29 -50.18 -31.52
N GLY E 619 7.13 -50.05 -32.84
CA GLY E 619 7.79 -50.96 -33.75
C GLY E 619 7.22 -52.36 -33.66
N GLY E 620 8.05 -53.34 -34.02
CA GLY E 620 7.65 -54.73 -33.98
C GLY E 620 8.09 -55.44 -32.72
N THR E 621 9.32 -55.18 -32.28
CA THR E 621 9.84 -55.81 -31.07
C THR E 621 9.16 -55.29 -29.80
N ASN E 622 8.55 -54.10 -29.86
CA ASN E 622 7.85 -53.48 -28.74
C ASN E 622 8.76 -53.40 -27.52
N PRO E 623 9.78 -52.54 -27.53
CA PRO E 623 10.63 -52.40 -26.34
C PRO E 623 9.84 -51.89 -25.14
N GLN E 624 10.19 -52.40 -23.96
CA GLN E 624 9.53 -52.03 -22.71
C GLN E 624 10.50 -51.39 -21.73
N GLY E 625 11.53 -50.73 -22.25
CA GLY E 625 12.49 -50.06 -21.38
C GLY E 625 11.89 -48.85 -20.70
N GLU E 626 12.50 -48.48 -19.58
CA GLU E 626 12.03 -47.31 -18.83
C GLU E 626 12.19 -46.03 -19.64
N GLY E 627 13.31 -45.89 -20.35
CA GLY E 627 13.51 -44.69 -21.15
C GLY E 627 12.52 -44.58 -22.30
N SER E 628 12.22 -45.70 -22.96
CA SER E 628 11.24 -45.68 -24.04
C SER E 628 9.86 -45.30 -23.52
N ARG E 629 9.46 -45.85 -22.37
CA ARG E 629 8.17 -45.50 -21.80
C ARG E 629 8.13 -44.03 -21.40
N ILE E 630 9.22 -43.52 -20.82
CA ILE E 630 9.27 -42.11 -20.45
C ILE E 630 9.13 -41.23 -21.68
N ALA E 631 9.84 -41.58 -22.76
CA ALA E 631 9.76 -40.79 -23.98
C ALA E 631 8.37 -40.83 -24.60
N THR E 632 7.74 -42.01 -24.61
CA THR E 632 6.41 -42.13 -25.20
C THR E 632 5.32 -41.54 -24.31
N ARG E 633 5.63 -41.29 -23.03
CA ARG E 633 4.65 -40.69 -22.14
C ARG E 633 4.25 -39.30 -22.62
N GLY E 634 5.21 -38.53 -23.16
CA GLY E 634 4.89 -37.21 -23.67
C GLY E 634 3.91 -37.26 -24.83
N LEU E 635 4.15 -38.17 -25.78
CA LEU E 635 3.23 -38.32 -26.90
C LEU E 635 1.87 -38.83 -26.45
N TRP E 636 1.84 -39.74 -25.48
CA TRP E 636 0.57 -40.21 -24.94
C TRP E 636 -0.20 -39.07 -24.28
N ASP E 637 0.49 -38.21 -23.53
CA ASP E 637 -0.15 -37.06 -22.92
C ASP E 637 -0.68 -36.09 -23.98
N LEU E 638 0.08 -35.90 -25.05
CA LEU E 638 -0.39 -35.05 -26.15
C LEU E 638 -1.64 -35.63 -26.79
N LEU E 639 -1.67 -36.95 -26.99
CA LEU E 639 -2.85 -37.59 -27.54
C LEU E 639 -4.05 -37.43 -26.62
N ARG E 640 -3.84 -37.60 -25.31
CA ARG E 640 -4.92 -37.43 -24.34
C ARG E 640 -5.44 -36.01 -24.35
N MET E 641 -4.54 -35.03 -24.45
CA MET E 641 -4.97 -33.63 -24.52
C MET E 641 -5.79 -33.39 -25.78
N THR E 642 -5.34 -33.92 -26.92
CA THR E 642 -6.07 -33.73 -28.16
C THR E 642 -7.47 -34.35 -28.11
N LEU E 643 -7.62 -35.46 -27.39
CA LEU E 643 -8.92 -36.11 -27.31
C LEU E 643 -9.88 -35.36 -26.40
N ASN E 644 -9.36 -34.62 -25.42
CA ASN E 644 -10.23 -33.87 -24.52
C ASN E 644 -11.01 -32.79 -25.26
N LEU E 645 -10.36 -32.09 -26.19
CA LEU E 645 -11.02 -31.00 -26.91
C LEU E 645 -12.13 -31.49 -27.81
N MET E 646 -12.14 -32.77 -28.18
CA MET E 646 -13.18 -33.35 -29.01
C MET E 646 -14.00 -34.39 -28.24
N ASP E 647 -14.16 -34.14 -26.94
CA ASP E 647 -15.02 -34.88 -26.01
C ASP E 647 -15.05 -36.39 -26.26
N ARG E 648 -13.90 -36.99 -26.54
CA ARG E 648 -13.80 -38.43 -26.74
C ARG E 648 -13.35 -39.09 -25.43
N SER E 649 -14.29 -39.15 -24.49
CA SER E 649 -13.99 -39.72 -23.18
C SER E 649 -13.69 -41.21 -23.26
N ASP E 650 -14.33 -41.92 -24.19
CA ASP E 650 -14.07 -43.35 -24.33
C ASP E 650 -12.63 -43.61 -24.74
N LEU E 651 -12.09 -42.82 -25.67
CA LEU E 651 -10.70 -42.98 -26.06
C LEU E 651 -9.75 -42.52 -24.96
N VAL E 652 -10.15 -41.50 -24.18
CA VAL E 652 -9.33 -41.06 -23.06
C VAL E 652 -9.20 -42.16 -22.02
N GLU E 653 -10.31 -42.84 -21.71
CA GLU E 653 -10.28 -43.91 -20.73
C GLU E 653 -9.38 -45.06 -21.19
N ALA E 654 -9.45 -45.42 -22.48
CA ALA E 654 -8.61 -46.48 -23.01
C ALA E 654 -7.15 -46.05 -23.14
N SER E 655 -6.88 -44.75 -23.13
CA SER E 655 -5.49 -44.27 -23.27
C SER E 655 -4.67 -44.57 -22.02
N TRP E 656 -5.32 -44.73 -20.87
CA TRP E 656 -4.58 -45.00 -19.64
C TRP E 656 -3.89 -46.36 -19.69
N GLN E 657 -4.43 -47.30 -20.45
CA GLN E 657 -3.84 -48.62 -20.58
C GLN E 657 -2.72 -48.66 -21.62
N GLN E 658 -2.47 -47.55 -22.32
CA GLN E 658 -1.46 -47.49 -23.38
C GLN E 658 -1.70 -48.55 -24.44
N ASP E 659 -2.96 -48.76 -24.79
CA ASP E 659 -3.36 -49.73 -25.81
C ASP E 659 -3.73 -48.97 -27.07
N LEU E 660 -2.89 -49.06 -28.10
CA LEU E 660 -3.11 -48.36 -29.35
C LEU E 660 -4.01 -49.12 -30.31
N THR E 661 -4.35 -50.37 -30.01
CA THR E 661 -5.21 -51.14 -30.91
C THR E 661 -6.57 -50.51 -31.13
N PRO E 662 -7.30 -50.05 -30.10
CA PRO E 662 -8.55 -49.31 -30.38
C PRO E 662 -8.31 -48.03 -31.16
N PHE E 663 -7.18 -47.34 -30.90
CA PHE E 663 -6.89 -46.12 -31.63
C PHE E 663 -6.62 -46.39 -33.10
N LEU E 664 -5.90 -47.46 -33.41
CA LEU E 664 -5.57 -47.81 -34.78
C LEU E 664 -6.81 -48.24 -35.56
#